data_9NBZ
# 
_entry.id   9NBZ 
# 
_audit_conform.dict_name       mmcif_pdbx.dic 
_audit_conform.dict_version    5.404 
_audit_conform.dict_location   http://mmcif.pdb.org/dictionaries/ascii/mmcif_pdbx.dic 
# 
loop_
_database_2.database_id 
_database_2.database_code 
_database_2.pdbx_database_accession 
_database_2.pdbx_DOI 
PDB   9NBZ         pdb_00009nbz 10.2210/pdb9nbz/pdb 
WWPDB D_1000293021 ?            ?                   
# 
_pdbx_audit_revision_history.ordinal             1 
_pdbx_audit_revision_history.data_content_type   'Structure model' 
_pdbx_audit_revision_history.major_revision      1 
_pdbx_audit_revision_history.minor_revision      0 
_pdbx_audit_revision_history.revision_date       2025-06-11 
_pdbx_audit_revision_history.part_number         ? 
# 
_pdbx_audit_revision_details.ordinal             1 
_pdbx_audit_revision_details.revision_ordinal    1 
_pdbx_audit_revision_details.data_content_type   'Structure model' 
_pdbx_audit_revision_details.provider            repository 
_pdbx_audit_revision_details.type                'Initial release' 
_pdbx_audit_revision_details.description         ? 
_pdbx_audit_revision_details.details             ? 
# 
_pdbx_database_status.status_code                     REL 
_pdbx_database_status.status_code_sf                  REL 
_pdbx_database_status.status_code_mr                  ? 
_pdbx_database_status.entry_id                        9NBZ 
_pdbx_database_status.recvd_initial_deposition_date   2025-02-14 
_pdbx_database_status.SG_entry                        N 
_pdbx_database_status.deposit_site                    RCSB 
_pdbx_database_status.process_site                    RCSB 
_pdbx_database_status.status_code_cs                  ? 
_pdbx_database_status.status_code_nmr_data            ? 
_pdbx_database_status.methods_development_category    ? 
_pdbx_database_status.pdb_format_compatible           Y 
# 
_pdbx_contact_author.id                 2 
_pdbx_contact_author.email              rs17@nyu.edu 
_pdbx_contact_author.name_first         Ruojie 
_pdbx_contact_author.name_last          Sha 
_pdbx_contact_author.name_mi            ? 
_pdbx_contact_author.role               'principal investigator/group leader' 
_pdbx_contact_author.identifier_ORCID   0000-0002-0807-734X 
# 
loop_
_audit_author.name 
_audit_author.pdbx_ordinal 
_audit_author.identifier_ORCID 
'Horvath, A.'   1 0009-0008-5770-8014 
'Vecchioni, S.' 2 0000-0001-8243-650X 
'Woloszyn, K.'  3 0000-0003-1200-583X 
'Ohayon, Y.P.'  4 0000-0001-7500-4282 
'Sha, R.'       5 0000-0002-0807-734X 
# 
_citation.abstract                  ? 
_citation.abstract_id_CAS           ? 
_citation.book_id_ISBN              ? 
_citation.book_publisher            ? 
_citation.book_publisher_city       ? 
_citation.book_title                ? 
_citation.coordinate_linkage        ? 
_citation.country                   ? 
_citation.database_id_Medline       ? 
_citation.details                   ? 
_citation.id                        primary 
_citation.journal_abbrev            'To Be Published' 
_citation.journal_id_ASTM           ? 
_citation.journal_id_CSD            0353 
_citation.journal_id_ISSN           ? 
_citation.journal_full              ? 
_citation.journal_issue             ? 
_citation.journal_volume            ? 
_citation.language                  ? 
_citation.page_first                ? 
_citation.page_last                 ? 
_citation.title                     'Shifted tensegrity triangles' 
_citation.year                      ? 
_citation.database_id_CSD           ? 
_citation.pdbx_database_id_DOI      ? 
_citation.pdbx_database_id_PubMed   ? 
_citation.pdbx_database_id_patent   ? 
_citation.unpublished_flag          ? 
# 
loop_
_citation_author.citation_id 
_citation_author.name 
_citation_author.ordinal 
_citation_author.identifier_ORCID 
primary 'Horvath, A.'   1 0009-0008-5770-8014 
primary 'Vecchioni, S.' 2 0000-0001-8243-650X 
primary 'Woloszyn, K.'  3 0000-0003-1200-583X 
primary 'Ohayon, Y.P.'  4 0000-0001-7500-4282 
primary 'Sha, R.'       5 0000-0002-0807-734X 
# 
loop_
_entity.id 
_entity.type 
_entity.src_method 
_entity.pdbx_description 
_entity.formula_weight 
_entity.pdbx_number_of_molecules 
_entity.pdbx_ec 
_entity.pdbx_mutation 
_entity.pdbx_fragment 
_entity.details 
1 polymer syn 
;DNA (5'-D(*GP*AP*GP*CP*AP*CP*CP*TP*GP*TP*A)-3')
;
3358.211 1 ? ? ? ? 
2 polymer syn 
;DNA (5'-D(P*AP*CP*AP*CP*CP*GP*T)-3')
;
2082.400 1 ? ? ? ? 
3 polymer syn 
;DNA (5'-D(*TP*CP*TP*GP*AP*CP*TP*GP*TP*GP*GP*TP*GP*C)-3')
;
4302.787 1 ? ? ? ? 
4 polymer syn 
;DNA (5'-D(AP*CP*GP*GP*AP*CP*AP*GP*TP*CP*A)-3')
;
3367.225 1 ? ? ? ? 
# 
loop_
_entity_poly.entity_id 
_entity_poly.type 
_entity_poly.nstd_linkage 
_entity_poly.nstd_monomer 
_entity_poly.pdbx_seq_one_letter_code 
_entity_poly.pdbx_seq_one_letter_code_can 
_entity_poly.pdbx_strand_id 
_entity_poly.pdbx_target_identifier 
1 polydeoxyribonucleotide no no '(DG)(DA)(DG)(DC)(DA)(DC)(DC)(DT)(DG)(DT)(DA)'             GAGCACCTGTA    A ? 
2 polydeoxyribonucleotide no no '(DA)(DC)(DA)(DC)(DC)(DG)(DT)'                             ACACCGT        B ? 
3 polydeoxyribonucleotide no no '(DT)(DC)(DT)(DG)(DA)(DC)(DT)(DG)(DT)(DG)(DG)(DT)(DG)(DC)' TCTGACTGTGGTGC C ? 
4 polydeoxyribonucleotide no no '(DA)(DC)(DG)(DG)(DA)(DC)(DA)(DG)(DT)(DC)(DA)'             ACGGACAGTCA    D ? 
# 
loop_
_entity_poly_seq.entity_id 
_entity_poly_seq.num 
_entity_poly_seq.mon_id 
_entity_poly_seq.hetero 
1 1  DG n 
1 2  DA n 
1 3  DG n 
1 4  DC n 
1 5  DA n 
1 6  DC n 
1 7  DC n 
1 8  DT n 
1 9  DG n 
1 10 DT n 
1 11 DA n 
2 1  DA n 
2 2  DC n 
2 3  DA n 
2 4  DC n 
2 5  DC n 
2 6  DG n 
2 7  DT n 
3 1  DT n 
3 2  DC n 
3 3  DT n 
3 4  DG n 
3 5  DA n 
3 6  DC n 
3 7  DT n 
3 8  DG n 
3 9  DT n 
3 10 DG n 
3 11 DG n 
3 12 DT n 
3 13 DG n 
3 14 DC n 
4 1  DA n 
4 2  DC n 
4 3  DG n 
4 4  DG n 
4 5  DA n 
4 6  DC n 
4 7  DA n 
4 8  DG n 
4 9  DT n 
4 10 DC n 
4 11 DA n 
# 
loop_
_pdbx_entity_src_syn.entity_id 
_pdbx_entity_src_syn.pdbx_src_id 
_pdbx_entity_src_syn.pdbx_alt_source_flag 
_pdbx_entity_src_syn.pdbx_beg_seq_num 
_pdbx_entity_src_syn.pdbx_end_seq_num 
_pdbx_entity_src_syn.organism_scientific 
_pdbx_entity_src_syn.organism_common_name 
_pdbx_entity_src_syn.ncbi_taxonomy_id 
_pdbx_entity_src_syn.details 
1 1 sample 1 11 'synthetic construct' ? 32630 ? 
2 1 sample 1 7  'synthetic construct' ? 32630 ? 
3 1 sample 1 14 'synthetic construct' ? 32630 ? 
4 1 sample 1 11 'synthetic construct' ? 32630 ? 
# 
loop_
_chem_comp.id 
_chem_comp.type 
_chem_comp.mon_nstd_flag 
_chem_comp.name 
_chem_comp.pdbx_synonyms 
_chem_comp.formula 
_chem_comp.formula_weight 
DA 'DNA linking' y "2'-DEOXYADENOSINE-5'-MONOPHOSPHATE" ? 'C10 H14 N5 O6 P' 331.222 
DC 'DNA linking' y "2'-DEOXYCYTIDINE-5'-MONOPHOSPHATE"  ? 'C9 H14 N3 O7 P'  307.197 
DG 'DNA linking' y "2'-DEOXYGUANOSINE-5'-MONOPHOSPHATE" ? 'C10 H14 N5 O7 P' 347.221 
DT 'DNA linking' y "THYMIDINE-5'-MONOPHOSPHATE"         ? 'C10 H15 N2 O8 P' 322.208 
# 
loop_
_pdbx_poly_seq_scheme.asym_id 
_pdbx_poly_seq_scheme.entity_id 
_pdbx_poly_seq_scheme.seq_id 
_pdbx_poly_seq_scheme.mon_id 
_pdbx_poly_seq_scheme.ndb_seq_num 
_pdbx_poly_seq_scheme.pdb_seq_num 
_pdbx_poly_seq_scheme.auth_seq_num 
_pdbx_poly_seq_scheme.pdb_mon_id 
_pdbx_poly_seq_scheme.auth_mon_id 
_pdbx_poly_seq_scheme.pdb_strand_id 
_pdbx_poly_seq_scheme.pdb_ins_code 
_pdbx_poly_seq_scheme.hetero 
A 1 1  DG 1  102 102 DG DG A . n 
A 1 2  DA 2  103 103 DA DA A . n 
A 1 3  DG 3  104 104 DG DG A . n 
A 1 4  DC 4  105 105 DC DC A . n 
A 1 5  DA 5  106 106 DA DA A . n 
A 1 6  DC 6  107 107 DC DC A . n 
A 1 7  DC 7  108 108 DC DC A . n 
A 1 8  DT 8  109 109 DT DT A . n 
A 1 9  DG 9  110 110 DG DG A . n 
A 1 10 DT 10 111 111 DT DT A . n 
A 1 11 DA 11 112 ?   ?  ?  A . n 
B 2 1  DA 1  108 108 DA DA B . n 
B 2 2  DC 2  109 109 DC DC B . n 
B 2 3  DA 3  110 110 DA DA B . n 
B 2 4  DC 4  111 111 DC DC B . n 
B 2 5  DC 5  112 112 DC DC B . n 
B 2 6  DG 6  113 113 DG DG B . n 
B 2 7  DT 7  114 114 DT DT B . n 
C 3 1  DT 1  100 100 DT DT C . n 
C 3 2  DC 2  101 101 DC DC C . n 
C 3 3  DT 3  102 102 DT DT C . n 
C 3 4  DG 4  103 103 DG DG C . n 
C 3 5  DA 5  104 104 DA DA C . n 
C 3 6  DC 6  105 105 DC DC C . n 
C 3 7  DT 7  106 106 DT DT C . n 
C 3 8  DG 8  107 107 DG DG C . n 
C 3 9  DT 9  108 108 DT DT C . n 
C 3 10 DG 10 109 109 DG DG C . n 
C 3 11 DG 11 110 110 DG DG C . n 
C 3 12 DT 12 111 111 DT DT C . n 
C 3 13 DG 13 112 112 DG DG C . n 
C 3 14 DC 14 113 113 DC DC C . n 
D 4 1  DA 1  112 112 DA DA D . n 
D 4 2  DC 2  113 113 DC DC D . n 
D 4 3  DG 3  114 114 DG DG D . n 
D 4 4  DG 4  115 115 DG DG D . n 
D 4 5  DA 5  116 116 DA DA D . n 
D 4 6  DC 6  117 117 DC DC D . n 
D 4 7  DA 7  118 118 DA DA D . n 
D 4 8  DG 8  119 119 DG DG D . n 
D 4 9  DT 9  120 120 DT DT D . n 
D 4 10 DC 10 121 121 DC DC D . n 
D 4 11 DA 11 122 122 DA DA D . n 
# 
loop_
_software.citation_id 
_software.classification 
_software.compiler_name 
_software.compiler_version 
_software.contact_author 
_software.contact_author_email 
_software.date 
_software.description 
_software.dependencies 
_software.hardware 
_software.language 
_software.location 
_software.mods 
_software.name 
_software.os 
_software.os_version 
_software.type 
_software.version 
_software.pdbx_ordinal 
? refinement       ? ? ? ? ? ? ? ? ? ? ? PHENIX    ? ? ? 1.20.1_4487 1 
? 'data reduction' ? ? ? ? ? ? ? ? ? ? ? autoPROC  ? ? ? .           2 
? 'data scaling'   ? ? ? ? ? ? ? ? ? ? ? STARANISO ? ? ? .           3 
? phasing          ? ? ? ? ? ? ? ? ? ? ? PHASER    ? ? ? .           4 
# 
_cell.angle_alpha                  90.000 
_cell.angle_alpha_esd              ? 
_cell.angle_beta                   90.000 
_cell.angle_beta_esd               ? 
_cell.angle_gamma                  120.000 
_cell.angle_gamma_esd              ? 
_cell.entry_id                     9NBZ 
_cell.details                      ? 
_cell.formula_units_Z              ? 
_cell.length_a                     106.336 
_cell.length_a_esd                 ? 
_cell.length_b                     106.336 
_cell.length_b_esd                 ? 
_cell.length_c                     91.072 
_cell.length_c_esd                 ? 
_cell.volume                       891817.818 
_cell.volume_esd                   ? 
_cell.Z_PDB                        9 
_cell.reciprocal_angle_alpha       ? 
_cell.reciprocal_angle_beta        ? 
_cell.reciprocal_angle_gamma       ? 
_cell.reciprocal_angle_alpha_esd   ? 
_cell.reciprocal_angle_beta_esd    ? 
_cell.reciprocal_angle_gamma_esd   ? 
_cell.reciprocal_length_a          ? 
_cell.reciprocal_length_b          ? 
_cell.reciprocal_length_c          ? 
_cell.reciprocal_length_a_esd      ? 
_cell.reciprocal_length_b_esd      ? 
_cell.reciprocal_length_c_esd      ? 
_cell.pdbx_unique_axis             ? 
_cell.pdbx_esd_method              ? 
# 
_symmetry.entry_id                         9NBZ 
_symmetry.cell_setting                     ? 
_symmetry.Int_Tables_number                146 
_symmetry.space_group_name_Hall            'R 3' 
_symmetry.space_group_name_H-M             'H 3' 
_symmetry.pdbx_full_space_group_name_H-M   ? 
# 
_exptl.absorpt_coefficient_mu     ? 
_exptl.absorpt_correction_T_max   ? 
_exptl.absorpt_correction_T_min   ? 
_exptl.absorpt_correction_type    ? 
_exptl.absorpt_process_details    ? 
_exptl.entry_id                   9NBZ 
_exptl.crystals_number            1 
_exptl.details                    ? 
_exptl.method                     'X-RAY DIFFRACTION' 
_exptl.method_details             ? 
# 
_exptl_crystal.colour                       ? 
_exptl_crystal.density_diffrn               ? 
_exptl_crystal.density_Matthews             ? 
_exptl_crystal.density_method               ? 
_exptl_crystal.density_percent_sol          ? 
_exptl_crystal.description                  ? 
_exptl_crystal.F_000                        ? 
_exptl_crystal.id                           1 
_exptl_crystal.preparation                  ? 
_exptl_crystal.size_max                     ? 
_exptl_crystal.size_mid                     ? 
_exptl_crystal.size_min                     ? 
_exptl_crystal.size_rad                     ? 
_exptl_crystal.colour_lustre                ? 
_exptl_crystal.colour_modifier              ? 
_exptl_crystal.colour_primary               ? 
_exptl_crystal.density_meas                 ? 
_exptl_crystal.density_meas_esd             ? 
_exptl_crystal.density_meas_gt              ? 
_exptl_crystal.density_meas_lt              ? 
_exptl_crystal.density_meas_temp            ? 
_exptl_crystal.density_meas_temp_esd        ? 
_exptl_crystal.density_meas_temp_gt         ? 
_exptl_crystal.density_meas_temp_lt         ? 
_exptl_crystal.pdbx_crystal_image_url       ? 
_exptl_crystal.pdbx_crystal_image_format    ? 
_exptl_crystal.pdbx_mosaicity               ? 
_exptl_crystal.pdbx_mosaicity_esd           ? 
_exptl_crystal.pdbx_mosaic_method           ? 
_exptl_crystal.pdbx_mosaic_block_size       ? 
_exptl_crystal.pdbx_mosaic_block_size_esd   ? 
# 
_exptl_crystal_grow.apparatus       ? 
_exptl_crystal_grow.atmosphere      ? 
_exptl_crystal_grow.crystal_id      1 
_exptl_crystal_grow.details         ? 
_exptl_crystal_grow.method          'VAPOR DIFFUSION, HANGING DROP' 
_exptl_crystal_grow.method_ref      ? 
_exptl_crystal_grow.pH              ? 
_exptl_crystal_grow.pressure        ? 
_exptl_crystal_grow.pressure_esd    ? 
_exptl_crystal_grow.seeding         ? 
_exptl_crystal_grow.seeding_ref     ? 
_exptl_crystal_grow.temp_details    '338-293 at 0.4/hr' 
_exptl_crystal_grow.temp_esd        ? 
_exptl_crystal_grow.time            ? 
_exptl_crystal_grow.pdbx_details    '100 mM MOPS, 1.25 M magnesium sulfate' 
_exptl_crystal_grow.pdbx_pH_range   ? 
_exptl_crystal_grow.temp            293 
# 
_diffrn.ambient_environment              ? 
_diffrn.ambient_temp                     100 
_diffrn.ambient_temp_details             ? 
_diffrn.ambient_temp_esd                 ? 
_diffrn.crystal_id                       1 
_diffrn.crystal_support                  ? 
_diffrn.crystal_treatment                ? 
_diffrn.details                          ? 
_diffrn.id                               1 
_diffrn.ambient_pressure                 ? 
_diffrn.ambient_pressure_esd             ? 
_diffrn.ambient_pressure_gt              ? 
_diffrn.ambient_pressure_lt              ? 
_diffrn.ambient_temp_gt                  ? 
_diffrn.ambient_temp_lt                  ? 
_diffrn.pdbx_serial_crystal_experiment   N 
# 
_diffrn_detector.details                      ? 
_diffrn_detector.detector                     PIXEL 
_diffrn_detector.diffrn_id                    1 
_diffrn_detector.type                         'DECTRIS EIGER X 9M' 
_diffrn_detector.area_resol_mean              ? 
_diffrn_detector.dtime                        ? 
_diffrn_detector.pdbx_frames_total            ? 
_diffrn_detector.pdbx_collection_time_total   ? 
_diffrn_detector.pdbx_collection_date         2022-10-16 
_diffrn_detector.pdbx_frequency               ? 
_diffrn_detector.id                           ? 
_diffrn_detector.number_of_axes               ? 
# 
_diffrn_radiation.collimation                      ? 
_diffrn_radiation.diffrn_id                        1 
_diffrn_radiation.filter_edge                      ? 
_diffrn_radiation.inhomogeneity                    ? 
_diffrn_radiation.monochromator                    ? 
_diffrn_radiation.polarisn_norm                    ? 
_diffrn_radiation.polarisn_ratio                   ? 
_diffrn_radiation.probe                            ? 
_diffrn_radiation.type                             ? 
_diffrn_radiation.xray_symbol                      ? 
_diffrn_radiation.wavelength_id                    1 
_diffrn_radiation.pdbx_monochromatic_or_laue_m_l   M 
_diffrn_radiation.pdbx_wavelength_list             ? 
_diffrn_radiation.pdbx_wavelength                  ? 
_diffrn_radiation.pdbx_diffrn_protocol             'SINGLE WAVELENGTH' 
_diffrn_radiation.pdbx_analyzer                    ? 
_diffrn_radiation.pdbx_scattering_type             x-ray 
# 
_diffrn_radiation_wavelength.id           1 
_diffrn_radiation_wavelength.wavelength   1.007430 
_diffrn_radiation_wavelength.wt           1.0 
# 
_diffrn_source.current                     ? 
_diffrn_source.details                     ? 
_diffrn_source.diffrn_id                   1 
_diffrn_source.power                       ? 
_diffrn_source.size                        ? 
_diffrn_source.source                      SYNCHROTRON 
_diffrn_source.target                      ? 
_diffrn_source.type                        'APS BEAMLINE 17-ID' 
_diffrn_source.voltage                     ? 
_diffrn_source.take-off_angle              ? 
_diffrn_source.pdbx_wavelength_list        1.007430 
_diffrn_source.pdbx_wavelength             ? 
_diffrn_source.pdbx_synchrotron_beamline   17-ID 
_diffrn_source.pdbx_synchrotron_site       APS 
# 
_reflns.B_iso_Wilson_estimate                          299.93 
_reflns.entry_id                                       9NBZ 
_reflns.data_reduction_details                         ? 
_reflns.data_reduction_method                          ? 
_reflns.d_resolution_high                              3.977 
_reflns.d_resolution_low                               64.754 
_reflns.details                                        ? 
_reflns.limit_h_max                                    ? 
_reflns.limit_h_min                                    ? 
_reflns.limit_k_max                                    ? 
_reflns.limit_k_min                                    ? 
_reflns.limit_l_max                                    ? 
_reflns.limit_l_min                                    ? 
_reflns.number_all                                     ? 
_reflns.number_obs                                     2570 
_reflns.observed_criterion                             ? 
_reflns.observed_criterion_F_max                       ? 
_reflns.observed_criterion_F_min                       ? 
_reflns.observed_criterion_I_max                       ? 
_reflns.observed_criterion_I_min                       ? 
_reflns.observed_criterion_sigma_F                     ? 
_reflns.observed_criterion_sigma_I                     ? 
_reflns.percent_possible_obs                           89.2 
_reflns.R_free_details                                 ? 
_reflns.Rmerge_F_all                                   ? 
_reflns.Rmerge_F_obs                                   ? 
_reflns.Friedel_coverage                               ? 
_reflns.number_gt                                      ? 
_reflns.threshold_expression                           ? 
_reflns.pdbx_redundancy                                10.8 
_reflns.pdbx_netI_over_av_sigmaI                       ? 
_reflns.pdbx_netI_over_sigmaI                          15.9 
_reflns.pdbx_res_netI_over_av_sigmaI_2                 ? 
_reflns.pdbx_res_netI_over_sigmaI_2                    ? 
_reflns.pdbx_chi_squared                               ? 
_reflns.pdbx_scaling_rejects                           ? 
_reflns.pdbx_d_res_high_opt                            ? 
_reflns.pdbx_d_res_low_opt                             ? 
_reflns.pdbx_d_res_opt_method                          ? 
_reflns.phase_calculation_details                      ? 
_reflns.pdbx_Rrim_I_all                                ? 
_reflns.pdbx_Rpim_I_all                                ? 
_reflns.pdbx_d_opt                                     ? 
_reflns.pdbx_number_measured_all                       ? 
_reflns.pdbx_diffrn_id                                 1 
_reflns.pdbx_ordinal                                   1 
_reflns.pdbx_CC_half                                   0.999 
_reflns.pdbx_CC_star                                   ? 
_reflns.pdbx_R_split                                   ? 
_reflns.pdbx_Rmerge_I_obs                              ? 
_reflns.pdbx_Rmerge_I_all                              ? 
_reflns.pdbx_Rsym_value                                ? 
_reflns.pdbx_CC_split_method                           ? 
_reflns.pdbx_aniso_diffraction_limit_axis_1_ortho[1]   ? 
_reflns.pdbx_aniso_diffraction_limit_axis_1_ortho[2]   ? 
_reflns.pdbx_aniso_diffraction_limit_axis_1_ortho[3]   ? 
_reflns.pdbx_aniso_diffraction_limit_axis_2_ortho[1]   ? 
_reflns.pdbx_aniso_diffraction_limit_axis_2_ortho[2]   ? 
_reflns.pdbx_aniso_diffraction_limit_axis_2_ortho[3]   ? 
_reflns.pdbx_aniso_diffraction_limit_axis_3_ortho[1]   ? 
_reflns.pdbx_aniso_diffraction_limit_axis_3_ortho[2]   ? 
_reflns.pdbx_aniso_diffraction_limit_axis_3_ortho[3]   ? 
_reflns.pdbx_aniso_diffraction_limit_1                 ? 
_reflns.pdbx_aniso_diffraction_limit_2                 ? 
_reflns.pdbx_aniso_diffraction_limit_3                 ? 
_reflns.pdbx_aniso_B_tensor_eigenvector_1_ortho[1]     ? 
_reflns.pdbx_aniso_B_tensor_eigenvector_1_ortho[2]     ? 
_reflns.pdbx_aniso_B_tensor_eigenvector_1_ortho[3]     ? 
_reflns.pdbx_aniso_B_tensor_eigenvector_2_ortho[1]     ? 
_reflns.pdbx_aniso_B_tensor_eigenvector_2_ortho[2]     ? 
_reflns.pdbx_aniso_B_tensor_eigenvector_2_ortho[3]     ? 
_reflns.pdbx_aniso_B_tensor_eigenvector_3_ortho[1]     ? 
_reflns.pdbx_aniso_B_tensor_eigenvector_3_ortho[2]     ? 
_reflns.pdbx_aniso_B_tensor_eigenvector_3_ortho[3]     ? 
_reflns.pdbx_aniso_B_tensor_eigenvalue_1               ? 
_reflns.pdbx_aniso_B_tensor_eigenvalue_2               ? 
_reflns.pdbx_aniso_B_tensor_eigenvalue_3               ? 
_reflns.pdbx_orthogonalization_convention              ? 
_reflns.pdbx_percent_possible_ellipsoidal              ? 
_reflns.pdbx_percent_possible_spherical                ? 
_reflns.pdbx_percent_possible_ellipsoidal_anomalous    ? 
_reflns.pdbx_percent_possible_spherical_anomalous      ? 
_reflns.pdbx_redundancy_anomalous                      ? 
_reflns.pdbx_CC_half_anomalous                         ? 
_reflns.pdbx_absDiff_over_sigma_anomalous              ? 
_reflns.pdbx_percent_possible_anomalous                ? 
_reflns.pdbx_observed_signal_threshold                 ? 
_reflns.pdbx_signal_type                               ? 
_reflns.pdbx_signal_details                            ? 
_reflns.pdbx_signal_software_id                        ? 
# 
loop_
_reflns_shell.d_res_high 
_reflns_shell.d_res_low 
_reflns_shell.meanI_over_sigI_all 
_reflns_shell.meanI_over_sigI_obs 
_reflns_shell.number_measured_all 
_reflns_shell.number_measured_obs 
_reflns_shell.number_possible 
_reflns_shell.number_unique_all 
_reflns_shell.number_unique_obs 
_reflns_shell.percent_possible_obs 
_reflns_shell.Rmerge_F_all 
_reflns_shell.Rmerge_F_obs 
_reflns_shell.meanI_over_sigI_gt 
_reflns_shell.meanI_over_uI_all 
_reflns_shell.meanI_over_uI_gt 
_reflns_shell.number_measured_gt 
_reflns_shell.number_unique_gt 
_reflns_shell.percent_possible_gt 
_reflns_shell.Rmerge_F_gt 
_reflns_shell.Rmerge_I_gt 
_reflns_shell.pdbx_redundancy 
_reflns_shell.pdbx_chi_squared 
_reflns_shell.pdbx_netI_over_sigmaI_all 
_reflns_shell.pdbx_netI_over_sigmaI_obs 
_reflns_shell.pdbx_Rrim_I_all 
_reflns_shell.pdbx_Rpim_I_all 
_reflns_shell.pdbx_rejects 
_reflns_shell.pdbx_ordinal 
_reflns_shell.pdbx_diffrn_id 
_reflns_shell.pdbx_CC_half 
_reflns_shell.pdbx_CC_star 
_reflns_shell.pdbx_R_split 
_reflns_shell.percent_possible_all 
_reflns_shell.Rmerge_I_all 
_reflns_shell.Rmerge_I_obs 
_reflns_shell.pdbx_Rsym_value 
_reflns_shell.pdbx_percent_possible_ellipsoidal 
_reflns_shell.pdbx_percent_possible_spherical 
_reflns_shell.pdbx_percent_possible_ellipsoidal_anomalous 
_reflns_shell.pdbx_percent_possible_spherical_anomalous 
_reflns_shell.pdbx_redundancy_anomalous 
_reflns_shell.pdbx_CC_half_anomalous 
_reflns_shell.pdbx_absDiff_over_sigma_anomalous 
_reflns_shell.pdbx_percent_possible_anomalous 
3.977  4.283  ? ? ? ? ? ? 195 ? ? ? ? ? ? ? ? ? ? ? ? ? ? ? ? ? ? 1 1 0.157 ? ? ? ? ? ? ? ? ? ? ? ? ? ? 
10.226 64.754 ? ? ? ? ? ? 197 ? ? ? ? ? ? ? ? ? ? ? ? ? ? ? ? ? ? 2 1 0.999 ? ? ? ? ? ? ? ? ? ? ? ? ? ? 
# 
_refine.aniso_B[1][1]                            ? 
_refine.aniso_B[1][2]                            ? 
_refine.aniso_B[1][3]                            ? 
_refine.aniso_B[2][2]                            ? 
_refine.aniso_B[2][3]                            ? 
_refine.aniso_B[3][3]                            ? 
_refine.B_iso_max                                ? 
_refine.B_iso_mean                               291.27 
_refine.B_iso_min                                ? 
_refine.correlation_coeff_Fo_to_Fc               ? 
_refine.correlation_coeff_Fo_to_Fc_free          ? 
_refine.details                                  ? 
_refine.diff_density_max                         ? 
_refine.diff_density_max_esd                     ? 
_refine.diff_density_min                         ? 
_refine.diff_density_min_esd                     ? 
_refine.diff_density_rms                         ? 
_refine.diff_density_rms_esd                     ? 
_refine.entry_id                                 9NBZ 
_refine.pdbx_refine_id                           'X-RAY DIFFRACTION' 
_refine.ls_abs_structure_details                 ? 
_refine.ls_abs_structure_Flack                   ? 
_refine.ls_abs_structure_Flack_esd               ? 
_refine.ls_abs_structure_Rogers                  ? 
_refine.ls_abs_structure_Rogers_esd              ? 
_refine.ls_d_res_high                            3.98 
_refine.ls_d_res_low                             32.51 
_refine.ls_extinction_coef                       ? 
_refine.ls_extinction_coef_esd                   ? 
_refine.ls_extinction_expression                 ? 
_refine.ls_extinction_method                     ? 
_refine.ls_goodness_of_fit_all                   ? 
_refine.ls_goodness_of_fit_all_esd               ? 
_refine.ls_goodness_of_fit_obs                   ? 
_refine.ls_goodness_of_fit_obs_esd               ? 
_refine.ls_hydrogen_treatment                    ? 
_refine.ls_matrix_type                           ? 
_refine.ls_number_constraints                    ? 
_refine.ls_number_parameters                     ? 
_refine.ls_number_reflns_all                     ? 
_refine.ls_number_reflns_obs                     2489 
_refine.ls_number_reflns_R_free                  133 
_refine.ls_number_reflns_R_work                  2356 
_refine.ls_number_restraints                     ? 
_refine.ls_percent_reflns_obs                    75.29 
_refine.ls_percent_reflns_R_free                 5.34 
_refine.ls_R_factor_all                          ? 
_refine.ls_R_factor_obs                          0.2185 
_refine.ls_R_factor_R_free                       0.2478 
_refine.ls_R_factor_R_free_error                 ? 
_refine.ls_R_factor_R_free_error_details         ? 
_refine.ls_R_factor_R_work                       0.2161 
_refine.ls_R_Fsqd_factor_obs                     ? 
_refine.ls_R_I_factor_obs                        ? 
_refine.ls_redundancy_reflns_all                 ? 
_refine.ls_redundancy_reflns_obs                 ? 
_refine.ls_restrained_S_all                      ? 
_refine.ls_restrained_S_obs                      ? 
_refine.ls_shift_over_esd_max                    ? 
_refine.ls_shift_over_esd_mean                   ? 
_refine.ls_structure_factor_coef                 ? 
_refine.ls_weighting_details                     ? 
_refine.ls_weighting_scheme                      ? 
_refine.ls_wR_factor_all                         ? 
_refine.ls_wR_factor_obs                         ? 
_refine.ls_wR_factor_R_free                      ? 
_refine.ls_wR_factor_R_work                      ? 
_refine.occupancy_max                            ? 
_refine.occupancy_min                            ? 
_refine.solvent_model_details                    'FLAT BULK SOLVENT MODEL' 
_refine.solvent_model_param_bsol                 ? 
_refine.solvent_model_param_ksol                 ? 
_refine.correlation_coeff_I_to_Fcsqd_work        ? 
_refine.correlation_coeff_I_to_Fcsqd_free        ? 
_refine.pdbx_R_complete                          ? 
_refine.ls_R_factor_gt                           ? 
_refine.ls_goodness_of_fit_gt                    ? 
_refine.ls_goodness_of_fit_ref                   ? 
_refine.ls_shift_over_su_max                     ? 
_refine.ls_shift_over_su_max_lt                  ? 
_refine.ls_shift_over_su_mean                    ? 
_refine.ls_shift_over_su_mean_lt                 ? 
_refine.pdbx_ls_sigma_I                          ? 
_refine.pdbx_ls_sigma_F                          1.96 
_refine.pdbx_ls_sigma_Fsqd                       ? 
_refine.pdbx_data_cutoff_high_absF               ? 
_refine.pdbx_data_cutoff_high_rms_absF           ? 
_refine.pdbx_data_cutoff_low_absF                ? 
_refine.pdbx_isotropic_thermal_model             ? 
_refine.pdbx_ls_cross_valid_method               'FREE R-VALUE' 
_refine.pdbx_method_to_determine_struct          'MOLECULAR REPLACEMENT' 
_refine.pdbx_starting_model                      ? 
_refine.pdbx_stereochemistry_target_values       'GeoStd + Monomer Library + CDL v1.2' 
_refine.pdbx_R_Free_selection_details            ? 
_refine.pdbx_stereochem_target_val_spec_case     ? 
_refine.pdbx_overall_ESU_R                       ? 
_refine.pdbx_overall_ESU_R_Free                  ? 
_refine.pdbx_solvent_vdw_probe_radii             1.1000 
_refine.pdbx_solvent_ion_probe_radii             ? 
_refine.pdbx_solvent_shrinkage_radii             0.9000 
_refine.pdbx_real_space_R                        ? 
_refine.pdbx_density_correlation                 ? 
_refine.pdbx_pd_number_of_powder_patterns        ? 
_refine.pdbx_pd_number_of_points                 ? 
_refine.pdbx_pd_meas_number_of_points            ? 
_refine.pdbx_pd_proc_ls_prof_R_factor            ? 
_refine.pdbx_pd_proc_ls_prof_wR_factor           ? 
_refine.pdbx_pd_Marquardt_correlation_coeff      ? 
_refine.pdbx_pd_Fsqrd_R_factor                   ? 
_refine.pdbx_pd_ls_matrix_band_width             ? 
_refine.pdbx_overall_phase_error                 40.0099 
_refine.pdbx_overall_SU_R_free_Cruickshank_DPI   ? 
_refine.pdbx_overall_SU_R_free_Blow_DPI          ? 
_refine.pdbx_overall_SU_R_Blow_DPI               ? 
_refine.pdbx_TLS_residual_ADP_flag               ? 
_refine.pdbx_diffrn_id                           1 
_refine.overall_SU_B                             ? 
_refine.overall_SU_ML                            0.6439 
_refine.overall_SU_R_Cruickshank_DPI             ? 
_refine.overall_SU_R_free                        ? 
_refine.overall_FOM_free_R_set                   ? 
_refine.overall_FOM_work_R_set                   ? 
_refine.pdbx_average_fsc_overall                 ? 
_refine.pdbx_average_fsc_work                    ? 
_refine.pdbx_average_fsc_free                    ? 
# 
_refine_hist.pdbx_refine_id                   'X-RAY DIFFRACTION' 
_refine_hist.cycle_id                         LAST 
_refine_hist.details                          ? 
_refine_hist.d_res_high                       3.98 
_refine_hist.d_res_low                        32.51 
_refine_hist.number_atoms_solvent             0 
_refine_hist.number_atoms_total               855 
_refine_hist.number_reflns_all                ? 
_refine_hist.number_reflns_obs                ? 
_refine_hist.number_reflns_R_free             ? 
_refine_hist.number_reflns_R_work             ? 
_refine_hist.R_factor_all                     ? 
_refine_hist.R_factor_obs                     ? 
_refine_hist.R_factor_R_free                  ? 
_refine_hist.R_factor_R_work                  ? 
_refine_hist.pdbx_number_residues_total       ? 
_refine_hist.pdbx_B_iso_mean_ligand           ? 
_refine_hist.pdbx_B_iso_mean_solvent          ? 
_refine_hist.pdbx_number_atoms_protein        0 
_refine_hist.pdbx_number_atoms_nucleic_acid   855 
_refine_hist.pdbx_number_atoms_ligand         0 
_refine_hist.pdbx_number_atoms_lipid          ? 
_refine_hist.pdbx_number_atoms_carb           ? 
_refine_hist.pdbx_pseudo_atom_details         ? 
# 
loop_
_refine_ls_restr.pdbx_refine_id 
_refine_ls_restr.criterion 
_refine_ls_restr.dev_ideal 
_refine_ls_restr.dev_ideal_target 
_refine_ls_restr.number 
_refine_ls_restr.rejects 
_refine_ls_restr.type 
_refine_ls_restr.weight 
_refine_ls_restr.pdbx_restraint_function 
'X-RAY DIFFRACTION' ? 0.0048  ? 956  ? f_bond_d           ? ? 
'X-RAY DIFFRACTION' ? 0.7198  ? 1467 ? f_angle_d          ? ? 
'X-RAY DIFFRACTION' ? 0.0370  ? 166  ? f_chiral_restr     ? ? 
'X-RAY DIFFRACTION' ? 0.0039  ? 42   ? f_plane_restr      ? ? 
'X-RAY DIFFRACTION' ? 38.1566 ? 406  ? f_dihedral_angle_d ? ? 
# 
_refine_ls_shell.pdbx_refine_id                      'X-RAY DIFFRACTION' 
_refine_ls_shell.d_res_high                          3.98 
_refine_ls_shell.d_res_low                           32.51 
_refine_ls_shell.number_reflns_all                   ? 
_refine_ls_shell.number_reflns_obs                   ? 
_refine_ls_shell.number_reflns_R_free                133 
_refine_ls_shell.number_reflns_R_work                2356 
_refine_ls_shell.percent_reflns_obs                  75.29 
_refine_ls_shell.percent_reflns_R_free               ? 
_refine_ls_shell.R_factor_all                        ? 
_refine_ls_shell.R_factor_obs                        ? 
_refine_ls_shell.R_factor_R_free_error               ? 
_refine_ls_shell.R_factor_R_work                     0.2161 
_refine_ls_shell.redundancy_reflns_all               ? 
_refine_ls_shell.redundancy_reflns_obs               ? 
_refine_ls_shell.wR_factor_all                       ? 
_refine_ls_shell.wR_factor_obs                       ? 
_refine_ls_shell.wR_factor_R_free                    ? 
_refine_ls_shell.wR_factor_R_work                    ? 
_refine_ls_shell.pdbx_R_complete                     ? 
_refine_ls_shell.correlation_coeff_Fo_to_Fc          ? 
_refine_ls_shell.correlation_coeff_Fo_to_Fc_free     ? 
_refine_ls_shell.correlation_coeff_I_to_Fcsqd_work   ? 
_refine_ls_shell.correlation_coeff_I_to_Fcsqd_free   ? 
_refine_ls_shell.pdbx_total_number_of_bins_used      ? 
_refine_ls_shell.pdbx_phase_error                    ? 
_refine_ls_shell.pdbx_fsc_work                       ? 
_refine_ls_shell.pdbx_fsc_free                       ? 
_refine_ls_shell.R_factor_R_free                     0.2478 
# 
_struct.entry_id                     9NBZ 
_struct.title                        
'[5,7,7-2] Shifted tensegrity triangle with an (arm,center,arm) distribution of (5,7,7) base pairs and 2 nt sticky ends' 
_struct.pdbx_model_details           ? 
_struct.pdbx_formula_weight          ? 
_struct.pdbx_formula_weight_method   ? 
_struct.pdbx_model_type_details      ? 
_struct.pdbx_CASP_flag               N 
# 
_struct_keywords.entry_id        9NBZ 
_struct_keywords.text            'tensegrity triangle, DNA' 
_struct_keywords.pdbx_keywords   DNA 
# 
loop_
_struct_asym.id 
_struct_asym.pdbx_blank_PDB_chainid_flag 
_struct_asym.pdbx_modified 
_struct_asym.entity_id 
_struct_asym.details 
A N N 1 ? 
B N N 2 ? 
C N N 3 ? 
D N N 4 ? 
# 
loop_
_struct_ref.id 
_struct_ref.db_name 
_struct_ref.db_code 
_struct_ref.pdbx_db_accession 
_struct_ref.pdbx_db_isoform 
_struct_ref.entity_id 
_struct_ref.pdbx_seq_one_letter_code 
_struct_ref.pdbx_align_begin 
1 PDB 9NBZ 9NBZ ? 1 ? 1 
2 PDB 9NBZ 9NBZ ? 2 ? 1 
3 PDB 9NBZ 9NBZ ? 3 ? 1 
4 PDB 9NBZ 9NBZ ? 4 ? 1 
# 
loop_
_struct_ref_seq.align_id 
_struct_ref_seq.ref_id 
_struct_ref_seq.pdbx_PDB_id_code 
_struct_ref_seq.pdbx_strand_id 
_struct_ref_seq.seq_align_beg 
_struct_ref_seq.pdbx_seq_align_beg_ins_code 
_struct_ref_seq.seq_align_end 
_struct_ref_seq.pdbx_seq_align_end_ins_code 
_struct_ref_seq.pdbx_db_accession 
_struct_ref_seq.db_align_beg 
_struct_ref_seq.pdbx_db_align_beg_ins_code 
_struct_ref_seq.db_align_end 
_struct_ref_seq.pdbx_db_align_end_ins_code 
_struct_ref_seq.pdbx_auth_seq_align_beg 
_struct_ref_seq.pdbx_auth_seq_align_end 
1 1 9NBZ A 1 ? 11 ? 9NBZ 102 ? 112 ? 102 112 
2 2 9NBZ B 1 ? 7  ? 9NBZ 108 ? 114 ? 108 114 
3 3 9NBZ C 1 ? 14 ? 9NBZ 100 ? 113 ? 100 113 
4 4 9NBZ D 1 ? 11 ? 9NBZ 112 ? 122 ? 112 122 
# 
_pdbx_struct_assembly.id                   1 
_pdbx_struct_assembly.details              author_defined_assembly 
_pdbx_struct_assembly.method_details       ? 
_pdbx_struct_assembly.oligomeric_details   dodecameric 
_pdbx_struct_assembly.oligomeric_count     12 
# 
loop_
_pdbx_struct_assembly_gen.assembly_id 
_pdbx_struct_assembly_gen.oper_expression 
_pdbx_struct_assembly_gen.asym_id_list 
1 1 A,B,C,D 
1 2 A,B,C,D 
1 3 A,B,C,D 
# 
_pdbx_struct_assembly_auth_evidence.id                     1 
_pdbx_struct_assembly_auth_evidence.assembly_id            1 
_pdbx_struct_assembly_auth_evidence.experimental_support   'native gel electrophoresis' 
_pdbx_struct_assembly_auth_evidence.details                ? 
# 
loop_
_pdbx_struct_oper_list.id 
_pdbx_struct_oper_list.type 
_pdbx_struct_oper_list.name 
_pdbx_struct_oper_list.symmetry_operation 
_pdbx_struct_oper_list.matrix[1][1] 
_pdbx_struct_oper_list.matrix[1][2] 
_pdbx_struct_oper_list.matrix[1][3] 
_pdbx_struct_oper_list.vector[1] 
_pdbx_struct_oper_list.matrix[2][1] 
_pdbx_struct_oper_list.matrix[2][2] 
_pdbx_struct_oper_list.matrix[2][3] 
_pdbx_struct_oper_list.vector[2] 
_pdbx_struct_oper_list.matrix[3][1] 
_pdbx_struct_oper_list.matrix[3][2] 
_pdbx_struct_oper_list.matrix[3][3] 
_pdbx_struct_oper_list.vector[3] 
1 'identity operation'         1_555 x,y,z     1.0000000000 0.0000000000 0.0000000000  0.0000000000  0.0000000000 1.0000000000  0.0000000000  0.0000000000  0.0000000000  0.0000000000  1.0000000000  0.0000000000   
2 'crystal symmetry operation' 2_555 -y,x-y,z  0.9314834299 0.2807818941 -0.2313009896 -5.2178738706 0.3380365457 -0.4331224775 0.8355454586  27.7188010783 0.1344243788  -0.8564849371 -0.4983609524 22.8569646080  
3 'crystal symmetry operation' 3_555 -x+y,-x,z 0.9314834299 0.3380365457 0.1344243788  -7.5821379852 0.2807818941 -0.4331224775 -0.8564849371 33.0473661982 -0.2313009896 0.8355454586  -0.4983609524 -12.9761990960 
# 
loop_
_struct_conn.id 
_struct_conn.conn_type_id 
_struct_conn.pdbx_leaving_atom_flag 
_struct_conn.pdbx_PDB_id 
_struct_conn.ptnr1_label_asym_id 
_struct_conn.ptnr1_label_comp_id 
_struct_conn.ptnr1_label_seq_id 
_struct_conn.ptnr1_label_atom_id 
_struct_conn.pdbx_ptnr1_label_alt_id 
_struct_conn.pdbx_ptnr1_PDB_ins_code 
_struct_conn.pdbx_ptnr1_standard_comp_id 
_struct_conn.ptnr1_symmetry 
_struct_conn.ptnr2_label_asym_id 
_struct_conn.ptnr2_label_comp_id 
_struct_conn.ptnr2_label_seq_id 
_struct_conn.ptnr2_label_atom_id 
_struct_conn.pdbx_ptnr2_label_alt_id 
_struct_conn.pdbx_ptnr2_PDB_ins_code 
_struct_conn.ptnr1_auth_asym_id 
_struct_conn.ptnr1_auth_comp_id 
_struct_conn.ptnr1_auth_seq_id 
_struct_conn.ptnr2_auth_asym_id 
_struct_conn.ptnr2_auth_comp_id 
_struct_conn.ptnr2_auth_seq_id 
_struct_conn.ptnr2_symmetry 
_struct_conn.pdbx_ptnr3_label_atom_id 
_struct_conn.pdbx_ptnr3_label_seq_id 
_struct_conn.pdbx_ptnr3_label_comp_id 
_struct_conn.pdbx_ptnr3_label_asym_id 
_struct_conn.pdbx_ptnr3_label_alt_id 
_struct_conn.pdbx_ptnr3_PDB_ins_code 
_struct_conn.details 
_struct_conn.pdbx_dist_value 
_struct_conn.pdbx_value_order 
_struct_conn.pdbx_role 
hydrog1  hydrog ? ? A DG 3  N1 ? ? ? 1_555 C DC 14 N3 ? ? A DG 104 C DC 113 1_555 ? ? ? ? ? ? WATSON-CRICK ? ? ? 
hydrog2  hydrog ? ? A DG 3  N2 ? ? ? 1_555 C DC 14 O2 ? ? A DG 104 C DC 113 1_555 ? ? ? ? ? ? WATSON-CRICK ? ? ? 
hydrog3  hydrog ? ? A DG 3  O6 ? ? ? 1_555 C DC 14 N4 ? ? A DG 104 C DC 113 1_555 ? ? ? ? ? ? WATSON-CRICK ? ? ? 
hydrog4  hydrog ? ? A DC 4  N3 ? ? ? 1_555 C DG 13 N1 ? ? A DC 105 C DG 112 1_555 ? ? ? ? ? ? WATSON-CRICK ? ? ? 
hydrog5  hydrog ? ? A DC 4  N4 ? ? ? 1_555 C DG 13 O6 ? ? A DC 105 C DG 112 1_555 ? ? ? ? ? ? WATSON-CRICK ? ? ? 
hydrog6  hydrog ? ? A DC 4  O2 ? ? ? 1_555 C DG 13 N2 ? ? A DC 105 C DG 112 1_555 ? ? ? ? ? ? WATSON-CRICK ? ? ? 
hydrog7  hydrog ? ? A DA 5  N1 ? ? ? 1_555 C DT 12 N3 ? ? A DA 106 C DT 111 1_555 ? ? ? ? ? ? WATSON-CRICK ? ? ? 
hydrog8  hydrog ? ? A DA 5  N6 ? ? ? 1_555 C DT 12 O4 ? ? A DA 106 C DT 111 1_555 ? ? ? ? ? ? WATSON-CRICK ? ? ? 
hydrog9  hydrog ? ? A DC 6  N3 ? ? ? 1_555 C DG 11 N1 ? ? A DC 107 C DG 110 1_555 ? ? ? ? ? ? WATSON-CRICK ? ? ? 
hydrog10 hydrog ? ? A DC 6  N4 ? ? ? 1_555 C DG 11 O6 ? ? A DC 107 C DG 110 1_555 ? ? ? ? ? ? WATSON-CRICK ? ? ? 
hydrog11 hydrog ? ? A DC 6  O2 ? ? ? 1_555 C DG 11 N2 ? ? A DC 107 C DG 110 1_555 ? ? ? ? ? ? WATSON-CRICK ? ? ? 
hydrog12 hydrog ? ? A DC 7  N3 ? ? ? 1_555 C DG 10 N1 ? ? A DC 108 C DG 109 1_555 ? ? ? ? ? ? WATSON-CRICK ? ? ? 
hydrog13 hydrog ? ? A DC 7  N4 ? ? ? 1_555 C DG 10 O6 ? ? A DC 108 C DG 109 1_555 ? ? ? ? ? ? WATSON-CRICK ? ? ? 
hydrog14 hydrog ? ? A DC 7  O2 ? ? ? 1_555 C DG 10 N2 ? ? A DC 108 C DG 109 1_555 ? ? ? ? ? ? WATSON-CRICK ? ? ? 
hydrog15 hydrog ? ? A DT 8  N3 ? ? ? 1_555 B DA 3  N1 ? ? A DT 109 B DA 110 1_555 ? ? ? ? ? ? WATSON-CRICK ? ? ? 
hydrog16 hydrog ? ? A DT 8  O4 ? ? ? 1_555 B DA 3  N6 ? ? A DT 109 B DA 110 1_555 ? ? ? ? ? ? WATSON-CRICK ? ? ? 
hydrog17 hydrog ? ? A DG 9  N1 ? ? ? 1_555 B DC 2  N3 ? ? A DG 110 B DC 109 1_555 ? ? ? ? ? ? WATSON-CRICK ? ? ? 
hydrog18 hydrog ? ? A DG 9  N2 ? ? ? 1_555 B DC 2  O2 ? ? A DG 110 B DC 109 1_555 ? ? ? ? ? ? WATSON-CRICK ? ? ? 
hydrog19 hydrog ? ? A DG 9  O6 ? ? ? 1_555 B DC 2  N4 ? ? A DG 110 B DC 109 1_555 ? ? ? ? ? ? WATSON-CRICK ? ? ? 
hydrog20 hydrog ? ? A DT 10 N3 ? ? ? 1_555 B DA 1  N1 ? ? A DT 111 B DA 108 1_555 ? ? ? ? ? ? WATSON-CRICK ? ? ? 
hydrog21 hydrog ? ? A DT 10 O4 ? ? ? 1_555 B DA 1  N6 ? ? A DT 111 B DA 108 1_555 ? ? ? ? ? ? WATSON-CRICK ? ? ? 
hydrog22 hydrog ? ? B DC 4  N3 ? ? ? 1_555 D DG 4  N1 ? ? B DC 111 D DG 115 1_555 ? ? ? ? ? ? WATSON-CRICK ? ? ? 
hydrog23 hydrog ? ? B DC 4  N4 ? ? ? 1_555 D DG 4  O6 ? ? B DC 111 D DG 115 1_555 ? ? ? ? ? ? WATSON-CRICK ? ? ? 
hydrog24 hydrog ? ? B DC 4  O2 ? ? ? 1_555 D DG 4  N2 ? ? B DC 111 D DG 115 1_555 ? ? ? ? ? ? WATSON-CRICK ? ? ? 
hydrog25 hydrog ? ? B DC 5  N3 ? ? ? 1_555 D DG 3  N1 ? ? B DC 112 D DG 114 1_555 ? ? ? ? ? ? WATSON-CRICK ? ? ? 
hydrog26 hydrog ? ? B DC 5  N4 ? ? ? 1_555 D DG 3  O6 ? ? B DC 112 D DG 114 1_555 ? ? ? ? ? ? WATSON-CRICK ? ? ? 
hydrog27 hydrog ? ? B DC 5  O2 ? ? ? 1_555 D DG 3  N2 ? ? B DC 112 D DG 114 1_555 ? ? ? ? ? ? WATSON-CRICK ? ? ? 
hydrog28 hydrog ? ? B DG 6  N1 ? ? ? 1_555 D DC 2  N3 ? ? B DG 113 D DC 113 1_555 ? ? ? ? ? ? WATSON-CRICK ? ? ? 
hydrog29 hydrog ? ? B DG 6  N2 ? ? ? 1_555 D DC 2  O2 ? ? B DG 113 D DC 113 1_555 ? ? ? ? ? ? WATSON-CRICK ? ? ? 
hydrog30 hydrog ? ? B DG 6  O6 ? ? ? 1_555 D DC 2  N4 ? ? B DG 113 D DC 113 1_555 ? ? ? ? ? ? WATSON-CRICK ? ? ? 
hydrog31 hydrog ? ? B DT 7  N3 ? ? ? 1_555 D DA 1  N1 ? ? B DT 114 D DA 112 1_555 ? ? ? ? ? ? WATSON-CRICK ? ? ? 
hydrog32 hydrog ? ? B DT 7  O4 ? ? ? 1_555 D DA 1  N6 ? ? B DT 114 D DA 112 1_555 ? ? ? ? ? ? WATSON-CRICK ? ? ? 
hydrog33 hydrog ? ? C DT 3  N3 ? ? ? 1_555 D DA 11 N1 ? ? C DT 102 D DA 122 1_555 ? ? ? ? ? ? WATSON-CRICK ? ? ? 
hydrog34 hydrog ? ? C DT 3  O4 ? ? ? 1_555 D DA 11 N6 ? ? C DT 102 D DA 122 1_555 ? ? ? ? ? ? WATSON-CRICK ? ? ? 
hydrog35 hydrog ? ? C DG 4  N1 ? ? ? 1_555 D DC 10 N3 ? ? C DG 103 D DC 121 1_555 ? ? ? ? ? ? WATSON-CRICK ? ? ? 
hydrog36 hydrog ? ? C DG 4  N2 ? ? ? 1_555 D DC 10 O2 ? ? C DG 103 D DC 121 1_555 ? ? ? ? ? ? WATSON-CRICK ? ? ? 
hydrog37 hydrog ? ? C DG 4  O6 ? ? ? 1_555 D DC 10 N4 ? ? C DG 103 D DC 121 1_555 ? ? ? ? ? ? WATSON-CRICK ? ? ? 
hydrog38 hydrog ? ? C DA 5  N1 ? ? ? 1_555 D DT 9  N3 ? ? C DA 104 D DT 120 1_555 ? ? ? ? ? ? WATSON-CRICK ? ? ? 
hydrog39 hydrog ? ? C DA 5  N6 ? ? ? 1_555 D DT 9  O4 ? ? C DA 104 D DT 120 1_555 ? ? ? ? ? ? WATSON-CRICK ? ? ? 
hydrog40 hydrog ? ? C DC 6  N3 ? ? ? 1_555 D DG 8  N1 ? ? C DC 105 D DG 119 1_555 ? ? ? ? ? ? WATSON-CRICK ? ? ? 
hydrog41 hydrog ? ? C DC 6  N4 ? ? ? 1_555 D DG 8  O6 ? ? C DC 105 D DG 119 1_555 ? ? ? ? ? ? WATSON-CRICK ? ? ? 
hydrog42 hydrog ? ? C DC 6  O2 ? ? ? 1_555 D DG 8  N2 ? ? C DC 105 D DG 119 1_555 ? ? ? ? ? ? WATSON-CRICK ? ? ? 
hydrog43 hydrog ? ? C DT 7  N3 ? ? ? 1_555 D DA 7  N1 ? ? C DT 106 D DA 118 1_555 ? ? ? ? ? ? WATSON-CRICK ? ? ? 
hydrog44 hydrog ? ? C DT 7  O4 ? ? ? 1_555 D DA 7  N6 ? ? C DT 106 D DA 118 1_555 ? ? ? ? ? ? WATSON-CRICK ? ? ? 
hydrog45 hydrog ? ? C DG 8  N1 ? ? ? 1_555 D DC 6  N3 ? ? C DG 107 D DC 117 1_555 ? ? ? ? ? ? WATSON-CRICK ? ? ? 
hydrog46 hydrog ? ? C DG 8  N2 ? ? ? 1_555 D DC 6  O2 ? ? C DG 107 D DC 117 1_555 ? ? ? ? ? ? WATSON-CRICK ? ? ? 
hydrog47 hydrog ? ? C DG 8  O6 ? ? ? 1_555 D DC 6  N4 ? ? C DG 107 D DC 117 1_555 ? ? ? ? ? ? WATSON-CRICK ? ? ? 
hydrog48 hydrog ? ? C DT 9  N3 ? ? ? 1_555 D DA 5  N1 ? ? C DT 108 D DA 116 1_555 ? ? ? ? ? ? WATSON-CRICK ? ? ? 
hydrog49 hydrog ? ? C DT 9  O4 ? ? ? 1_555 D DA 5  N6 ? ? C DT 108 D DA 116 1_555 ? ? ? ? ? ? WATSON-CRICK ? ? ? 
# 
_struct_conn_type.id          hydrog 
_struct_conn_type.criteria    ? 
_struct_conn_type.reference   ? 
# 
_pdbx_entry_details.entry_id                   9NBZ 
_pdbx_entry_details.compound_details           ? 
_pdbx_entry_details.source_details             ? 
_pdbx_entry_details.nonpolymer_details         ? 
_pdbx_entry_details.sequence_details           ? 
_pdbx_entry_details.has_ligand_of_interest     ? 
_pdbx_entry_details.has_protein_modification   N 
# 
loop_
_pdbx_validate_rmsd_angle.id 
_pdbx_validate_rmsd_angle.PDB_model_num 
_pdbx_validate_rmsd_angle.auth_atom_id_1 
_pdbx_validate_rmsd_angle.auth_asym_id_1 
_pdbx_validate_rmsd_angle.auth_comp_id_1 
_pdbx_validate_rmsd_angle.auth_seq_id_1 
_pdbx_validate_rmsd_angle.PDB_ins_code_1 
_pdbx_validate_rmsd_angle.label_alt_id_1 
_pdbx_validate_rmsd_angle.auth_atom_id_2 
_pdbx_validate_rmsd_angle.auth_asym_id_2 
_pdbx_validate_rmsd_angle.auth_comp_id_2 
_pdbx_validate_rmsd_angle.auth_seq_id_2 
_pdbx_validate_rmsd_angle.PDB_ins_code_2 
_pdbx_validate_rmsd_angle.label_alt_id_2 
_pdbx_validate_rmsd_angle.auth_atom_id_3 
_pdbx_validate_rmsd_angle.auth_asym_id_3 
_pdbx_validate_rmsd_angle.auth_comp_id_3 
_pdbx_validate_rmsd_angle.auth_seq_id_3 
_pdbx_validate_rmsd_angle.PDB_ins_code_3 
_pdbx_validate_rmsd_angle.label_alt_id_3 
_pdbx_validate_rmsd_angle.angle_value 
_pdbx_validate_rmsd_angle.angle_target_value 
_pdbx_validate_rmsd_angle.angle_deviation 
_pdbx_validate_rmsd_angle.angle_standard_deviation 
_pdbx_validate_rmsd_angle.linker_flag 
1 1 "O4'" A DG 102 ? ? "C1'" A DG 102 ? ? N9 A DG 102 ? ? 111.26 108.30 2.96 0.30 N 
2 1 "O4'" C DT 102 ? ? "C1'" C DT 102 ? ? N1 C DT 102 ? ? 110.24 108.30 1.94 0.30 N 
# 
loop_
_space_group_symop.id 
_space_group_symop.operation_xyz 
1 x,y,z                 
2 -y,x-y,z              
3 -x+y,-x,z             
4 x+1/3,y+2/3,z+2/3     
5 -y+1/3,x-y+2/3,z+2/3  
6 -x+y+1/3,-x+2/3,z+2/3 
7 x+2/3,y+1/3,z+1/3     
8 -y+2/3,x-y+1/3,z+1/3  
9 -x+y+2/3,-x+1/3,z+1/3 
# 
loop_
_pdbx_refine_tls.id 
_pdbx_refine_tls.pdbx_refine_id 
_pdbx_refine_tls.details 
_pdbx_refine_tls.method 
_pdbx_refine_tls.origin_x 
_pdbx_refine_tls.origin_y 
_pdbx_refine_tls.origin_z 
_pdbx_refine_tls.T[1][1] 
_pdbx_refine_tls.T[1][1]_esd 
_pdbx_refine_tls.T[1][2] 
_pdbx_refine_tls.T[1][2]_esd 
_pdbx_refine_tls.T[1][3] 
_pdbx_refine_tls.T[1][3]_esd 
_pdbx_refine_tls.T[2][2] 
_pdbx_refine_tls.T[2][2]_esd 
_pdbx_refine_tls.T[2][3] 
_pdbx_refine_tls.T[2][3]_esd 
_pdbx_refine_tls.T[3][3] 
_pdbx_refine_tls.T[3][3]_esd 
_pdbx_refine_tls.L[1][1] 
_pdbx_refine_tls.L[1][1]_esd 
_pdbx_refine_tls.L[1][2] 
_pdbx_refine_tls.L[1][2]_esd 
_pdbx_refine_tls.L[1][3] 
_pdbx_refine_tls.L[1][3]_esd 
_pdbx_refine_tls.L[2][2] 
_pdbx_refine_tls.L[2][2]_esd 
_pdbx_refine_tls.L[2][3] 
_pdbx_refine_tls.L[2][3]_esd 
_pdbx_refine_tls.L[3][3] 
_pdbx_refine_tls.L[3][3]_esd 
_pdbx_refine_tls.S[1][1] 
_pdbx_refine_tls.S[1][1]_esd 
_pdbx_refine_tls.S[1][2] 
_pdbx_refine_tls.S[1][2]_esd 
_pdbx_refine_tls.S[1][3] 
_pdbx_refine_tls.S[1][3]_esd 
_pdbx_refine_tls.S[2][1] 
_pdbx_refine_tls.S[2][1]_esd 
_pdbx_refine_tls.S[2][2] 
_pdbx_refine_tls.S[2][2]_esd 
_pdbx_refine_tls.S[2][3] 
_pdbx_refine_tls.S[2][3]_esd 
_pdbx_refine_tls.S[3][1] 
_pdbx_refine_tls.S[3][1]_esd 
_pdbx_refine_tls.S[3][2] 
_pdbx_refine_tls.S[3][2]_esd 
_pdbx_refine_tls.S[3][3] 
_pdbx_refine_tls.S[3][3]_esd 
1 'X-RAY DIFFRACTION' ? refined -10.0179615293 -2.1785318891 -6.8796325320 4.95109498781 ? -1.338620210410 ? -0.321047607941 ? 1.92571755515 ? 0.86670381780  ? 3.69400047463 ? 7.61878627198 ? -2.80425927657  ? 0.983045501815 ? 1.01691145532 ? -0.20251907176 ? 7.82518506849  ? -1.362372086020 ? 2.24016417808   ? -2.32761710118  ? -1.97769098703  ? 3.30634440566   ? 2.16680427530   ? 5.011296534177 ? -1.42288501286 ? -0.33662942757 ? 
2 'X-RAY DIFFRACTION' ? refined -2.99028382204 7.2633718949  4.3354311035  1.82030657583 ? 1.108487631855  ? 1.51736728907   ? 2.73530102091 ? 0.226611242300 ? 2.98968547901 ? 9.04752760529 ? -0.678644333346 ? 4.81248494998  ? 4.26263575203 ? -0.41978773154 ? 2.56741352512  ? 0.49524033947   ? 1.76681838055   ? -1.32886841313  ? -0.64108116476  ? -0.562858771351 ? -1.01250191333  ? 3.330041307310 ? 2.33569304302  ? 2.407036714013 ? 
3 'X-RAY DIFFRACTION' ? refined 3.6304854091   -3.8982017860 -0.8313559733 3.95299628295 ? 0.907615628612  ? 1.28079097120   ? 1.7384111251  ? 0.10011371210  ? 3.12050760482 ? 5.08539164703 ? 0.03130959904   ? 1.565058602734 ? 4.96247369230 ? -1.41130370095 ? 11.09606741249 ? 1.73980342814   ? 0.31068896920   ? -1.364800524111 ? -2.154584539286 ? 0.322702153736  ? -0.88530080631  ? 0.64442548040  ? 0.939528423485 ? -1.68706961719 ? 
4 'X-RAY DIFFRACTION' ? refined 6.16791364581  2.4843275511  4.46376640570 2.43778819574 ? 0.385648364547  ? 0.918467005966  ? 2.04091630748 ? 0.136598992783 ? 2.97425347561 ? 3.14480058458 ? 3.478940709507  ? 4.42942687857  ? 5.64324461089 ? 2.9853183416   ? 8.26621139340  ? -1.06771677494  ? -0.686147357664 ? -0.9461155390   ? -1.47367421481  ? -0.611804620946 ? -1.263653449476 ? -1.5655606207  ? 0.918655107943 ? 2.25959118749  ? 
# 
loop_
_pdbx_refine_tls_group.id 
_pdbx_refine_tls_group.pdbx_refine_id 
_pdbx_refine_tls_group.refine_tls_id 
_pdbx_refine_tls_group.beg_label_asym_id 
_pdbx_refine_tls_group.beg_label_seq_id 
_pdbx_refine_tls_group.beg_auth_asym_id 
_pdbx_refine_tls_group.beg_auth_seq_id 
_pdbx_refine_tls_group.beg_PDB_ins_code 
_pdbx_refine_tls_group.end_label_asym_id 
_pdbx_refine_tls_group.end_label_seq_id 
_pdbx_refine_tls_group.end_auth_asym_id 
_pdbx_refine_tls_group.end_auth_seq_id 
_pdbx_refine_tls_group.end_PDB_ins_code 
_pdbx_refine_tls_group.selection 
_pdbx_refine_tls_group.selection_details 
1 'X-RAY DIFFRACTION' 1 A ? A 102 ? A ? A 111 ? ? 
;chain 'A' and (resid 102 through 111 )
;
2 'X-RAY DIFFRACTION' 2 B ? B 108 ? B ? B 114 ? ? 
;chain 'B' and (resid 108 through 114 )
;
3 'X-RAY DIFFRACTION' 3 C ? C 100 ? C ? C 113 ? ? 
;chain 'C' and (resid 100 through 113 )
;
4 'X-RAY DIFFRACTION' 4 D ? D 112 ? D ? D 122 ? ? 
;chain 'D' and (resid 112 through 122 )
;
# 
_pdbx_unobs_or_zero_occ_residues.id               1 
_pdbx_unobs_or_zero_occ_residues.PDB_model_num    1 
_pdbx_unobs_or_zero_occ_residues.polymer_flag     Y 
_pdbx_unobs_or_zero_occ_residues.occupancy_flag   1 
_pdbx_unobs_or_zero_occ_residues.auth_asym_id     A 
_pdbx_unobs_or_zero_occ_residues.auth_comp_id     DA 
_pdbx_unobs_or_zero_occ_residues.auth_seq_id      112 
_pdbx_unobs_or_zero_occ_residues.PDB_ins_code     ? 
_pdbx_unobs_or_zero_occ_residues.label_asym_id    A 
_pdbx_unobs_or_zero_occ_residues.label_comp_id    DA 
_pdbx_unobs_or_zero_occ_residues.label_seq_id     11 
# 
loop_
_chem_comp_atom.comp_id 
_chem_comp_atom.atom_id 
_chem_comp_atom.type_symbol 
_chem_comp_atom.pdbx_aromatic_flag 
_chem_comp_atom.pdbx_stereo_config 
_chem_comp_atom.pdbx_ordinal 
DA OP3    O N N 1   
DA P      P N N 2   
DA OP1    O N N 3   
DA OP2    O N N 4   
DA "O5'"  O N N 5   
DA "C5'"  C N N 6   
DA "C4'"  C N R 7   
DA "O4'"  O N N 8   
DA "C3'"  C N S 9   
DA "O3'"  O N N 10  
DA "C2'"  C N N 11  
DA "C1'"  C N R 12  
DA N9     N Y N 13  
DA C8     C Y N 14  
DA N7     N Y N 15  
DA C5     C Y N 16  
DA C6     C Y N 17  
DA N6     N N N 18  
DA N1     N Y N 19  
DA C2     C Y N 20  
DA N3     N Y N 21  
DA C4     C Y N 22  
DA HOP3   H N N 23  
DA HOP2   H N N 24  
DA "H5'"  H N N 25  
DA "H5''" H N N 26  
DA "H4'"  H N N 27  
DA "H3'"  H N N 28  
DA "HO3'" H N N 29  
DA "H2'"  H N N 30  
DA "H2''" H N N 31  
DA "H1'"  H N N 32  
DA H8     H N N 33  
DA H61    H N N 34  
DA H62    H N N 35  
DA H2     H N N 36  
DC OP3    O N N 37  
DC P      P N N 38  
DC OP1    O N N 39  
DC OP2    O N N 40  
DC "O5'"  O N N 41  
DC "C5'"  C N N 42  
DC "C4'"  C N R 43  
DC "O4'"  O N N 44  
DC "C3'"  C N S 45  
DC "O3'"  O N N 46  
DC "C2'"  C N N 47  
DC "C1'"  C N R 48  
DC N1     N N N 49  
DC C2     C N N 50  
DC O2     O N N 51  
DC N3     N N N 52  
DC C4     C N N 53  
DC N4     N N N 54  
DC C5     C N N 55  
DC C6     C N N 56  
DC HOP3   H N N 57  
DC HOP2   H N N 58  
DC "H5'"  H N N 59  
DC "H5''" H N N 60  
DC "H4'"  H N N 61  
DC "H3'"  H N N 62  
DC "HO3'" H N N 63  
DC "H2'"  H N N 64  
DC "H2''" H N N 65  
DC "H1'"  H N N 66  
DC H41    H N N 67  
DC H42    H N N 68  
DC H5     H N N 69  
DC H6     H N N 70  
DG OP3    O N N 71  
DG P      P N N 72  
DG OP1    O N N 73  
DG OP2    O N N 74  
DG "O5'"  O N N 75  
DG "C5'"  C N N 76  
DG "C4'"  C N R 77  
DG "O4'"  O N N 78  
DG "C3'"  C N S 79  
DG "O3'"  O N N 80  
DG "C2'"  C N N 81  
DG "C1'"  C N R 82  
DG N9     N Y N 83  
DG C8     C Y N 84  
DG N7     N Y N 85  
DG C5     C Y N 86  
DG C6     C N N 87  
DG O6     O N N 88  
DG N1     N N N 89  
DG C2     C N N 90  
DG N2     N N N 91  
DG N3     N N N 92  
DG C4     C Y N 93  
DG HOP3   H N N 94  
DG HOP2   H N N 95  
DG "H5'"  H N N 96  
DG "H5''" H N N 97  
DG "H4'"  H N N 98  
DG "H3'"  H N N 99  
DG "HO3'" H N N 100 
DG "H2'"  H N N 101 
DG "H2''" H N N 102 
DG "H1'"  H N N 103 
DG H8     H N N 104 
DG H1     H N N 105 
DG H21    H N N 106 
DG H22    H N N 107 
DT OP3    O N N 108 
DT P      P N N 109 
DT OP1    O N N 110 
DT OP2    O N N 111 
DT "O5'"  O N N 112 
DT "C5'"  C N N 113 
DT "C4'"  C N R 114 
DT "O4'"  O N N 115 
DT "C3'"  C N S 116 
DT "O3'"  O N N 117 
DT "C2'"  C N N 118 
DT "C1'"  C N R 119 
DT N1     N N N 120 
DT C2     C N N 121 
DT O2     O N N 122 
DT N3     N N N 123 
DT C4     C N N 124 
DT O4     O N N 125 
DT C5     C N N 126 
DT C7     C N N 127 
DT C6     C N N 128 
DT HOP3   H N N 129 
DT HOP2   H N N 130 
DT "H5'"  H N N 131 
DT "H5''" H N N 132 
DT "H4'"  H N N 133 
DT "H3'"  H N N 134 
DT "HO3'" H N N 135 
DT "H2'"  H N N 136 
DT "H2''" H N N 137 
DT "H1'"  H N N 138 
DT H3     H N N 139 
DT H71    H N N 140 
DT H72    H N N 141 
DT H73    H N N 142 
DT H6     H N N 143 
# 
loop_
_chem_comp_bond.comp_id 
_chem_comp_bond.atom_id_1 
_chem_comp_bond.atom_id_2 
_chem_comp_bond.value_order 
_chem_comp_bond.pdbx_aromatic_flag 
_chem_comp_bond.pdbx_stereo_config 
_chem_comp_bond.pdbx_ordinal 
DA OP3   P      sing N N 1   
DA OP3   HOP3   sing N N 2   
DA P     OP1    doub N N 3   
DA P     OP2    sing N N 4   
DA P     "O5'"  sing N N 5   
DA OP2   HOP2   sing N N 6   
DA "O5'" "C5'"  sing N N 7   
DA "C5'" "C4'"  sing N N 8   
DA "C5'" "H5'"  sing N N 9   
DA "C5'" "H5''" sing N N 10  
DA "C4'" "O4'"  sing N N 11  
DA "C4'" "C3'"  sing N N 12  
DA "C4'" "H4'"  sing N N 13  
DA "O4'" "C1'"  sing N N 14  
DA "C3'" "O3'"  sing N N 15  
DA "C3'" "C2'"  sing N N 16  
DA "C3'" "H3'"  sing N N 17  
DA "O3'" "HO3'" sing N N 18  
DA "C2'" "C1'"  sing N N 19  
DA "C2'" "H2'"  sing N N 20  
DA "C2'" "H2''" sing N N 21  
DA "C1'" N9     sing N N 22  
DA "C1'" "H1'"  sing N N 23  
DA N9    C8     sing Y N 24  
DA N9    C4     sing Y N 25  
DA C8    N7     doub Y N 26  
DA C8    H8     sing N N 27  
DA N7    C5     sing Y N 28  
DA C5    C6     sing Y N 29  
DA C5    C4     doub Y N 30  
DA C6    N6     sing N N 31  
DA C6    N1     doub Y N 32  
DA N6    H61    sing N N 33  
DA N6    H62    sing N N 34  
DA N1    C2     sing Y N 35  
DA C2    N3     doub Y N 36  
DA C2    H2     sing N N 37  
DA N3    C4     sing Y N 38  
DC OP3   P      sing N N 39  
DC OP3   HOP3   sing N N 40  
DC P     OP1    doub N N 41  
DC P     OP2    sing N N 42  
DC P     "O5'"  sing N N 43  
DC OP2   HOP2   sing N N 44  
DC "O5'" "C5'"  sing N N 45  
DC "C5'" "C4'"  sing N N 46  
DC "C5'" "H5'"  sing N N 47  
DC "C5'" "H5''" sing N N 48  
DC "C4'" "O4'"  sing N N 49  
DC "C4'" "C3'"  sing N N 50  
DC "C4'" "H4'"  sing N N 51  
DC "O4'" "C1'"  sing N N 52  
DC "C3'" "O3'"  sing N N 53  
DC "C3'" "C2'"  sing N N 54  
DC "C3'" "H3'"  sing N N 55  
DC "O3'" "HO3'" sing N N 56  
DC "C2'" "C1'"  sing N N 57  
DC "C2'" "H2'"  sing N N 58  
DC "C2'" "H2''" sing N N 59  
DC "C1'" N1     sing N N 60  
DC "C1'" "H1'"  sing N N 61  
DC N1    C2     sing N N 62  
DC N1    C6     sing N N 63  
DC C2    O2     doub N N 64  
DC C2    N3     sing N N 65  
DC N3    C4     doub N N 66  
DC C4    N4     sing N N 67  
DC C4    C5     sing N N 68  
DC N4    H41    sing N N 69  
DC N4    H42    sing N N 70  
DC C5    C6     doub N N 71  
DC C5    H5     sing N N 72  
DC C6    H6     sing N N 73  
DG OP3   P      sing N N 74  
DG OP3   HOP3   sing N N 75  
DG P     OP1    doub N N 76  
DG P     OP2    sing N N 77  
DG P     "O5'"  sing N N 78  
DG OP2   HOP2   sing N N 79  
DG "O5'" "C5'"  sing N N 80  
DG "C5'" "C4'"  sing N N 81  
DG "C5'" "H5'"  sing N N 82  
DG "C5'" "H5''" sing N N 83  
DG "C4'" "O4'"  sing N N 84  
DG "C4'" "C3'"  sing N N 85  
DG "C4'" "H4'"  sing N N 86  
DG "O4'" "C1'"  sing N N 87  
DG "C3'" "O3'"  sing N N 88  
DG "C3'" "C2'"  sing N N 89  
DG "C3'" "H3'"  sing N N 90  
DG "O3'" "HO3'" sing N N 91  
DG "C2'" "C1'"  sing N N 92  
DG "C2'" "H2'"  sing N N 93  
DG "C2'" "H2''" sing N N 94  
DG "C1'" N9     sing N N 95  
DG "C1'" "H1'"  sing N N 96  
DG N9    C8     sing Y N 97  
DG N9    C4     sing Y N 98  
DG C8    N7     doub Y N 99  
DG C8    H8     sing N N 100 
DG N7    C5     sing Y N 101 
DG C5    C6     sing N N 102 
DG C5    C4     doub Y N 103 
DG C6    O6     doub N N 104 
DG C6    N1     sing N N 105 
DG N1    C2     sing N N 106 
DG N1    H1     sing N N 107 
DG C2    N2     sing N N 108 
DG C2    N3     doub N N 109 
DG N2    H21    sing N N 110 
DG N2    H22    sing N N 111 
DG N3    C4     sing N N 112 
DT OP3   P      sing N N 113 
DT OP3   HOP3   sing N N 114 
DT P     OP1    doub N N 115 
DT P     OP2    sing N N 116 
DT P     "O5'"  sing N N 117 
DT OP2   HOP2   sing N N 118 
DT "O5'" "C5'"  sing N N 119 
DT "C5'" "C4'"  sing N N 120 
DT "C5'" "H5'"  sing N N 121 
DT "C5'" "H5''" sing N N 122 
DT "C4'" "O4'"  sing N N 123 
DT "C4'" "C3'"  sing N N 124 
DT "C4'" "H4'"  sing N N 125 
DT "O4'" "C1'"  sing N N 126 
DT "C3'" "O3'"  sing N N 127 
DT "C3'" "C2'"  sing N N 128 
DT "C3'" "H3'"  sing N N 129 
DT "O3'" "HO3'" sing N N 130 
DT "C2'" "C1'"  sing N N 131 
DT "C2'" "H2'"  sing N N 132 
DT "C2'" "H2''" sing N N 133 
DT "C1'" N1     sing N N 134 
DT "C1'" "H1'"  sing N N 135 
DT N1    C2     sing N N 136 
DT N1    C6     sing N N 137 
DT C2    O2     doub N N 138 
DT C2    N3     sing N N 139 
DT N3    C4     sing N N 140 
DT N3    H3     sing N N 141 
DT C4    O4     doub N N 142 
DT C4    C5     sing N N 143 
DT C5    C7     sing N N 144 
DT C5    C6     doub N N 145 
DT C7    H71    sing N N 146 
DT C7    H72    sing N N 147 
DT C7    H73    sing N N 148 
DT C6    H6     sing N N 149 
# 
loop_
_ndb_struct_conf_na.entry_id 
_ndb_struct_conf_na.feature 
9NBZ 'double helix'        
9NBZ 'a-form double helix' 
9NBZ 'b-form double helix' 
# 
loop_
_ndb_struct_na_base_pair.model_number 
_ndb_struct_na_base_pair.i_label_asym_id 
_ndb_struct_na_base_pair.i_label_comp_id 
_ndb_struct_na_base_pair.i_label_seq_id 
_ndb_struct_na_base_pair.i_symmetry 
_ndb_struct_na_base_pair.j_label_asym_id 
_ndb_struct_na_base_pair.j_label_comp_id 
_ndb_struct_na_base_pair.j_label_seq_id 
_ndb_struct_na_base_pair.j_symmetry 
_ndb_struct_na_base_pair.shear 
_ndb_struct_na_base_pair.stretch 
_ndb_struct_na_base_pair.stagger 
_ndb_struct_na_base_pair.buckle 
_ndb_struct_na_base_pair.propeller 
_ndb_struct_na_base_pair.opening 
_ndb_struct_na_base_pair.pair_number 
_ndb_struct_na_base_pair.pair_name 
_ndb_struct_na_base_pair.i_auth_asym_id 
_ndb_struct_na_base_pair.i_auth_seq_id 
_ndb_struct_na_base_pair.i_PDB_ins_code 
_ndb_struct_na_base_pair.j_auth_asym_id 
_ndb_struct_na_base_pair.j_auth_seq_id 
_ndb_struct_na_base_pair.j_PDB_ins_code 
_ndb_struct_na_base_pair.hbond_type_28 
_ndb_struct_na_base_pair.hbond_type_12 
1 A DG 3  1_555 C DC 14 1_555 -0.208 -0.134 0.281  2.166   2.458   0.597  1  A_DG104:DC113_C A 104 ? C 113 ? 19 1 
1 A DC 4  1_555 C DG 13 1_555 0.192  -0.136 0.177  4.047   0.601   -0.878 2  A_DC105:DG112_C A 105 ? C 112 ? 19 1 
1 A DA 5  1_555 C DT 12 1_555 0.064  -0.183 -0.565 -0.837  -7.526  1.378  3  A_DA106:DT111_C A 106 ? C 111 ? 20 1 
1 A DC 6  1_555 C DG 11 1_555 0.198  -0.132 -0.320 -1.445  -3.849  0.657  4  A_DC107:DG110_C A 107 ? C 110 ? 19 1 
1 A DC 7  1_555 C DG 10 1_555 0.198  -0.130 -0.154 2.962   -2.494  0.803  5  A_DC108:DG109_C A 108 ? C 109 ? 19 1 
1 A DT 8  1_555 B DA 3  1_555 -0.090 -0.568 -1.324 -4.290  -11.384 9.535  6  A_DT109:DA110_B A 109 ? B 110 ? 20 1 
1 A DG 9  1_555 B DC 2  1_555 -0.188 -0.128 -0.584 -13.045 0.915   -0.914 7  A_DG110:DC109_B A 110 ? B 109 ? 19 1 
1 A DT 10 1_555 B DA 1  1_555 -0.063 -0.268 0.471  3.488   -6.642  6.178  8  A_DT111:DA108_B A 111 ? B 108 ? 20 1 
1 C DT 3  1_555 D DA 11 1_555 -1.144 0.340  -0.398 0.037   -13.522 -7.503 9  C_DT102:DA122_D C 102 ? D 122 ? 20 1 
1 C DG 4  1_555 D DC 10 1_555 -0.229 -0.242 -0.730 -2.484  -3.994  0.912  10 C_DG103:DC121_D C 103 ? D 121 ? 19 1 
1 C DA 5  1_555 D DT 9  1_555 0.227  -0.359 -1.358 -4.448  -3.323  -3.453 11 C_DA104:DT120_D C 104 ? D 120 ? 20 1 
1 C DC 6  1_555 D DG 8  1_555 0.186  -0.259 -0.921 -1.071  -1.495  0.785  12 C_DC105:DG119_D C 105 ? D 119 ? 19 1 
1 C DT 7  1_555 D DA 7  1_555 -0.058 -0.143 -0.330 -1.228  -5.447  2.251  13 C_DT106:DA118_D C 106 ? D 118 ? 20 1 
1 C DG 8  1_555 D DC 6  1_555 -0.220 -0.115 -0.094 -4.419  -1.219  0.811  14 C_DG107:DC117_D C 107 ? D 117 ? 19 1 
1 C DT 9  1_555 D DA 5  1_555 -0.041 -0.168 0.278  0.438   -1.938  0.682  15 C_DT108:DA116_D C 108 ? D 116 ? 20 1 
1 B DC 4  1_555 D DG 4  1_555 0.196  -0.140 -0.168 5.211   -8.924  -1.028 16 B_DC111:DG115_D B 111 ? D 115 ? 19 1 
1 B DC 5  1_555 D DG 3  1_555 0.171  -0.158 0.462  0.350   -13.149 -0.875 17 B_DC112:DG114_D B 112 ? D 114 ? 19 1 
1 B DG 6  1_555 D DC 2  1_555 -0.230 -0.133 -0.273 -9.374  -5.134  0.256  18 B_DG113:DC113_D B 113 ? D 113 ? 19 1 
1 B DT 7  1_555 D DA 1  1_555 -0.073 -0.116 -0.184 0.362   -1.596  0.847  19 B_DT114:DA112_D B 114 ? D 112 ? 20 1 
# 
loop_
_ndb_struct_na_base_pair_step.model_number 
_ndb_struct_na_base_pair_step.i_label_asym_id_1 
_ndb_struct_na_base_pair_step.i_label_comp_id_1 
_ndb_struct_na_base_pair_step.i_label_seq_id_1 
_ndb_struct_na_base_pair_step.i_symmetry_1 
_ndb_struct_na_base_pair_step.j_label_asym_id_1 
_ndb_struct_na_base_pair_step.j_label_comp_id_1 
_ndb_struct_na_base_pair_step.j_label_seq_id_1 
_ndb_struct_na_base_pair_step.j_symmetry_1 
_ndb_struct_na_base_pair_step.i_label_asym_id_2 
_ndb_struct_na_base_pair_step.i_label_comp_id_2 
_ndb_struct_na_base_pair_step.i_label_seq_id_2 
_ndb_struct_na_base_pair_step.i_symmetry_2 
_ndb_struct_na_base_pair_step.j_label_asym_id_2 
_ndb_struct_na_base_pair_step.j_label_comp_id_2 
_ndb_struct_na_base_pair_step.j_label_seq_id_2 
_ndb_struct_na_base_pair_step.j_symmetry_2 
_ndb_struct_na_base_pair_step.shift 
_ndb_struct_na_base_pair_step.slide 
_ndb_struct_na_base_pair_step.rise 
_ndb_struct_na_base_pair_step.tilt 
_ndb_struct_na_base_pair_step.roll 
_ndb_struct_na_base_pair_step.twist 
_ndb_struct_na_base_pair_step.x_displacement 
_ndb_struct_na_base_pair_step.y_displacement 
_ndb_struct_na_base_pair_step.helical_rise 
_ndb_struct_na_base_pair_step.inclination 
_ndb_struct_na_base_pair_step.tip 
_ndb_struct_na_base_pair_step.helical_twist 
_ndb_struct_na_base_pair_step.step_number 
_ndb_struct_na_base_pair_step.step_name 
_ndb_struct_na_base_pair_step.i_auth_asym_id_1 
_ndb_struct_na_base_pair_step.i_auth_seq_id_1 
_ndb_struct_na_base_pair_step.i_PDB_ins_code_1 
_ndb_struct_na_base_pair_step.j_auth_asym_id_1 
_ndb_struct_na_base_pair_step.j_auth_seq_id_1 
_ndb_struct_na_base_pair_step.j_PDB_ins_code_1 
_ndb_struct_na_base_pair_step.i_auth_asym_id_2 
_ndb_struct_na_base_pair_step.i_auth_seq_id_2 
_ndb_struct_na_base_pair_step.i_PDB_ins_code_2 
_ndb_struct_na_base_pair_step.j_auth_asym_id_2 
_ndb_struct_na_base_pair_step.j_auth_seq_id_2 
_ndb_struct_na_base_pair_step.j_PDB_ins_code_2 
1 A DG 3 1_555 C DC 14 1_555 A DC 4  1_555 C DG 13 1_555 -0.094 -1.388 3.083 -0.113 2.549  36.632 -2.527 0.134  2.983 4.050  0.180 
36.718 1  AA_DG104DC105:DG112DC113_CC A 104 ? C 113 ? A 105 ? C 112 ? 
1 A DC 4 1_555 C DG 13 1_555 A DA 5  1_555 C DT 12 1_555 0.321  -0.210 3.224 9.925  9.087  38.828 -1.284 0.618  3.089 13.196 
-14.412 41.009 2  AA_DC105DA106:DT111DG112_CC A 105 ? C 112 ? A 106 ? C 111 ? 
1 A DA 5 1_555 C DT 12 1_555 A DC 6  1_555 C DG 11 1_555 0.220  -1.064 3.246 -1.864 -2.168 30.635 -1.581 -0.780 3.293 -4.092 3.518 
30.765 3  AA_DA106DC107:DG110DT111_CC A 106 ? C 111 ? A 107 ? C 110 ? 
1 A DC 6 1_555 C DG 11 1_555 A DC 7  1_555 C DG 10 1_555 -0.358 -1.212 3.223 -2.981 0.425  36.904 -1.965 0.169  3.227 0.670  4.699 
37.022 4  AA_DC107DC108:DG109DG110_CC A 107 ? C 110 ? A 108 ? C 109 ? 
1 A DC 7 1_555 C DG 10 1_555 A DT 8  1_555 B DA 3  1_555 -0.696 -1.034 3.417 8.413  5.873  22.811 -4.091 4.044  2.653 13.977 
-20.022 24.984 5  AA_DC108DT109:DA110DG109_BC A 108 ? C 109 ? A 109 ? B 110 ? 
1 A DT 8 1_555 B DA 3  1_555 A DG 9  1_555 B DC 2  1_555 -0.836 -0.217 4.179 -5.063 4.859  30.998 -1.549 0.327  4.178 8.949  9.324 
31.764 6  AA_DT109DG110:DC109DA110_BB A 109 ? B 110 ? A 110 ? B 109 ? 
1 A DG 9 1_555 B DC 2  1_555 A DT 10 1_555 B DA 1  1_555 -1.087 -0.267 3.070 -8.109 14.933 22.667 -3.925 0.392  2.640 32.726 
17.771  28.262 7  AA_DG110DT111:DA108DC109_BB A 110 ? B 109 ? A 111 ? B 108 ? 
1 C DT 3 1_555 D DA 11 1_555 C DG 4  1_555 D DC 10 1_555 -0.283 1.413  3.697 2.550  3.596  44.037 1.492  0.648  3.774 4.781  
-3.391  44.246 8  CC_DT102DG103:DC121DA122_DD C 102 ? D 122 ? C 103 ? D 121 ? 
1 C DG 4 1_555 D DC 10 1_555 C DA 5  1_555 D DT 9  1_555 -0.727 -0.227 3.634 -3.459 2.607  38.061 -0.712 0.623  3.661 3.982  5.283 
38.298 9  CC_DG103DA104:DT120DC121_DD C 103 ? D 121 ? C 104 ? D 120 ? 
1 C DA 5 1_555 D DT 9  1_555 C DC 6  1_555 D DG 8  1_555 0.033  -0.845 3.282 -0.811 1.075  34.667 -1.582 -0.180 3.254 1.804  1.360 
34.692 10 CC_DA104DC105:DG119DT120_DD C 104 ? D 120 ? C 105 ? D 119 ? 
1 C DC 6 1_555 D DG 8  1_555 C DT 7  1_555 D DA 7  1_555 0.314  0.208  3.336 -0.446 1.493  32.351 0.105  -0.643 3.337 2.677  0.799 
32.387 11 CC_DC105DT106:DA118DG119_DD C 105 ? D 119 ? C 106 ? D 118 ? 
1 C DT 7 1_555 D DA 7  1_555 C DG 8  1_555 D DC 6  1_555 -0.155 0.601  3.285 -2.303 3.237  39.522 0.502  -0.043 3.326 4.772  3.395 
39.714 12 CC_DT106DG107:DC117DA118_DD C 106 ? D 118 ? C 107 ? D 117 ? 
1 C DG 8 1_555 D DC 6  1_555 C DT 9  1_555 D DA 5  1_555 0.287  -0.562 3.129 -2.243 2.511  29.572 -1.591 -1.003 3.043 4.899  4.377 
29.758 13 CC_DG107DT108:DA116DC117_DD C 107 ? D 117 ? C 108 ? D 116 ? 
1 C DT 9 1_555 D DA 5  1_555 B DC 4  1_555 D DG 4  1_555 0.807  -0.607 2.938 5.320  -0.046 30.321 -1.136 -0.564 3.032 -0.087 
-10.074 30.773 14 CB_DT108DC111:DG115DA116_DD C 108 ? D 116 ? B 111 ? D 115 ? 
1 B DC 4 1_555 D DG 4  1_555 B DC 5  1_555 D DG 3  1_555 0.108  1.942  3.849 2.835  -0.869 41.406 2.849  0.201  3.808 -1.227 
-4.003  41.507 15 BB_DC111DC112:DG114DG115_DD B 111 ? D 115 ? B 112 ? D 114 ? 
1 B DC 5 1_555 D DG 3  1_555 B DG 6  1_555 D DC 2  1_555 -0.136 2.848  3.541 1.058  -5.560 39.187 4.873  0.328  3.120 -8.238 
-1.567  39.578 16 BB_DC112DG113:DC113DG114_DD B 112 ? D 114 ? B 113 ? D 113 ? 
1 B DG 6 1_555 D DC 2  1_555 B DT 7  1_555 D DA 1  1_555 0.362  -0.717 3.218 -3.132 5.574  24.871 -3.114 -1.659 2.924 12.677 7.122 
25.667 17 BB_DG113DT114:DA112DC113_DD B 113 ? D 113 ? B 114 ? D 112 ? 
# 
loop_
_pdbx_audit_support.funding_organization 
_pdbx_audit_support.country 
_pdbx_audit_support.grant_number 
_pdbx_audit_support.ordinal 
'Office of Naval Research (ONR)'                   'United States' N000141912596 1 
'Department of Energy (DOE, United States)'        'United States' DE-SC0007991  2 
'National Science Foundation (NSF, United States)' 'United States' CCF-2106790   3 
'National Science Foundation (NSF, United States)' 'United States' GCR-2317843   4 
# 
_pdbx_initial_refinement_model.id               1 
_pdbx_initial_refinement_model.entity_id_list   ? 
_pdbx_initial_refinement_model.type             'experimental model' 
_pdbx_initial_refinement_model.source_name      PDB 
_pdbx_initial_refinement_model.accession_code   8D93 
_pdbx_initial_refinement_model.details          'tensegrity triangle' 
# 
_space_group.name_H-M_alt     'R 3 :H' 
_space_group.name_Hall        'R 3' 
_space_group.IT_number        146 
_space_group.crystal_system   trigonal 
_space_group.id               1 
# 
_atom_sites.entry_id                    9NBZ 
_atom_sites.Cartn_transf_matrix[1][1]   ? 
_atom_sites.Cartn_transf_matrix[1][2]   ? 
_atom_sites.Cartn_transf_matrix[1][3]   ? 
_atom_sites.Cartn_transf_matrix[2][1]   ? 
_atom_sites.Cartn_transf_matrix[2][2]   ? 
_atom_sites.Cartn_transf_matrix[2][3]   ? 
_atom_sites.Cartn_transf_matrix[3][1]   ? 
_atom_sites.Cartn_transf_matrix[3][2]   ? 
_atom_sites.Cartn_transf_matrix[3][3]   ? 
_atom_sites.Cartn_transf_vector[1]      ? 
_atom_sites.Cartn_transf_vector[2]      ? 
_atom_sites.Cartn_transf_vector[3]      ? 
_atom_sites.Cartn_transform_axes        ? 
_atom_sites.fract_transf_matrix[1][1]   -0.00159064 
_atom_sites.fract_transf_matrix[1][2]   0.00840601 
_atom_sites.fract_transf_matrix[1][3]   0.00668717 
_atom_sites.fract_transf_matrix[2][1]   -0.00225886 
_atom_sites.fract_transf_matrix[2][2]   0.00981514 
_atom_sites.fract_transf_matrix[2][3]   -0.00405937 
_atom_sites.fract_transf_matrix[3][1]   -0.01072630 
_atom_sites.fract_transf_matrix[3][2]   -0.00231845 
_atom_sites.fract_transf_matrix[3][3]   0.00036295 
_atom_sites.fract_transf_vector[1]      -0.199078 
_atom_sites.fract_transf_vector[2]      -0.195077 
_atom_sites.fract_transf_vector[3]      0.159088 
_atom_sites.solution_primary            ? 
_atom_sites.solution_secondary          ? 
_atom_sites.solution_hydrogens          ? 
_atom_sites.special_details             ? 
# 
loop_
_atom_type.symbol 
_atom_type.scat_dispersion_real 
_atom_type.scat_dispersion_imag 
_atom_type.scat_Cromer_Mann_a1 
_atom_type.scat_Cromer_Mann_a2 
_atom_type.scat_Cromer_Mann_a3 
_atom_type.scat_Cromer_Mann_a4 
_atom_type.scat_Cromer_Mann_b1 
_atom_type.scat_Cromer_Mann_b2 
_atom_type.scat_Cromer_Mann_b3 
_atom_type.scat_Cromer_Mann_b4 
_atom_type.scat_Cromer_Mann_c 
_atom_type.scat_source 
_atom_type.scat_dispersion_source 
C ? ? 5.96793  ? ? ? 14.89577 ? ? ? 0.0 
;1-Gaussian fit: Grosse-Kunstleve RW, Sauter NK, Adams PD: Newsletter of the IUCr Commission on Crystallographic Computing 2004, 3, 22-31.
;
? 
N ? ? 6.96715  ? ? ? 11.43723 ? ? ? 0.0 
;1-Gaussian fit: Grosse-Kunstleve RW, Sauter NK, Adams PD: Newsletter of the IUCr Commission on Crystallographic Computing 2004, 3, 22-31.
;
? 
O ? ? 7.96527  ? ? ? 9.05267  ? ? ? 0.0 
;1-Gaussian fit: Grosse-Kunstleve RW, Sauter NK, Adams PD: Newsletter of the IUCr Commission on Crystallographic Computing 2004, 3, 22-31.
;
? 
P ? ? 14.90797 ? ? ? 11.91318 ? ? ? 0.0 
;1-Gaussian fit: Grosse-Kunstleve RW, Sauter NK, Adams PD: Newsletter of the IUCr Commission on Crystallographic Computing 2004, 3, 22-31.
;
? 
# 
loop_
_atom_site.group_PDB 
_atom_site.id 
_atom_site.type_symbol 
_atom_site.label_atom_id 
_atom_site.label_alt_id 
_atom_site.label_comp_id 
_atom_site.label_asym_id 
_atom_site.label_entity_id 
_atom_site.label_seq_id 
_atom_site.pdbx_PDB_ins_code 
_atom_site.Cartn_x 
_atom_site.Cartn_y 
_atom_site.Cartn_z 
_atom_site.occupancy 
_atom_site.B_iso_or_equiv 
_atom_site.pdbx_formal_charge 
_atom_site.auth_seq_id 
_atom_site.auth_comp_id 
_atom_site.auth_asym_id 
_atom_site.auth_atom_id 
_atom_site.pdbx_PDB_model_num 
ATOM 1   O "O5'" . DG A 1 1  ? -6.23808  -15.46058 5.35500   1.000 345.63868 ? 102 DG A "O5'" 1 
ATOM 2   C "C5'" . DG A 1 1  ? -6.11740  -14.08966 5.00352   1.000 332.79668 ? 102 DG A "C5'" 1 
ATOM 3   C "C4'" . DG A 1 1  ? -5.68038  -13.93858 3.55934   1.000 333.38677 ? 102 DG A "C4'" 1 
ATOM 4   O "O4'" . DG A 1 1  ? -6.60697  -14.66277 2.69573   1.000 345.72826 ? 102 DG A "O4'" 1 
ATOM 5   C "C3'" . DG A 1 1  ? -5.68248  -12.49071 3.03738   1.000 321.34635 ? 102 DG A "C3'" 1 
ATOM 6   O "O3'" . DG A 1 1  ? -4.63412  -12.30023 2.09427   1.000 318.77945 ? 102 DG A "O3'" 1 
ATOM 7   C "C2'" . DG A 1 1  ? -7.02261  -12.42741 2.33187   1.000 327.17934 ? 102 DG A "C2'" 1 
ATOM 8   C "C1'" . DG A 1 1  ? -6.98257  -13.78767 1.66875   1.000 341.47741 ? 102 DG A "C1'" 1 
ATOM 9   N N9    . DG A 1 1  ? -8.23771  -14.20142 1.05459   1.000 351.68843 ? 102 DG A N9    1 
ATOM 10  C C8    . DG A 1 1  ? -9.51039  -13.88424 1.46161   1.000 352.33408 ? 102 DG A C8    1 
ATOM 11  N N7    . DG A 1 1  ? -10.43686 -14.36876 0.68325   1.000 362.87412 ? 102 DG A N7    1 
ATOM 12  C C5    . DG A 1 1  ? -9.73201  -15.04031 -0.30761  1.000 369.57408 ? 102 DG A C5    1 
ATOM 13  C C6    . DG A 1 1  ? -10.20174 -15.76317 -1.42615  1.000 382.12045 ? 102 DG A C6    1 
ATOM 14  O O6    . DG A 1 1  ? -11.37263 -15.96063 -1.77141  1.000 390.02795 ? 102 DG A O6    1 
ATOM 15  N N1    . DG A 1 1  ? -9.15404  -16.28609 -2.18126  1.000 385.71506 ? 102 DG A N1    1 
ATOM 16  C C2    . DG A 1 1  ? -7.82079  -16.13000 -1.88957  1.000 378.12819 ? 102 DG A C2    1 
ATOM 17  N N2    . DG A 1 1  ? -6.95497  -16.70711 -2.73691  1.000 383.65023 ? 102 DG A N2    1 
ATOM 18  N N3    . DG A 1 1  ? -7.36648  -15.45258 -0.84243  1.000 366.35899 ? 102 DG A N3    1 
ATOM 19  C C4    . DG A 1 1  ? -8.37826  -14.94071 -0.09625  1.000 362.75539 ? 102 DG A C4    1 
ATOM 20  P P     . DA A 1 2  ? -3.09273  -12.34796 2.54089   1.000 332.86761 ? 103 DA A P     1 
ATOM 21  O OP1   . DA A 1 2  ? -2.62273  -13.73763 2.34165   1.000 344.65767 ? 103 DA A OP1   1 
ATOM 22  O OP2   . DA A 1 2  ? -2.98325  -11.71396 3.87492   1.000 329.87759 ? 103 DA A OP2   1 
ATOM 23  O "O5'" . DA A 1 2  ? -2.35457  -11.40776 1.47206   1.000 325.71654 ? 103 DA A "O5'" 1 
ATOM 24  C "C5'" . DA A 1 2  ? -2.95789  -11.15530 0.20144   1.000 336.14194 ? 103 DA A "C5'" 1 
ATOM 25  C "C4'" . DA A 1 2  ? -2.78446  -12.34011 -0.73097  1.000 352.60107 ? 103 DA A "C4'" 1 
ATOM 26  O "O4'" . DA A 1 2  ? -4.04484  -13.05645 -0.82961  1.000 367.18529 ? 103 DA A "O4'" 1 
ATOM 27  C "C3'" . DA A 1 2  ? -2.39834  -11.97680 -2.16376  1.000 347.33955 ? 103 DA A "C3'" 1 
ATOM 28  O "O3'" . DA A 1 2  ? -1.54534  -12.97449 -2.71459  1.000 356.49417 ? 103 DA A "O3'" 1 
ATOM 29  C "C2'" . DA A 1 2  ? -3.74458  -11.94554 -2.87275  1.000 354.76126 ? 103 DA A "C2'" 1 
ATOM 30  C "C1'" . DA A 1 2  ? -4.47684  -13.08084 -2.17505  1.000 371.32044 ? 103 DA A "C1'" 1 
ATOM 31  N N9    . DA A 1 2  ? -5.92819  -12.92968 -2.20254  1.000 361.25325 ? 103 DA A N9    1 
ATOM 32  C C8    . DA A 1 2  ? -6.71149  -12.34149 -1.25146  1.000 355.37937 ? 103 DA A C8    1 
ATOM 33  N N7    . DA A 1 2  ? -7.99002  -12.34114 -1.54242  1.000 360.73326 ? 103 DA A N7    1 
ATOM 34  C C5    . DA A 1 2  ? -8.04946  -12.96740 -2.77548  1.000 370.77692 ? 103 DA A C5    1 
ATOM 35  C C6    . DA A 1 2  ? -9.12391  -13.27756 -3.62895  1.000 382.26572 ? 103 DA A C6    1 
ATOM 36  N N6    . DA A 1 2  ? -10.39562 -12.98048 -3.34483  1.000 383.20007 ? 103 DA A N6    1 
ATOM 37  N N1    . DA A 1 2  ? -8.84002  -13.90382 -4.79127  1.000 392.46796 ? 103 DA A N1    1 
ATOM 38  C C2    . DA A 1 2  ? -7.56435  -14.20084 -5.06934  1.000 391.43661 ? 103 DA A C2    1 
ATOM 39  N N3    . DA A 1 2  ? -6.47146  -13.95986 -4.34643  1.000 380.64666 ? 103 DA A N3    1 
ATOM 40  C C4    . DA A 1 2  ? -6.78706  -13.33618 -3.19888  1.000 371.26193 ? 103 DA A C4    1 
ATOM 41  P P     . DG A 1 3  ? -0.76439  -12.69832 -4.09287  1.000 344.61470 ? 104 DG A P     1 
ATOM 42  O OP1   . DG A 1 3  ? 0.28588   -13.72948 -4.23828  1.000 351.88524 ? 104 DG A OP1   1 
ATOM 43  O OP2   . DG A 1 3  ? -0.37884  -11.27127 -4.11114  1.000 331.27169 ? 104 DG A OP2   1 
ATOM 44  O "O5'" . DG A 1 3  ? -1.87666  -12.90567 -5.22505  1.000 353.57568 ? 104 DG A "O5'" 1 
ATOM 45  C "C5'" . DG A 1 3  ? -1.93218  -12.00961 -6.33334  1.000 350.03369 ? 104 DG A "C5'" 1 
ATOM 46  C "C4'" . DG A 1 3  ? -2.84277  -12.55054 -7.41979  1.000 361.65565 ? 104 DG A "C4'" 1 
ATOM 47  O "O4'" . DG A 1 3  ? -4.16031  -12.79997 -6.86532  1.000 365.41253 ? 104 DG A "O4'" 1 
ATOM 48  C "C3'" . DG A 1 3  ? -3.04333  -11.61828 -8.61349  1.000 358.90732 ? 104 DG A "C3'" 1 
ATOM 49  O "O3'" . DG A 1 3  ? -2.98603  -12.35325 -9.82950  1.000 370.54583 ? 104 DG A "O3'" 1 
ATOM 50  C "C2'" . DG A 1 3  ? -4.42774  -11.01793 -8.37659  1.000 356.53198 ? 104 DG A "C2'" 1 
ATOM 51  C "C1'" . DG A 1 3  ? -5.14404  -12.13204 -7.62429  1.000 365.38199 ? 104 DG A "C1'" 1 
ATOM 52  N N9    . DG A 1 3  ? -6.15972  -11.63330 -6.70505  1.000 360.38723 ? 104 DG A N9    1 
ATOM 53  C C8    . DG A 1 3  ? -5.95569  -11.15724 -5.43270  1.000 350.62654 ? 104 DG A C8    1 
ATOM 54  N N7    . DG A 1 3  ? -7.04993  -10.77103 -4.84006  1.000 348.56813 ? 104 DG A N7    1 
ATOM 55  C C5    . DG A 1 3  ? -8.04415  -11.00013 -5.78125  1.000 357.43030 ? 104 DG A C5    1 
ATOM 56  C C6    . DG A 1 3  ? -9.43748  -10.77555 -5.70372  1.000 360.06683 ? 104 DG A C6    1 
ATOM 57  O O6    . DG A 1 3  ? -10.08621 -10.30954 -4.75751  1.000 354.86425 ? 104 DG A O6    1 
ATOM 58  N N1    . DG A 1 3  ? -10.08463 -11.14193 -6.88042  1.000 370.20310 ? 104 DG A N1    1 
ATOM 59  C C2    . DG A 1 3  ? -9.46225  -11.66666 -7.98975  1.000 377.07274 ? 104 DG A C2    1 
ATOM 60  N N2    . DG A 1 3  ? -10.24821 -11.96213 -9.03416  1.000 386.98208 ? 104 DG A N2    1 
ATOM 61  N N3    . DG A 1 3  ? -8.15535  -11.88425 -8.07330  1.000 374.76106 ? 104 DG A N3    1 
ATOM 62  C C4    . DG A 1 3  ? -7.51256  -11.53326 -6.93462  1.000 364.82486 ? 104 DG A C4    1 
ATOM 63  P P     . DC A 1 4  ? -2.76519  -11.58507 -11.22432 1.000 360.27441 ? 105 DC A P     1 
ATOM 64  O OP1   . DC A 1 4  ? -2.01817  -12.48829 -12.12732 1.000 370.57923 ? 105 DC A OP1   1 
ATOM 65  O OP2   . DC A 1 4  ? -2.22607  -10.24221 -10.92072 1.000 345.97519 ? 105 DC A OP2   1 
ATOM 66  O "O5'" . DC A 1 4  ? -4.24727  -11.39246 -11.78902 1.000 365.24204 ? 105 DC A "O5'" 1 
ATOM 67  C "C5'" . DC A 1 4  ? -4.57365  -10.25651 -12.58019 1.000 360.07345 ? 105 DC A "C5'" 1 
ATOM 68  C "C4'" . DC A 1 4  ? -6.07859  -10.13752 -12.72220 1.000 364.10340 ? 105 DC A "C4'" 1 
ATOM 69  O "O4'" . DC A 1 4  ? -6.68721  -10.31536 -11.43367 1.000 361.46670 ? 105 DC A "O4'" 1 
ATOM 70  C "C3'" . DC A 1 4  ? -6.58022  -8.78839  -13.20935 1.000 356.61677 ? 105 DC A "C3'" 1 
ATOM 71  O "O3'" . DC A 1 4  ? -6.68494  -8.80058  -14.63773 1.000 364.06702 ? 105 DC A "O3'" 1 
ATOM 72  C "C2'" . DC A 1 4  ? -7.95767  -8.65103  -12.54079 1.000 356.57439 ? 105 DC A "C2'" 1 
ATOM 73  C "C1'" . DC A 1 4  ? -7.95817  -9.71238  -11.44006 1.000 360.38687 ? 105 DC A "C1'" 1 
ATOM 74  N N1    . DC A 1 4  ? -8.23573  -9.18166  -10.06779 1.000 350.67839 ? 105 DC A N1    1 
ATOM 75  C C2    . DC A 1 4  ? -9.55008  -8.87069  -9.68920  1.000 350.89530 ? 105 DC A C2    1 
ATOM 76  O O2    . DC A 1 4  ? -10.46436 -9.01835  -10.51005 1.000 358.95012 ? 105 DC A O2    1 
ATOM 77  N N3    . DC A 1 4  ? -9.77789  -8.40925  -8.43114  1.000 342.55984 ? 105 DC A N3    1 
ATOM 78  C C4    . DC A 1 4  ? -8.75952  -8.26453  -7.57839  1.000 334.38915 ? 105 DC A C4    1 
ATOM 79  N N4    . DC A 1 4  ? -9.02544  -7.80813  -6.34926  1.000 326.75479 ? 105 DC A N4    1 
ATOM 80  C C5    . DC A 1 4  ? -7.41933  -8.57721  -7.94871  1.000 334.04273 ? 105 DC A C5    1 
ATOM 81  C C6    . DC A 1 4  ? -7.20753  -9.03516  -9.18540  1.000 342.31443 ? 105 DC A C6    1 
ATOM 82  P P     . DA A 1 5  ? -7.55269  -7.68976  -15.41438 1.000 364.47902 ? 106 DA A P     1 
ATOM 83  O OP1   . DA A 1 5  ? -7.11038  -7.70388  -16.82668 1.000 370.62152 ? 106 DA A OP1   1 
ATOM 84  O OP2   . DA A 1 5  ? -7.48758  -6.42493  -14.64860 1.000 350.45993 ? 106 DA A OP2   1 
ATOM 85  O "O5'" . DA A 1 5  ? -9.05328  -8.24778  -15.33858 1.000 373.40100 ? 106 DA A "O5'" 1 
ATOM 86  C "C5'" . DA A 1 5  ? -10.06379 -7.69492  -16.16851 1.000 376.52180 ? 106 DA A "C5'" 1 
ATOM 87  C "C4'" . DA A 1 5  ? -11.06912 -6.89253  -15.35737 1.000 369.38928 ? 106 DA A "C4'" 1 
ATOM 88  O "O4'" . DA A 1 5  ? -10.78378 -7.01134  -13.93961 1.000 362.31394 ? 106 DA A "O4'" 1 
ATOM 89  C "C3'" . DA A 1 5  ? -11.09120 -5.38785  -15.66215 1.000 359.27518 ? 106 DA A "C3'" 1 
ATOM 90  O "O3'" . DA A 1 5  ? -12.39032 -4.99444  -16.09483 1.000 363.08884 ? 106 DA A "O3'" 1 
ATOM 91  C "C2'" . DA A 1 5  ? -10.71706 -4.73029  -14.32797 1.000 346.38477 ? 106 DA A "C2'" 1 
ATOM 92  C "C1'" . DA A 1 5  ? -11.12199 -5.79459  -13.32569 1.000 350.99564 ? 106 DA A "C1'" 1 
ATOM 93  N N9    . DA A 1 5  ? -10.41661 -5.68573  -12.05202 1.000 341.75054 ? 106 DA A N9    1 
ATOM 94  C C8    . DA A 1 5  ? -9.07089  -5.77704  -11.84734 1.000 337.12143 ? 106 DA A C8    1 
ATOM 95  N N7    . DA A 1 5  ? -8.71250  -5.63812  -10.59489 1.000 331.17628 ? 106 DA A N7    1 
ATOM 96  C C5    . DA A 1 5  ? -9.90615  -5.41850  -9.93216  1.000 328.54228 ? 106 DA A C5    1 
ATOM 97  C C6    . DA A 1 5  ? -10.20786 -5.18833  -8.57819  1.000 322.13288 ? 106 DA A C6    1 
ATOM 98  N N6    . DA A 1 5  ? -9.28016  -5.14140  -7.61771  1.000 314.75478 ? 106 DA A N6    1 
ATOM 99  N N1    . DA A 1 5  ? -11.50286 -5.00680  -8.24834  1.000 323.98625 ? 106 DA A N1    1 
ATOM 100 C C2    . DA A 1 5  ? -12.42733 -5.05315  -9.21508  1.000 331.70459 ? 106 DA A C2    1 
ATOM 101 N N3    . DA A 1 5  ? -12.26475 -5.26234  -10.52056 1.000 338.25299 ? 106 DA A N3    1 
ATOM 102 C C4    . DA A 1 5  ? -10.96793 -5.43997  -10.81559 1.000 336.22048 ? 106 DA A C4    1 
ATOM 103 P P     . DC A 1 6  ? -12.60093 -3.61006  -16.88713 1.000 352.10325 ? 107 DC A P     1 
ATOM 104 O OP1   . DC A 1 6  ? -14.04152 -3.49135  -17.20096 1.000 358.16741 ? 107 DC A OP1   1 
ATOM 105 O OP2   . DC A 1 6  ? -11.60476 -3.55056  -17.98015 1.000 353.99890 ? 107 DC A OP2   1 
ATOM 106 O "O5'" . DC A 1 6  ? -12.21287 -2.48741  -15.81432 1.000 337.24187 ? 107 DC A "O5'" 1 
ATOM 107 C "C5'" . DC A 1 6  ? -13.07581 -1.37489  -15.59224 1.000 331.56083 ? 107 DC A "C5'" 1 
ATOM 108 C "C4'" . DC A 1 6  ? -13.86617 -1.54868  -14.30387 1.000 329.24209 ? 107 DC A "C4'" 1 
ATOM 109 O "O4'" . DC A 1 6  ? -13.13701 -2.40294  -13.39961 1.000 328.10725 ? 107 DC A "O4'" 1 
ATOM 110 C "C3'" . DC A 1 6  ? -14.10084 -0.26979  -13.52098 1.000 317.88676 ? 107 DC A "C3'" 1 
ATOM 111 O "O3'" . DC A 1 6  ? -15.27918 0.37626   -13.98640 1.000 320.36728 ? 107 DC A "O3'" 1 
ATOM 112 C "C2'" . DC A 1 6  ? -14.27596 -0.77165  -12.08674 1.000 315.18767 ? 107 DC A "C2'" 1 
ATOM 113 C "C1'" . DC A 1 6  ? -13.48349 -2.08586  -12.06303 1.000 320.99164 ? 107 DC A "C1'" 1 
ATOM 114 N N1    . DC A 1 6  ? -12.22037 -2.04750  -11.24126 1.000 312.46648 ? 107 DC A N1    1 
ATOM 115 C C2    . DC A 1 6  ? -12.27688 -1.82453  -9.85268  1.000 305.11591 ? 107 DC A C2    1 
ATOM 116 O O2    . DC A 1 6  ? -13.37460 -1.64147  -9.30973  1.000 305.58335 ? 107 DC A O2    1 
ATOM 117 N N3    . DC A 1 6  ? -11.11614 -1.81461  -9.14403  1.000 298.02817 ? 107 DC A N3    1 
ATOM 118 C C4    . DC A 1 6  ? -9.95084  -2.02008  -9.76558  1.000 298.16413 ? 107 DC A C4    1 
ATOM 119 N N4    . DC A 1 6  ? -8.83303  -2.00132  -9.03173  1.000 291.39793 ? 107 DC A N4    1 
ATOM 120 C C5    . DC A 1 6  ? -9.87867  -2.25432  -11.16869 1.000 305.64600 ? 107 DC A C5    1 
ATOM 121 C C6    . DC A 1 6  ? -11.02314 -2.26301  -11.85674 1.000 312.57321 ? 107 DC A C6    1 
ATOM 122 P P     . DC A 1 7  ? -15.37291 1.98008   -13.99073 1.000 321.69541 ? 108 DC A P     1 
ATOM 123 O OP1   . DC A 1 7  ? -16.53984 2.35418   -14.82038 1.000 327.92107 ? 108 DC A OP1   1 
ATOM 124 O OP2   . DC A 1 7  ? -14.02934 2.49599   -14.33305 1.000 315.39986 ? 108 DC A OP2   1 
ATOM 125 O "O5'" . DC A 1 7  ? -15.66427 2.36227   -12.46292 1.000 313.42083 ? 108 DC A "O5'" 1 
ATOM 126 C "C5'" . DC A 1 7  ? -16.97574 2.22799   -11.92602 1.000 316.92646 ? 108 DC A "C5'" 1 
ATOM 127 C "C4'" . DC A 1 7  ? -16.95762 2.42932   -10.42137 1.000 309.11708 ? 108 DC A "C4'" 1 
ATOM 128 O "O4'" . DC A 1 7  ? -15.99943 1.52415   -9.83501  1.000 308.28320 ? 108 DC A "O4'" 1 
ATOM 129 C "C3'" . DC A 1 7  ? -16.53114 3.81658   -9.96989  1.000 297.56011 ? 108 DC A "C3'" 1 
ATOM 130 O "O3'" . DC A 1 7  ? -17.68124 4.66095   -9.85299  1.000 297.00678 ? 108 DC A "O3'" 1 
ATOM 131 C "C2'" . DC A 1 7  ? -15.89060 3.56212   -8.60436  1.000 290.91001 ? 108 DC A "C2'" 1 
ATOM 132 C "C1'" . DC A 1 7  ? -15.41312 2.11072   -8.68907  1.000 297.77432 ? 108 DC A "C1'" 1 
ATOM 133 N N1    . DC A 1 7  ? -13.93186 1.95067   -8.78801  1.000 293.58263 ? 108 DC A N1    1 
ATOM 134 C C2    . DC A 1 7  ? -13.13956 2.05333   -7.63888  1.000 285.55182 ? 108 DC A C2    1 
ATOM 135 O O2    . DC A 1 7  ? -13.68408 2.28764   -6.55463  1.000 281.97721 ? 108 DC A O2    1 
ATOM 136 N N3    . DC A 1 7  ? -11.79815 1.87937   -7.74948  1.000 282.37836 ? 108 DC A N3    1 
ATOM 137 C C4    . DC A 1 7  ? -11.25627 1.61944   -8.94155  1.000 286.91978 ? 108 DC A C4    1 
ATOM 138 N N4    . DC A 1 7  ? -9.92988  1.46072   -9.00853  1.000 288.33584 ? 108 DC A N4    1 
ATOM 139 C C5    . DC A 1 7  ? -12.05020 1.51012   -10.12019 1.000 295.15526 ? 108 DC A C5    1 
ATOM 140 C C6    . DC A 1 7  ? -13.36819 1.67885   -9.99581  1.000 298.18303 ? 108 DC A C6    1 
ATOM 141 P P     . DT A 1 8  ? -17.52251 6.26176   -9.85378  1.000 292.57374 ? 109 DT A P     1 
ATOM 142 O OP1   . DT A 1 8  ? -18.88083 6.85406   -9.91244  1.000 295.33807 ? 109 DT A OP1   1 
ATOM 143 O OP2   . DT A 1 8  ? -16.50669 6.59350   -10.87812 1.000 291.34929 ? 109 DT A OP2   1 
ATOM 144 O "O5'" . DT A 1 8  ? -16.88349 6.59734   -8.42420  1.000 282.64243 ? 109 DT A "O5'" 1 
ATOM 145 C "C5'" . DT A 1 8  ? -17.68007 6.51699   -7.24736  1.000 282.20879 ? 109 DT A "C5'" 1 
ATOM 146 C "C4'" . DT A 1 8  ? -16.81829 6.64277   -6.00223  1.000 280.91147 ? 109 DT A "C4'" 1 
ATOM 147 O "O4'" . DT A 1 8  ? -15.81547 5.60856   -6.00168  1.000 284.55918 ? 109 DT A "O4'" 1 
ATOM 148 C "C3'" . DT A 1 8  ? -16.02581 7.93076   -5.89553  1.000 277.62260 ? 109 DT A "C3'" 1 
ATOM 149 O "O3'" . DT A 1 8  ? -16.83157 8.94552   -5.32113  1.000 274.87373 ? 109 DT A "O3'" 1 
ATOM 150 C "C2'" . DT A 1 8  ? -14.88065 7.53713   -4.96183  1.000 275.24683 ? 109 DT A "C2'" 1 
ATOM 151 C "C1'" . DT A 1 8  ? -14.69486 6.04485   -5.25102  1.000 281.22599 ? 109 DT A "C1'" 1 
ATOM 152 N N1    . DT A 1 8  ? -13.45577 5.71311   -6.01262  1.000 282.87153 ? 109 DT A N1    1 
ATOM 153 C C2    . DT A 1 8  ? -12.27606 5.53553   -5.33405  1.000 280.24909 ? 109 DT A C2    1 
ATOM 154 O O2    . DT A 1 8  ? -12.17426 5.65633   -4.12513  1.000 275.10994 ? 109 DT A O2    1 
ATOM 155 N N3    . DT A 1 8  ? -11.20688 5.20740   -6.12271  1.000 282.77103 ? 109 DT A N3    1 
ATOM 156 C C4    . DT A 1 8  ? -11.20141 5.03926   -7.49420  1.000 288.37396 ? 109 DT A C4    1 
ATOM 157 O O4    . DT A 1 8  ? -10.18576 4.74652   -8.11406  1.000 291.52386 ? 109 DT A O4    1 
ATOM 158 C C5    . DT A 1 8  ? -12.47327 5.23679   -8.14347  1.000 288.96162 ? 109 DT A C5    1 
ATOM 159 C C7    . DT A 1 8  ? -12.59376 5.08341   -9.62968  1.000 291.32066 ? 109 DT A C7    1 
ATOM 160 C C6    . DT A 1 8  ? -13.52517 5.55927   -7.37961  1.000 285.91706 ? 109 DT A C6    1 
ATOM 161 P P     . DG A 1 9  ? -16.79912 10.43558  -5.91932  1.000 293.20499 ? 110 DG A P     1 
ATOM 162 O OP1   . DG A 1 9  ? -18.19490 10.83889  -6.20250  1.000 301.64595 ? 110 DG A OP1   1 
ATOM 163 O OP2   . DG A 1 9  ? -15.78417 10.45042  -6.99705  1.000 283.26969 ? 110 DG A OP2   1 
ATOM 164 O "O5'" . DG A 1 9  ? -16.23299 11.32322  -4.71544  1.000 285.17699 ? 110 DG A "O5'" 1 
ATOM 165 C "C5'" . DG A 1 9  ? -16.41241 10.89586  -3.36855  1.000 279.90293 ? 110 DG A "C5'" 1 
ATOM 166 C "C4'" . DG A 1 9  ? -15.13446 11.09181  -2.57571  1.000 269.78003 ? 110 DG A "C4'" 1 
ATOM 167 O "O4'" . DG A 1 9  ? -14.16817 10.10533  -2.98210  1.000 276.03961 ? 110 DG A "O4'" 1 
ATOM 168 C "C3'" . DG A 1 9  ? -14.46514 12.43907  -2.78398  1.000 251.12746 ? 110 DG A "C3'" 1 
ATOM 169 O "O3'" . DG A 1 9  ? -14.92605 13.34493  -1.78304  1.000 240.17807 ? 110 DG A "O3'" 1 
ATOM 170 C "C2'" . DG A 1 9  ? -12.96922 12.13654  -2.62673  1.000 248.33537 ? 110 DG A "C2'" 1 
ATOM 171 C "C1'" . DG A 1 9  ? -12.86107 10.63355  -2.89693  1.000 265.32911 ? 110 DG A "C1'" 1 
ATOM 172 N N9    . DG A 1 9  ? -12.13820 10.25007  -4.11633  1.000 270.79866 ? 110 DG A N9    1 
ATOM 173 C C8    . DG A 1 9  ? -12.69362 9.92952   -5.33412  1.000 281.73701 ? 110 DG A C8    1 
ATOM 174 N N7    . DG A 1 9  ? -11.81920 9.56973   -6.22944  1.000 284.73707 ? 110 DG A N7    1 
ATOM 175 C C5    . DG A 1 9  ? -10.60408 9.64094   -5.56637  1.000 275.42391 ? 110 DG A C5    1 
ATOM 176 C C6    . DG A 1 9  ? -9.29957  9.36763   -6.03574  1.000 273.76161 ? 110 DG A C6    1 
ATOM 177 O O6    . DG A 1 9  ? -8.95825  8.99624   -7.16702  1.000 281.44997 ? 110 DG A O6    1 
ATOM 178 N N1    . DG A 1 9  ? -8.34349  9.56397   -5.04491  1.000 261.62795 ? 110 DG A N1    1 
ATOM 179 C C2    . DG A 1 9  ? -8.61279  9.97261   -3.75794  1.000 252.24507 ? 110 DG A C2    1 
ATOM 180 N N2    . DG A 1 9  ? -7.55927  10.10545  -2.93918  1.000 240.61117 ? 110 DG A N2    1 
ATOM 181 N N3    . DG A 1 9  ? -9.83703  10.23290  -3.30318  1.000 254.11528 ? 110 DG A N3    1 
ATOM 182 C C4    . DG A 1 9  ? -10.78083 10.04651  -4.25994  1.000 266.01549 ? 110 DG A C4    1 
ATOM 183 P P     . DT A 1 10 ? -14.58257 14.91165  -1.86825  1.000 257.97506 ? 111 DT A P     1 
ATOM 184 O OP1   . DT A 1 10 ? -15.83745 15.64484  -1.58882  1.000 256.70011 ? 111 DT A OP1   1 
ATOM 185 O OP2   . DT A 1 10 ? -13.85308 15.15272  -3.13393  1.000 261.70776 ? 111 DT A OP2   1 
ATOM 186 O "O5'" . DT A 1 10 ? -13.57723 15.14667  -0.64569  1.000 247.56480 ? 111 DT A "O5'" 1 
ATOM 187 C "C5'" . DT A 1 10 ? -12.75662 16.30165  -0.61665  1.000 242.18146 ? 111 DT A "C5'" 1 
ATOM 188 C "C4'" . DT A 1 10 ? -11.32163 15.93262  -0.29541  1.000 237.98670 ? 111 DT A "C4'" 1 
ATOM 189 O "O4'" . DT A 1 10 ? -10.88984 14.84839  -1.16991  1.000 242.53974 ? 111 DT A "O4'" 1 
ATOM 190 C "C3'" . DT A 1 10 ? -10.31124 17.05755  -0.50658  1.000 233.49597 ? 111 DT A "C3'" 1 
ATOM 191 O "O3'" . DT A 1 10 ? -9.26416  16.94869  0.44727   1.000 228.34551 ? 111 DT A "O3'" 1 
ATOM 192 C "C2'" . DT A 1 10 ? -9.80737  16.77195  -1.91613  1.000 237.05486 ? 111 DT A "C2'" 1 
ATOM 193 C "C1'" . DT A 1 10 ? -9.73415  15.25725  -1.87024  1.000 242.61684 ? 111 DT A "C1'" 1 
ATOM 194 N N1    . DT A 1 10 ? -9.70370  14.59696  -3.21363  1.000 256.11216 ? 111 DT A N1    1 
ATOM 195 C C2    . DT A 1 10 ? -8.49142  14.26219  -3.75375  1.000 259.33646 ? 111 DT A C2    1 
ATOM 196 O O2    . DT A 1 10 ? -7.43013  14.48133  -3.19549  1.000 252.24929 ? 111 DT A O2    1 
ATOM 197 N N3    . DT A 1 10 ? -8.55500  13.65642  -4.97693  1.000 271.01865 ? 111 DT A N3    1 
ATOM 198 C C4    . DT A 1 10 ? -9.68597  13.35437  -5.70718  1.000 279.13747 ? 111 DT A C4    1 
ATOM 199 O O4    . DT A 1 10 ? -9.62831  12.80305  -6.80421  1.000 287.64139 ? 111 DT A O4    1 
ATOM 200 C C5    . DT A 1 10 ? -10.93437 13.72900  -5.08757  1.000 275.96925 ? 111 DT A C5    1 
ATOM 201 C C7    . DT A 1 10 ? -12.23350 13.45265  -5.78697  1.000 284.57862 ? 111 DT A C7    1 
ATOM 202 C C6    . DT A 1 10 ? -10.88323 14.33215  -3.88319  1.000 264.81324 ? 111 DT A C6    1 
ATOM 203 P P     . DA B 2 1  ? -0.50791  11.18749  -10.84373 1.000 310.69982 ? 108 DA B P     1 
ATOM 204 O OP1   . DA B 2 1  ? -1.78730  11.89220  -11.07347 1.000 306.79110 ? 108 DA B OP1   1 
ATOM 205 O OP2   . DA B 2 1  ? 0.27808   10.69540  -11.99614 1.000 320.47909 ? 108 DA B OP2   1 
ATOM 206 O "O5'" . DA B 2 1  ? 0.45161   12.12607  -9.97401  1.000 305.71441 ? 108 DA B "O5'" 1 
ATOM 207 C "C5'" . DA B 2 1  ? 1.30262   11.55247  -8.98501  1.000 306.12804 ? 108 DA B "C5'" 1 
ATOM 208 C "C4'" . DA B 2 1  ? 0.87846   11.97883  -7.59094  1.000 292.15601 ? 108 DA B "C4'" 1 
ATOM 209 O "O4'" . DA B 2 1  ? -0.26914  12.85266  -7.68495  1.000 283.05398 ? 108 DA B "O4'" 1 
ATOM 210 C "C3'" . DA B 2 1  ? 0.43232   10.84845  -6.67885  1.000 287.74385 ? 108 DA B "C3'" 1 
ATOM 211 O "O3'" . DA B 2 1  ? 1.55454   10.28509  -6.01460  1.000 289.70049 ? 108 DA B "O3'" 1 
ATOM 212 C "C2'" . DA B 2 1  ? -0.47669  11.57731  -5.69689  1.000 274.77322 ? 108 DA B "C2'" 1 
ATOM 213 C "C1'" . DA B 2 1  ? -1.13686  12.62476  -6.58669  1.000 272.10117 ? 108 DA B "C1'" 1 
ATOM 214 N N9    . DA B 2 1  ? -2.44580  12.22190  -7.09722  1.000 269.36812 ? 108 DA B N9    1 
ATOM 215 C C8    . DA B 2 1  ? -2.71197  11.52883  -8.24472  1.000 276.77683 ? 108 DA B C8    1 
ATOM 216 N N7    . DA B 2 1  ? -3.99331  11.31519  -8.45037  1.000 269.88840 ? 108 DA B N7    1 
ATOM 217 C C5    . DA B 2 1  ? -4.60512  11.90987  -7.35811  1.000 259.34670 ? 108 DA B C5    1 
ATOM 218 C C6    . DA B 2 1  ? -5.95512  12.03754  -6.96961  1.000 248.36296 ? 108 DA B C6    1 
ATOM 219 N N6    . DA B 2 1  ? -6.98007  11.54981  -7.67621  1.000 249.25048 ? 108 DA B N6    1 
ATOM 220 N N1    . DA B 2 1  ? -6.21077  12.69238  -5.81883  1.000 241.08826 ? 108 DA B N1    1 
ATOM 221 C C2    . DA B 2 1  ? -5.18777  13.17951  -5.11318  1.000 242.93125 ? 108 DA B C2    1 
ATOM 222 N N3    . DA B 2 1  ? -3.88938  13.12410  -5.37352  1.000 250.48895 ? 108 DA B N3    1 
ATOM 223 C C4    . DA B 2 1  ? -3.66227  12.47074  -6.51735  1.000 259.04844 ? 108 DA B C4    1 
ATOM 224 P P     . DC B 2 2  ? 2.06281   8.80514   -6.38690  1.000 281.33377 ? 109 DC B P     1 
ATOM 225 O OP1   . DC B 2 2  ? 3.13513   8.44961   -5.42988  1.000 282.97713 ? 109 DC B OP1   1 
ATOM 226 O OP2   . DC B 2 2  ? 2.35174   8.77497   -7.83633  1.000 290.08272 ? 109 DC B OP2   1 
ATOM 227 O "O5'" . DC B 2 2  ? 0.78405   7.87238   -6.13613  1.000 278.34780 ? 109 DC B "O5'" 1 
ATOM 228 C "C5'" . DC B 2 2  ? 0.61648   7.19787   -4.89091  1.000 274.78380 ? 109 DC B "C5'" 1 
ATOM 229 C "C4'" . DC B 2 2  ? -0.07085  8.09854   -3.88283  1.000 263.78534 ? 109 DC B "C4'" 1 
ATOM 230 O "O4'" . DC B 2 2  ? -1.11241  8.86162   -4.54817  1.000 259.29589 ? 109 DC B "O4'" 1 
ATOM 231 C "C3'" . DC B 2 2  ? -0.77410  7.37841   -2.74138  1.000 259.43480 ? 109 DC B "C3'" 1 
ATOM 232 O "O3'" . DC B 2 2  ? -0.78883  8.22312   -1.59386  1.000 251.50333 ? 109 DC B "O3'" 1 
ATOM 233 C "C2'" . DC B 2 2  ? -2.17591  7.19551   -3.31112  1.000 257.10010 ? 109 DC B "C2'" 1 
ATOM 234 C "C1'" . DC B 2 2  ? -2.36761  8.54564   -3.98089  1.000 253.34833 ? 109 DC B "C1'" 1 
ATOM 235 N N1    . DC B 2 2  ? -3.39068  8.55464   -5.06771  1.000 253.89638 ? 109 DC B N1    1 
ATOM 236 C C2    . DC B 2 2  ? -4.66466  9.09061   -4.82416  1.000 246.00915 ? 109 DC B C2    1 
ATOM 237 O O2    . DC B 2 2  ? -4.92497  9.54054   -3.70268  1.000 238.92419 ? 109 DC B O2    1 
ATOM 238 N N3    . DC B 2 2  ? -5.57644  9.09818   -5.82823  1.000 246.80054 ? 109 DC B N3    1 
ATOM 239 C C4    . DC B 2 2  ? -5.25327  8.60412   -7.02594  1.000 255.16728 ? 109 DC B C4    1 
ATOM 240 N N4    . DC B 2 2  ? -6.18259  8.63263   -7.98565  1.000 255.94409 ? 109 DC B N4    1 
ATOM 241 C C5    . DC B 2 2  ? -3.96207  8.05937   -7.29198  1.000 263.55165 ? 109 DC B C5    1 
ATOM 242 C C6    . DC B 2 2  ? -3.07150  8.05714   -6.29536  1.000 262.49969 ? 109 DC B C6    1 
ATOM 243 P P     . DA B 2 3  ? -0.61714  7.60414   -0.12065  1.000 251.66749 ? 110 DA B P     1 
ATOM 244 O OP1   . DA B 2 3  ? -0.00753  8.64091   0.74547   1.000 246.80985 ? 110 DA B OP1   1 
ATOM 245 O OP2   . DA B 2 3  ? 0.02389   6.27943   -0.26682  1.000 260.29605 ? 110 DA B OP2   1 
ATOM 246 O "O5'" . DA B 2 3  ? -2.11637  7.33665   0.35522   1.000 245.89121 ? 110 DA B "O5'" 1 
ATOM 247 C "C5'" . DA B 2 3  ? -3.14903  8.24162   -0.00293  1.000 239.65527 ? 110 DA B "C5'" 1 
ATOM 248 C "C4'" . DA B 2 3  ? -4.50389  7.59079   0.19489   1.000 237.28312 ? 110 DA B "C4'" 1 
ATOM 249 O "O4'" . DA B 2 3  ? -5.18958  7.48015   -1.08211  1.000 239.47260 ? 110 DA B "O4'" 1 
ATOM 250 C "C3'" . DA B 2 3  ? -4.45340  6.16396   0.76199   1.000 242.05768 ? 110 DA B "C3'" 1 
ATOM 251 O "O3'" . DA B 2 3  ? -5.50643  5.97983   1.67986   1.000 237.13769 ? 110 DA B "O3'" 1 
ATOM 252 C "C2'" . DA B 2 3  ? -4.66827  5.30607   -0.47804  1.000 249.04226 ? 110 DA B "C2'" 1 
ATOM 253 C "C1'" . DA B 2 3  ? -5.67869  6.16428   -1.20865  1.000 244.12921 ? 110 DA B "C1'" 1 
ATOM 254 N N9    . DA B 2 3  ? -5.84243  5.83914   -2.62229  1.000 249.81129 ? 110 DA B N9    1 
ATOM 255 C C8    . DA B 2 3  ? -4.93715  5.23709   -3.45392  1.000 258.67465 ? 110 DA B C8    1 
ATOM 256 N N7    . DA B 2 3  ? -5.37937  5.06550   -4.67954  1.000 262.68159 ? 110 DA B N7    1 
ATOM 257 C C5    . DA B 2 3  ? -6.66312  5.58535   -4.64281  1.000 255.68841 ? 110 DA B C5    1 
ATOM 258 C C6    . DA B 2 3  ? -7.67079  5.70839   -5.61999  1.000 255.58314 ? 110 DA B C6    1 
ATOM 259 N N6    . DA B 2 3  ? -7.52737  5.29224   -6.88288  1.000 263.24967 ? 110 DA B N6    1 
ATOM 260 N N1    . DA B 2 3  ? -8.83867  6.27369   -5.24380  1.000 247.71671 ? 110 DA B N1    1 
ATOM 261 C C2    . DA B 2 3  ? -8.97265  6.69087   -3.98243  1.000 240.76585 ? 110 DA B C2    1 
ATOM 262 N N3    . DA B 2 3  ? -8.10439  6.62706   -2.98228  1.000 240.25575 ? 110 DA B N3    1 
ATOM 263 C C4    . DA B 2 3  ? -6.96027  6.06088   -3.38148  1.000 247.82332 ? 110 DA B C4    1 
ATOM 264 P P     . DC B 2 4  ? -5.23606  6.10393   3.25539   1.000 222.74352 ? 111 DC B P     1 
ATOM 265 O OP1   . DC B 2 4  ? -6.55092  6.21675   3.91890   1.000 217.11671 ? 111 DC B OP1   1 
ATOM 266 O OP2   . DC B 2 4  ? -4.20719  7.14708   3.45721   1.000 220.70603 ? 111 DC B OP2   1 
ATOM 267 O "O5'" . DC B 2 4  ? -4.63427  4.68613   3.67009   1.000 230.15729 ? 111 DC B "O5'" 1 
ATOM 268 C "C5'" . DC B 2 4  ? -4.66566  4.30691   5.03176   1.000 229.03402 ? 111 DC B "C5'" 1 
ATOM 269 C "C4'" . DC B 2 4  ? -3.59749  3.28062   5.34309   1.000 236.52637 ? 111 DC B "C4'" 1 
ATOM 270 O "O4'" . DC B 2 4  ? -2.35412  3.65789   4.69784   1.000 239.70664 ? 111 DC B "O4'" 1 
ATOM 271 C "C3'" . DC B 2 4  ? -3.28165  3.13256   6.82792   1.000 235.45127 ? 111 DC B "C3'" 1 
ATOM 272 O "O3'" . DC B 2 4  ? -3.16656  1.76169   7.17147   1.000 242.27911 ? 111 DC B "O3'" 1 
ATOM 273 C "C2'" . DC B 2 4  ? -1.95855  3.88395   6.99419   1.000 235.24683 ? 111 DC B "C2'" 1 
ATOM 274 C "C1'" . DC B 2 4  ? -1.30204  3.67115   5.64116   1.000 240.87609 ? 111 DC B "C1'" 1 
ATOM 275 N N1    . DC B 2 4  ? -0.33253  4.75155   5.23280   1.000 239.65384 ? 111 DC B N1    1 
ATOM 276 C C2    . DC B 2 4  ? 0.78327   5.08088   6.03756   1.000 240.03000 ? 111 DC B C2    1 
ATOM 277 O O2    . DC B 2 4  ? 0.97174   4.48762   7.11061   1.000 241.23200 ? 111 DC B O2    1 
ATOM 278 N N3    . DC B 2 4  ? 1.62817   6.05622   5.60636   1.000 239.43812 ? 111 DC B N3    1 
ATOM 279 C C4    . DC B 2 4  ? 1.39912   6.67717   4.44473   1.000 238.71622 ? 111 DC B C4    1 
ATOM 280 N N4    . DC B 2 4  ? 2.25408   7.62823   4.05680   1.000 238.77032 ? 111 DC B N4    1 
ATOM 281 C C5    . DC B 2 4  ? 0.28607   6.34926   3.62482   1.000 238.35787 ? 111 DC B C5    1 
ATOM 282 C C6    . DC B 2 4  ? -0.53999  5.39613   4.05136   1.000 238.75147 ? 111 DC B C6    1 
ATOM 283 P P     . DC B 2 5  ? -4.41039  0.99944   7.84911   1.000 255.02380 ? 112 DC B P     1 
ATOM 284 O OP1   . DC B 2 5  ? -4.20876  -0.45904  7.69093   1.000 263.89857 ? 112 DC B OP1   1 
ATOM 285 O OP2   . DC B 2 5  ? -5.64395  1.63351   7.33589   1.000 249.19174 ? 112 DC B OP2   1 
ATOM 286 O "O5'" . DC B 2 5  ? -4.31563  1.39791   9.39346   1.000 251.21067 ? 112 DC B "O5'" 1 
ATOM 287 C "C5'" . DC B 2 5  ? -3.05567  1.47869   10.03525  1.000 253.28113 ? 112 DC B "C5'" 1 
ATOM 288 C "C4'" . DC B 2 5  ? -3.04245  2.62072   11.03563  1.000 246.44884 ? 112 DC B "C4'" 1 
ATOM 289 O "O4'" . DC B 2 5  ? -2.49215  3.81580   10.41533  1.000 242.44645 ? 112 DC B "O4'" 1 
ATOM 290 C "C3'" . DC B 2 5  ? -4.41497  3.02678   11.57546  1.000 240.70617 ? 112 DC B "C3'" 1 
ATOM 291 O "O3'" . DC B 2 5  ? -4.30152  3.35309   12.95473  1.000 238.72054 ? 112 DC B "O3'" 1 
ATOM 292 C "C2'" . DC B 2 5  ? -4.75118  4.26048   10.73548  1.000 234.39711 ? 112 DC B "C2'" 1 
ATOM 293 C "C1'" . DC B 2 5  ? -3.37771  4.89682   10.61729  1.000 234.81860 ? 112 DC B "C1'" 1 
ATOM 294 N N1    . DC B 2 5  ? -3.22717  5.85019   9.47124   1.000 231.94735 ? 112 DC B N1    1 
ATOM 295 C C2    . DC B 2 5  ? -2.09197  6.66665   9.40256   1.000 231.48731 ? 112 DC B C2    1 
ATOM 296 O O2    . DC B 2 5  ? -1.24245  6.59300   10.29825  1.000 233.15377 ? 112 DC B O2    1 
ATOM 297 N N3    . DC B 2 5  ? -1.95654  7.51645   8.35594   1.000 229.61469 ? 112 DC B N3    1 
ATOM 298 C C4    . DC B 2 5  ? -2.89455  7.56719   7.40965   1.000 228.13409 ? 112 DC B C4    1 
ATOM 299 N N4    . DC B 2 5  ? -2.71311  8.42121   6.39675   1.000 226.83576 ? 112 DC B N4    1 
ATOM 300 C C5    . DC B 2 5  ? -4.05819  6.74389   7.45973   1.000 228.34359 ? 112 DC B C5    1 
ATOM 301 C C6    . DC B 2 5  ? -4.18635  5.91314   8.50153   1.000 230.28217 ? 112 DC B C6    1 
ATOM 302 P P     . DG B 2 6  ? -5.25596  2.65507   14.04185  1.000 255.71953 ? 113 DG B P     1 
ATOM 303 O OP1   . DG B 2 6  ? -5.00233  1.19707   13.97726  1.000 263.86634 ? 113 DG B OP1   1 
ATOM 304 O OP2   . DG B 2 6  ? -6.62611  3.17319   13.82519  1.000 250.40337 ? 113 DG B OP2   1 
ATOM 305 O "O5'" . DG B 2 6  ? -4.71382  3.21683   15.44282  1.000 254.17032 ? 113 DG B "O5'" 1 
ATOM 306 C "C5'" . DG B 2 6  ? -3.46955  2.74647   15.96106  1.000 259.19779 ? 113 DG B "C5'" 1 
ATOM 307 C "C4'" . DG B 2 6  ? -2.49041  3.88980   16.20281  1.000 255.69420 ? 113 DG B "C4'" 1 
ATOM 308 O "O4'" . DG B 2 6  ? -2.41111  4.74760   15.03375  1.000 251.64089 ? 113 DG B "O4'" 1 
ATOM 309 C "C3'" . DG B 2 6  ? -2.82849  4.81919   17.35830  1.000 251.04001 ? 113 DG B "C3'" 1 
ATOM 310 O "O3'" . DG B 2 6  ? -1.61384  5.32666   17.89610  1.000 251.57599 ? 113 DG B "O3'" 1 
ATOM 311 C "C2'" . DG B 2 6  ? -3.63955  5.91390   16.66084  1.000 244.04732 ? 113 DG B "C2'" 1 
ATOM 312 C "C1'" . DG B 2 6  ? -2.86031  6.05477   15.36167  1.000 244.70482 ? 113 DG B "C1'" 1 
ATOM 313 N N9    . DG B 2 6  ? -3.63580  6.53802   14.22585  1.000 240.81546 ? 113 DG B N9    1 
ATOM 314 C C8    . DG B 2 6  ? -4.85863  6.07841   13.80033  1.000 240.19988 ? 113 DG B C8    1 
ATOM 315 N N7    . DG B 2 6  ? -5.28930  6.67293   12.72334  1.000 236.81387 ? 113 DG B N7    1 
ATOM 316 C C5    . DG B 2 6  ? -4.27992  7.57090   12.40333  1.000 235.34281 ? 113 DG B C5    1 
ATOM 317 C C6    . DG B 2 6  ? -4.18274  8.48872   11.33099  1.000 232.35264 ? 113 DG B C6    1 
ATOM 318 O O6    . DG B 2 6  ? -5.00344  8.69566   10.42567  1.000 230.16191 ? 113 DG B O6    1 
ATOM 319 N N1    . DG B 2 6  ? -2.99351  9.21046   11.37446  1.000 232.43129 ? 113 DG B N1    1 
ATOM 320 C C2    . DG B 2 6  ? -2.01640  9.06230   12.33175  1.000 234.91719 ? 113 DG B C2    1 
ATOM 321 N N2    . DG B 2 6  ? -0.93509  9.84661   12.21138  1.000 234.87939 ? 113 DG B N2    1 
ATOM 322 N N3    . DG B 2 6  ? -2.09484  8.20169   13.34125  1.000 237.65900 ? 113 DG B N3    1 
ATOM 323 C C4    . DG B 2 6  ? -3.24911  7.49168   13.31203  1.000 237.78412 ? 113 DG B C4    1 
ATOM 324 P P     . DT B 2 7  ? -1.58483  6.09467   19.30525  1.000 273.67774 ? 114 DT B P     1 
ATOM 325 O OP1   . DT B 2 7  ? -0.81444  5.25112   20.24476  1.000 281.95312 ? 114 DT B OP1   1 
ATOM 326 O OP2   . DT B 2 7  ? -2.96194  6.49838   19.66823  1.000 269.55331 ? 114 DT B OP2   1 
ATOM 327 O "O5'" . DT B 2 7  ? -0.73888  7.41067   18.97851  1.000 269.61669 ? 114 DT B "O5'" 1 
ATOM 328 C "C5'" . DT B 2 7  ? -0.70012  7.90826   17.64734  1.000 269.15049 ? 114 DT B "C5'" 1 
ATOM 329 C "C4'" . DT B 2 7  ? -1.23512  9.32552   17.58835  1.000 262.68691 ? 114 DT B "C4'" 1 
ATOM 330 O "O4'" . DT B 2 7  ? -1.95348  9.51187   16.35572  1.000 258.71629 ? 114 DT B "O4'" 1 
ATOM 331 C "C3'" . DT B 2 7  ? -2.22419  9.69396   18.70263  1.000 259.23683 ? 114 DT B "C3'" 1 
ATOM 332 O "O3'" . DT B 2 7  ? -1.60583  10.57243  19.64207  1.000 261.16328 ? 114 DT B "O3'" 1 
ATOM 333 C "C2'" . DT B 2 7  ? -3.39365  10.38121  17.97319  1.000 252.86694 ? 114 DT B "C2'" 1 
ATOM 334 C "C1'" . DT B 2 7  ? -2.87346  10.54658  16.54672  1.000 252.50864 ? 114 DT B "C1'" 1 
ATOM 335 N N1    . DT B 2 7  ? -3.93697  10.43984  15.50730  1.000 249.18633 ? 114 DT B N1    1 
ATOM 336 C C2    . DT B 2 7  ? -3.88293  11.25893  14.40048  1.000 246.23180 ? 114 DT B C2    1 
ATOM 337 O O2    . DT B 2 7  ? -2.99573  12.07445  14.21346  1.000 246.00023 ? 114 DT B O2    1 
ATOM 338 N N3    . DT B 2 7  ? -4.91107  11.08615  13.51086  1.000 244.57747 ? 114 DT B N3    1 
ATOM 339 C C4    . DT B 2 7  ? -5.96684  10.19644  13.61597  1.000 245.53867 ? 114 DT B C4    1 
ATOM 340 O O4    . DT B 2 7  ? -6.84494  10.11561  12.76155  1.000 244.07295 ? 114 DT B O4    1 
ATOM 341 C C5    . DT B 2 7  ? -5.96363  9.36929   14.80099  1.000 248.83491 ? 114 DT B C5    1 
ATOM 342 C C7    . DT B 2 7  ? -7.05868  8.36838   15.02502  1.000 250.79307 ? 114 DT B C7    1 
ATOM 343 C C6    . DT B 2 7  ? -4.96124  9.52948   15.67899  1.000 250.49265 ? 114 DT B C6    1 
ATOM 344 O "O5'" . DT C 3 1  ? 16.87828  -22.87197 2.07127   1.000 365.58897 ? 100 DT C "O5'" 1 
ATOM 345 C "C5'" . DT C 3 1  ? 17.42819  -22.03338 1.06260   1.000 365.51251 ? 100 DT C "C5'" 1 
ATOM 346 C "C4'" . DT C 3 1  ? 17.94706  -20.73932 1.66128   1.000 358.43786 ? 100 DT C "C4'" 1 
ATOM 347 O "O4'" . DT C 3 1  ? 18.68833  -20.00864 0.66021   1.000 360.69699 ? 100 DT C "O4'" 1 
ATOM 348 C "C3'" . DT C 3 1  ? 16.86216  -19.77688 2.16663   1.000 345.74552 ? 100 DT C "C3'" 1 
ATOM 349 O "O3'" . DT C 3 1  ? 16.90347  -19.68515 3.59680   1.000 342.03879 ? 100 DT C "O3'" 1 
ATOM 350 C "C2'" . DT C 3 1  ? 17.19701  -18.43540 1.49934   1.000 341.42092 ? 100 DT C "C2'" 1 
ATOM 351 C "C1'" . DT C 3 1  ? 18.60714  -18.64680 0.97105   1.000 351.47582 ? 100 DT C "C1'" 1 
ATOM 352 N N1    . DT C 3 1  ? 18.87781  -17.85232 -0.24994  1.000 351.95836 ? 100 DT C N1    1 
ATOM 353 C C2    . DT C 3 1  ? 19.99632  -17.05452 -0.30379  1.000 354.25391 ? 100 DT C C2    1 
ATOM 354 O O2    . DT C 3 1  ? 20.80590  -16.97557 0.60259   1.000 356.12570 ? 100 DT C O2    1 
ATOM 355 N N3    . DT C 3 1  ? 20.13534  -16.34615 -1.46649  1.000 354.87665 ? 100 DT C N3    1 
ATOM 356 C C4    . DT C 3 1  ? 19.28422  -16.35429 -2.55612  1.000 353.35361 ? 100 DT C C4    1 
ATOM 357 O O4    . DT C 3 1  ? 19.49633  -15.68137 -3.55911  1.000 354.49154 ? 100 DT C O4    1 
ATOM 358 C C5    . DT C 3 1  ? 18.12494  -17.20458 -2.42667  1.000 350.89357 ? 100 DT C C5    1 
ATOM 359 C C7    . DT C 3 1  ? 17.12356  -17.28971 -3.53629  1.000 349.62461 ? 100 DT C C7    1 
ATOM 360 C C6    . DT C 3 1  ? 17.97876  -17.90079 -1.29296  1.000 350.35497 ? 100 DT C C6    1 
ATOM 361 P P     . DC C 3 2  ? 16.13260  -18.50300 4.37582   1.000 340.50411 ? 101 DC C P     1 
ATOM 362 O OP1   . DC C 3 2  ? 15.88916  -18.98398 5.75388   1.000 339.33033 ? 101 DC C OP1   1 
ATOM 363 O OP2   . DC C 3 2  ? 14.98384  -18.04197 3.56357   1.000 334.37579 ? 101 DC C OP2   1 
ATOM 364 O "O5'" . DC C 3 2  ? 17.21121  -17.32152 4.44102   1.000 339.32102 ? 101 DC C "O5'" 1 
ATOM 365 C "C5'" . DC C 3 2  ? 18.49887  -17.57381 4.99486   1.000 346.22148 ? 101 DC C "C5'" 1 
ATOM 366 C "C4'" . DC C 3 2  ? 19.43719  -16.39768 4.77549   1.000 345.79431 ? 101 DC C "C4'" 1 
ATOM 367 O "O4'" . DC C 3 2  ? 19.57185  -16.12816 3.35557   1.000 348.27893 ? 101 DC C "O4'" 1 
ATOM 368 C "C3'" . DC C 3 2  ? 18.99709  -15.07922 5.42128   1.000 335.76425 ? 101 DC C "C3'" 1 
ATOM 369 O "O3'" . DC C 3 2  ? 20.07279  -14.52058 6.15918   1.000 337.90731 ? 101 DC C "O3'" 1 
ATOM 370 C "C2'" . DC C 3 2  ? 18.62506  -14.19789 4.22904   1.000 332.11807 ? 101 DC C "C2'" 1 
ATOM 371 C "C1'" . DC C 3 2  ? 19.55096  -14.73654 3.15492   1.000 341.99930 ? 101 DC C "C1'" 1 
ATOM 372 N N1    . DC C 3 2  ? 19.07660  -14.45825 1.77146   1.000 341.33590 ? 101 DC C N1    1 
ATOM 373 C C2    . DC C 3 2  ? 19.75021  -13.51845 0.98128   1.000 343.01516 ? 101 DC C C2    1 
ATOM 374 O O2    . DC C 3 2  ? 20.73605  -12.93418 1.44623   1.000 345.17667 ? 101 DC C O2    1 
ATOM 375 N N3    . DC C 3 2  ? 19.29859  -13.27304 -0.27372  1.000 342.74099 ? 101 DC C N3    1 
ATOM 376 C C4    . DC C 3 2  ? 18.22876  -13.92191 -0.73631  1.000 340.91363 ? 101 DC C C4    1 
ATOM 377 N N4    . DC C 3 2  ? 17.82132  -13.65103 -1.98017  1.000 341.16324 ? 101 DC C N4    1 
ATOM 378 C C5    . DC C 3 2  ? 17.52981  -14.87978 0.05463   1.000 339.35727 ? 101 DC C C5    1 
ATOM 379 C C6    . DC C 3 2  ? 17.98328  -15.11335 1.28986   1.000 339.60330 ? 101 DC C C6    1 
ATOM 380 P P     . DT C 3 3  ? 19.83534  -13.21144 7.05819   1.000 356.15393 ? 102 DT C P     1 
ATOM 381 O OP1   . DT C 3 3  ? 20.71473  -13.31516 8.24400   1.000 366.21237 ? 102 DT C OP1   1 
ATOM 382 O OP2   . DT C 3 3  ? 18.37307  -13.05642 7.23025   1.000 346.69393 ? 102 DT C OP2   1 
ATOM 383 O "O5'" . DT C 3 3  ? 20.35296  -12.00858 6.13763   1.000 353.99350 ? 102 DT C "O5'" 1 
ATOM 384 C "C5'" . DT C 3 3  ? 21.75231  -11.76866 5.99402   1.000 363.39802 ? 102 DT C "C5'" 1 
ATOM 385 C "C4'" . DT C 3 3  ? 22.00712  -10.47952 5.22976   1.000 359.58915 ? 102 DT C "C4'" 1 
ATOM 386 O "O4'" . DT C 3 3  ? 21.49829  -10.61224 3.86899   1.000 351.91856 ? 102 DT C "O4'" 1 
ATOM 387 C "C3'" . DT C 3 3  ? 21.32161  -9.23319  5.81019   1.000 353.50002 ? 102 DT C "C3'" 1 
ATOM 388 O "O3'" . DT C 3 3  ? 22.20539  -8.07798  5.72761   1.000 356.96171 ? 102 DT C "O3'" 1 
ATOM 389 C "C2'" . DT C 3 3  ? 20.10034  -9.08447  4.89988   1.000 341.25786 ? 102 DT C "C2'" 1 
ATOM 390 C "C1'" . DT C 3 3  ? 20.72475  -9.47413  3.57516   1.000 342.51842 ? 102 DT C "C1'" 1 
ATOM 391 N N1    . DT C 3 3  ? 19.75539  -9.77689  2.47739   1.000 333.48004 ? 102 DT C N1    1 
ATOM 392 C C2    . DT C 3 3  ? 19.87766  -9.10600  1.27999   1.000 329.38649 ? 102 DT C C2    1 
ATOM 393 O O2    . DT C 3 3  ? 20.73928  -8.27169  1.06697   1.000 332.50396 ? 102 DT C O2    1 
ATOM 394 N N3    . DT C 3 3  ? 18.95348  -9.44981  0.33243   1.000 326.62941 ? 102 DT C N3    1 
ATOM 395 C C4    . DT C 3 3  ? 17.93714  -10.37558 0.45736   1.000 323.89683 ? 102 DT C C4    1 
ATOM 396 O O4    . DT C 3 3  ? 17.15285  -10.61571 -0.45501  1.000 323.03230 ? 102 DT C O4    1 
ATOM 397 C C5    . DT C 3 3  ? 17.86032  -11.03980 1.73734   1.000 322.91743 ? 102 DT C C5    1 
ATOM 398 C C7    . DT C 3 3  ? 16.79300  -12.05931 1.98942   1.000 320.47877 ? 102 DT C C7    1 
ATOM 399 C C6    . DT C 3 3  ? 18.76340  -10.71300 2.67620   1.000 329.97387 ? 102 DT C C6    1 
ATOM 400 P P     . DG C 3 4  ? 21.60324  -6.63742  5.33099   1.000 348.58204 ? 103 DG C P     1 
ATOM 401 O OP1   . DG C 3 4  ? 20.48132  -6.36473  6.25688   1.000 341.71709 ? 103 DG C OP1   1 
ATOM 402 O OP2   . DG C 3 4  ? 21.46106  -6.61724  3.85890   1.000 343.86297 ? 103 DG C OP2   1 
ATOM 403 O "O5'" . DG C 3 4  ? 22.74145  -5.55983  5.64449   1.000 357.15013 ? 103 DG C "O5'" 1 
ATOM 404 C "C5'" . DG C 3 4  ? 22.35668  -4.19462  5.93543   1.000 348.60008 ? 103 DG C "C5'" 1 
ATOM 405 C "C4'" . DG C 3 4  ? 22.17126  -3.34721  4.66986   1.000 339.94875 ? 103 DG C "C4'" 1 
ATOM 406 O "O4'" . DG C 3 4  ? 21.50604  -4.11252  3.62638   1.000 334.33562 ? 103 DG C "O4'" 1 
ATOM 407 C "C3'" . DG C 3 4  ? 21.31685  -2.09543  4.85638   1.000 329.94446 ? 103 DG C "C3'" 1 
ATOM 408 O "O3'" . DG C 3 4  ? 21.76901  -1.05319  3.99095   1.000 327.49274 ? 103 DG C "O3'" 1 
ATOM 409 C "C2'" . DG C 3 4  ? 19.92681  -2.58482  4.46218   1.000 320.09292 ? 103 DG C "C2'" 1 
ATOM 410 C "C1'" . DG C 3 4  ? 20.25044  -3.53184  3.31354   1.000 321.45818 ? 103 DG C "C1'" 1 
ATOM 411 N N9    . DG C 3 4  ? 19.26205  -4.60331  3.14961   1.000 317.18194 ? 103 DG C N9    1 
ATOM 412 C C8    . DG C 3 4  ? 18.84565  -5.48860  4.11051   1.000 319.97719 ? 103 DG C C8    1 
ATOM 413 N N7    . DG C 3 4  ? 17.95852  -6.34174  3.69229   1.000 315.15115 ? 103 DG C N7    1 
ATOM 414 C C5    . DG C 3 4  ? 17.74911  -5.99150  2.36946   1.000 308.90964 ? 103 DG C C5    1 
ATOM 415 C C6    . DG C 3 4  ? 16.88340  -6.56051  1.41052   1.000 304.64754 ? 103 DG C C6    1 
ATOM 416 O O6    . DG C 3 4  ? 16.10915  -7.51754  1.55091   1.000 303.00840 ? 103 DG C O6    1 
ATOM 417 N N1    . DG C 3 4  ? 16.97417  -5.90948  0.18580   1.000 306.45814 ? 103 DG C N1    1 
ATOM 418 C C2    . DG C 3 4  ? 17.79769  -4.83910  -0.07881  1.000 309.02696 ? 103 DG C C2    1 
ATOM 419 N N2    . DG C 3 4  ? 17.74551  -4.34291  -1.32272  1.000 310.99395 ? 103 DG C N2    1 
ATOM 420 N N3    . DG C 3 4  ? 18.61776  -4.29368  0.81414   1.000 310.17975 ? 103 DG C N3    1 
ATOM 421 C C4    . DG C 3 4  ? 18.54110  -4.91956  2.01412   1.000 309.90862 ? 103 DG C C4    1 
ATOM 422 P P     . DA C 3 5  ? 21.14037  0.42511   4.09993   1.000 330.46275 ? 104 DA C P     1 
ATOM 423 O OP1   . DA C 3 5  ? 22.25877  1.39084   4.02421   1.000 339.16688 ? 104 DA C OP1   1 
ATOM 424 O OP2   . DA C 3 5  ? 20.22267  0.46105   5.25930   1.000 325.21546 ? 104 DA C OP2   1 
ATOM 425 O "O5'" . DA C 3 5  ? 20.26085  0.57119   2.77223   1.000 321.44990 ? 104 DA C "O5'" 1 
ATOM 426 C "C5'" . DA C 3 5  ? 20.90524  0.73188   1.51505   1.000 331.53532 ? 104 DA C "C5'" 1 
ATOM 427 C "C4'" . DA C 3 5  ? 19.89288  0.84189   0.38852   1.000 326.63600 ? 104 DA C "C4'" 1 
ATOM 428 O "O4'" . DA C 3 5  ? 19.09664  -0.37117  0.31572   1.000 320.84397 ? 104 DA C "O4'" 1 
ATOM 429 C "C3'" . DA C 3 5  ? 18.89546  1.99013   0.51021   1.000 317.94851 ? 104 DA C "C3'" 1 
ATOM 430 O "O3'" . DA C 3 5  ? 18.63810  2.51110   -0.78807  1.000 320.42008 ? 104 DA C "O3'" 1 
ATOM 431 C "C2'" . DA C 3 5  ? 17.66307  1.29896   1.09801   1.000 306.24763 ? 104 DA C "C2'" 1 
ATOM 432 C "C1'" . DA C 3 5  ? 17.72380  -0.04454  0.39053   1.000 309.40676 ? 104 DA C "C1'" 1 
ATOM 433 N N9    . DA C 3 5  ? 17.04464  -1.12806  1.09392   1.000 304.54848 ? 104 DA C N9    1 
ATOM 434 C C8    . DA C 3 5  ? 17.28455  -1.55817  2.36900   1.000 303.53471 ? 104 DA C C8    1 
ATOM 435 N N7    . DA C 3 5  ? 16.53761  -2.57179  2.73455   1.000 300.49605 ? 104 DA C N7    1 
ATOM 436 C C5    . DA C 3 5  ? 15.76020  -2.83218  1.61846   1.000 299.31596 ? 104 DA C C5    1 
ATOM 437 C C6    . DA C 3 5  ? 14.76298  -3.79280  1.36361   1.000 296.85377 ? 104 DA C C6    1 
ATOM 438 N N6    . DA C 3 5  ? 14.37569  -4.69916  2.26448   1.000 294.92944 ? 104 DA C N6    1 
ATOM 439 N N1    . DA C 3 5  ? 14.17690  -3.78385  0.14476   1.000 297.01600 ? 104 DA C N1    1 
ATOM 440 C C2    . DA C 3 5  ? 14.57727  -2.87218  -0.75120  1.000 299.42999 ? 104 DA C C2    1 
ATOM 441 N N3    . DA C 3 5  ? 15.50427  -1.92077  -0.62566  1.000 302.00876 ? 104 DA C N3    1 
ATOM 442 C C4    . DA C 3 5  ? 16.06289  -1.95632  0.59533   1.000 301.80436 ? 104 DA C C4    1 
ATOM 443 P P     . DC C 3 6  ? 17.87429  3.90998   -0.98632  1.000 312.00488 ? 105 DC C P     1 
ATOM 444 O OP1   . DC C 3 6  ? 18.81048  4.84130   -1.65339  1.000 322.66977 ? 105 DC C OP1   1 
ATOM 445 O OP2   . DC C 3 6  ? 17.24320  4.29658   0.29424   1.000 302.65985 ? 105 DC C OP2   1 
ATOM 446 O "O5'" . DC C 3 6  ? 16.70877  3.54515   -2.01484  1.000 308.93297 ? 105 DC C "O5'" 1 
ATOM 447 C "C5'" . DC C 3 6  ? 16.12559  2.24989   -1.97898  1.000 304.30729 ? 105 DC C "C5'" 1 
ATOM 448 C "C4'" . DC C 3 6  ? 14.83343  2.21598   -2.76627  1.000 298.91754 ? 105 DC C "C4'" 1 
ATOM 449 O "O4'" . DC C 3 6  ? 14.03969  1.08312   -2.33046  1.000 293.84543 ? 105 DC C "O4'" 1 
ATOM 450 C "C3'" . DC C 3 6  ? 13.94075  3.42868   -2.57641  1.000 293.63116 ? 105 DC C "C3'" 1 
ATOM 451 O "O3'" . DC C 3 6  ? 13.13757  3.62140   -3.73388  1.000 293.39536 ? 105 DC C "O3'" 1 
ATOM 452 C "C2'" . DC C 3 6  ? 13.10554  3.02908   -1.36515  1.000 286.77539 ? 105 DC C "C2'" 1 
ATOM 453 C "C1'" . DC C 3 6  ? 12.92367  1.52869   -1.58065  1.000 286.95442 ? 105 DC C "C1'" 1 
ATOM 454 N N1    . DC C 3 6  ? 12.87651  0.74669   -0.31162  1.000 284.13953 ? 105 DC C N1    1 
ATOM 455 C C2    . DC C 3 6  ? 12.00438  -0.34286  -0.19983  1.000 281.29883 ? 105 DC C C2    1 
ATOM 456 O O2    . DC C 3 6  ? 11.27574  -0.63473  -1.15525  1.000 281.11880 ? 105 DC C O2    1 
ATOM 457 N N3    . DC C 3 6  ? 11.97594  -1.04669  0.96014   1.000 279.33354 ? 105 DC C N3    1 
ATOM 458 C C4    . DC C 3 6  ? 12.77729  -0.70011  1.97125   1.000 280.00476 ? 105 DC C C4    1 
ATOM 459 N N4    . DC C 3 6  ? 12.71621  -1.42465  3.09487   1.000 278.39616 ? 105 DC C N4    1 
ATOM 460 C C5    . DC C 3 6  ? 13.67508  0.40535   1.87424   1.000 282.95605 ? 105 DC C C5    1 
ATOM 461 C C6    . DC C 3 6  ? 13.69162  1.09243   0.72637   1.000 284.99144 ? 105 DC C C6    1 
ATOM 462 P P     . DT C 3 7  ? 12.19894  4.91929   -3.87347  1.000 293.90553 ? 106 DT C P     1 
ATOM 463 O OP1   . DT C 3 7  ? 12.42048  5.48267   -5.22299  1.000 302.17952 ? 106 DT C OP1   1 
ATOM 464 O OP2   . DT C 3 7  ? 12.40395  5.78481   -2.69047  1.000 290.57022 ? 106 DT C OP2   1 
ATOM 465 O "O5'" . DT C 3 7  ? 10.72076  4.31467   -3.80737  1.000 288.40354 ? 106 DT C "O5'" 1 
ATOM 466 C "C5'" . DT C 3 7  ? 10.37851  3.20203   -4.62715  1.000 288.28597 ? 106 DT C "C5'" 1 
ATOM 467 C "C4'" . DT C 3 7  ? 9.07499   2.56659   -4.17449  1.000 280.84845 ? 106 DT C "C4'" 1 
ATOM 468 O "O4'" . DT C 3 7  ? 9.27392   1.86683   -2.91465  1.000 275.74919 ? 106 DT C "O4'" 1 
ATOM 469 C "C3'" . DT C 3 7  ? 7.92323   3.54183   -3.93065  1.000 276.62650 ? 106 DT C "C3'" 1 
ATOM 470 O "O3'" . DT C 3 7  ? 6.71048   2.95352   -4.36851  1.000 274.50104 ? 106 DT C "O3'" 1 
ATOM 471 C "C2'" . DT C 3 7  ? 7.94171   3.70158   -2.41240  1.000 270.47311 ? 106 DT C "C2'" 1 
ATOM 472 C "C1'" . DT C 3 7  ? 8.28496   2.28323   -1.99902  1.000 269.32883 ? 106 DT C "C1'" 1 
ATOM 473 N N1    . DT C 3 7  ? 8.82719   2.15155   -0.61402  1.000 267.74005 ? 106 DT C N1    1 
ATOM 474 C C2    . DT C 3 7  ? 8.36607   1.13230   0.18579   1.000 265.06098 ? 106 DT C C2    1 
ATOM 475 O O2    . DT C 3 7  ? 7.52459   0.32933   -0.17629  1.000 264.01215 ? 106 DT C O2    1 
ATOM 476 N N3    . DT C 3 7  ? 8.92564   1.08437   1.43321   1.000 264.21254 ? 106 DT C N3    1 
ATOM 477 C C4    . DT C 3 7  ? 9.88324   1.93625   1.95157   1.000 265.87145 ? 106 DT C C4    1 
ATOM 478 O O4    . DT C 3 7  ? 10.32469  1.81061   3.08901   1.000 265.34469 ? 106 DT C O4    1 
ATOM 479 C C5    . DT C 3 7  ? 10.32668  2.98371   1.06102   1.000 268.86813 ? 106 DT C C5    1 
ATOM 480 C C7    . DT C 3 7  ? 11.36153  3.97065   1.51556   1.000 271.69839 ? 106 DT C C7    1 
ATOM 481 C C6    . DT C 3 7  ? 9.78392   3.03985   -0.16598  1.000 269.61405 ? 106 DT C C6    1 
ATOM 482 P P     . DG C 3 8  ? 5.47757   3.87587   -4.82553  1.000 267.83743 ? 107 DG C P     1 
ATOM 483 O OP1   . DG C 3 8  ? 5.73095   4.30066   -6.22081  1.000 272.50101 ? 107 DG C OP1   1 
ATOM 484 O OP2   . DG C 3 8  ? 5.25585   4.89108   -3.77026  1.000 264.74349 ? 107 DG C OP2   1 
ATOM 485 O "O5'" . DG C 3 8  ? 4.23142   2.87338   -4.80809  1.000 265.23800 ? 107 DG C "O5'" 1 
ATOM 486 C "C5'" . DG C 3 8  ? 4.42758   1.50227   -4.46732  1.000 265.16544 ? 107 DG C "C5'" 1 
ATOM 487 C "C4'" . DG C 3 8  ? 3.35838   1.02432   -3.49849  1.000 260.91224 ? 107 DG C "C4'" 1 
ATOM 488 O "O4'" . DG C 3 8  ? 3.92845   0.86550   -2.17167  1.000 258.70854 ? 107 DG C "O4'" 1 
ATOM 489 C "C3'" . DG C 3 8  ? 2.16343   1.95629   -3.33717  1.000 258.21680 ? 107 DG C "C3'" 1 
ATOM 490 O "O3'" . DG C 3 8  ? 0.98201   1.18586   -3.18121  1.000 256.78055 ? 107 DG C "O3'" 1 
ATOM 491 C "C2'" . DG C 3 8  ? 2.50452   2.74052   -2.06786  1.000 255.44738 ? 107 DG C "C2'" 1 
ATOM 492 C "C1'" . DG C 3 8  ? 3.26379   1.70524   -1.24678  1.000 255.03379 ? 107 DG C "C1'" 1 
ATOM 493 N N9    . DG C 3 8  ? 4.27233   2.28545   -0.36542  1.000 254.69770 ? 107 DG C N9    1 
ATOM 494 C C8    . DG C 3 8  ? 5.14690   3.30111   -0.66869  1.000 256.92245 ? 107 DG C C8    1 
ATOM 495 N N7    . DG C 3 8  ? 5.94784   3.60898   0.31262   1.000 256.66402 ? 107 DG C N7    1 
ATOM 496 C C5    . DG C 3 8  ? 5.58747   2.73555   1.33103   1.000 253.93333 ? 107 DG C C5    1 
ATOM 497 C C6    . DG C 3 8  ? 6.11003   2.59840   2.63832   1.000 252.83257 ? 107 DG C C6    1 
ATOM 498 O O6    . DG C 3 8  ? 7.02395   3.24318   3.17041   1.000 254.13008 ? 107 DG C O6    1 
ATOM 499 N N1    . DG C 3 8  ? 5.46080   1.59178   3.34904   1.000 250.54527 ? 107 DG C N1    1 
ATOM 500 C C2    . DG C 3 8  ? 4.43489   0.81815   2.85654   1.000 249.67575 ? 107 DG C C2    1 
ATOM 501 N N2    . DG C 3 8  ? 3.93045   -0.10609  3.68527   1.000 248.14499 ? 107 DG C N2    1 
ATOM 502 N N3    . DG C 3 8  ? 3.93791   0.93713   1.63087   1.000 250.79773 ? 107 DG C N3    1 
ATOM 503 C C4    . DG C 3 8  ? 4.56040   1.91349   0.92739   1.000 252.77984 ? 107 DG C C4    1 
ATOM 504 P P     . DT C 3 9  ? -0.46842  1.86694   -3.30708  1.000 258.16864 ? 108 DT C P     1 
ATOM 505 O OP1   . DT C 3 9  ? -1.19190  1.17591   -4.39757  1.000 260.82729 ? 108 DT C OP1   1 
ATOM 506 O OP2   . DT C 3 9  ? -0.30375  3.33725   -3.34993  1.000 258.07339 ? 108 DT C OP2   1 
ATOM 507 O "O5'" . DT C 3 9  ? -1.15964  1.49692   -1.91816  1.000 254.71755 ? 108 DT C "O5'" 1 
ATOM 508 C "C5'" . DT C 3 9  ? -0.50046  0.60240   -1.02769  1.000 253.68134 ? 108 DT C "C5'" 1 
ATOM 509 C "C4'" . DT C 3 9  ? -0.73750  1.01008   0.40992   1.000 250.46892 ? 108 DT C "C4'" 1 
ATOM 510 O "O4'" . DT C 3 9  ? 0.50906   1.36347   1.02533   1.000 250.02004 ? 108 DT C "O4'" 1 
ATOM 511 C "C3'" . DT C 3 9  ? -1.59412  2.24958   0.57978   1.000 249.34247 ? 108 DT C "C3'" 1 
ATOM 512 O "O3'" . DT C 3 9  ? -2.98924  1.90733   0.60567   1.000 249.23231 ? 108 DT C "O3'" 1 
ATOM 513 C "C2'" . DT C 3 9  ? -1.11968  2.83279   1.91920   1.000 247.20867 ? 108 DT C "C2'" 1 
ATOM 514 C "C1'" . DT C 3 9  ? 0.22500   2.13256   2.16960   1.000 247.64791 ? 108 DT C "C1'" 1 
ATOM 515 N N1    . DT C 3 9  ? 1.35437   3.07104   2.40774   1.000 248.17540 ? 108 DT C N1    1 
ATOM 516 C C2    . DT C 3 9  ? 1.98539   3.06097   3.62884   1.000 247.09508 ? 108 DT C C2    1 
ATOM 517 O O2    . DT C 3 9  ? 1.66919   2.31511   4.53949   1.000 245.60572 ? 108 DT C O2    1 
ATOM 518 N N3    . DT C 3 9  ? 3.00934   3.95859   3.74963   1.000 248.38765 ? 108 DT C N3    1 
ATOM 519 C C4    . DT C 3 9  ? 3.45775   4.85001   2.79120   1.000 250.75328 ? 108 DT C C4    1 
ATOM 520 O O4    . DT C 3 9  ? 4.38885   5.62097   2.99786   1.000 252.46111 ? 108 DT C O4    1 
ATOM 521 C C5    . DT C 3 9  ? 2.75130   4.81223   1.53285   1.000 251.67920 ? 108 DT C C5    1 
ATOM 522 C C7    . DT C 3 9  ? 3.14681   5.73712   0.41895   1.000 254.73069 ? 108 DT C C7    1 
ATOM 523 C C6    . DT C 3 9  ? 1.74431   3.93423   1.40243   1.000 250.32374 ? 108 DT C C6    1 
ATOM 524 P P     . DG C 3 10 ? -3.51816  0.56180   1.31847   1.000 251.77610 ? 109 DG C P     1 
ATOM 525 O OP1   . DG C 3 10 ? -2.94464  0.46710   2.67836   1.000 249.65168 ? 109 DG C OP1   1 
ATOM 526 O OP2   . DG C 3 10 ? -3.38790  -0.56070  0.36269   1.000 254.29197 ? 109 DG C OP2   1 
ATOM 527 O "O5'" . DG C 3 10 ? -5.08453  0.82106   1.47114   1.000 252.03551 ? 109 DG C "O5'" 1 
ATOM 528 C "C5'" . DG C 3 10 ? -5.82196  1.30016   0.35983   1.000 254.14512 ? 109 DG C "C5'" 1 
ATOM 529 C "C4'" . DG C 3 10 ? -7.03977  2.08126   0.81033   1.000 254.27379 ? 109 DG C "C4'" 1 
ATOM 530 O "O4'" . DG C 3 10 ? -7.16074  3.27658   0.00530   1.000 255.60818 ? 109 DG C "O4'" 1 
ATOM 531 C "C3'" . DG C 3 10 ? -8.36346  1.32221   0.69089   1.000 256.43391 ? 109 DG C "C3'" 1 
ATOM 532 O "O3'" . DG C 3 10 ? -8.84369  0.98648   1.99132   1.000 255.38758 ? 109 DG C "O3'" 1 
ATOM 533 C "C2'" . DG C 3 10 ? -9.30476  2.30068   -0.01186  1.000 258.72702 ? 109 DG C "C2'" 1 
ATOM 534 C "C1'" . DG C 3 10 ? -8.35451  3.24298   -0.73383  1.000 258.41370 ? 109 DG C "C1'" 1 
ATOM 535 N N9    . DG C 3 10 ? -8.04787  2.85865   -2.10754  1.000 260.63809 ? 109 DG C N9    1 
ATOM 536 C C8    . DG C 3 10 ? -6.81070  2.59548   -2.64664  1.000 260.39214 ? 109 DG C C8    1 
ATOM 537 N N7    . DG C 3 10 ? -6.84759  2.29499   -3.91541  1.000 263.36334 ? 109 DG C N7    1 
ATOM 538 C C5    . DG C 3 10 ? -8.19968  2.36945   -4.23838  1.000 265.61911 ? 109 DG C C5    1 
ATOM 539 C C6    . DG C 3 10 ? -8.85240  2.14634   -5.47120  1.000 269.62017 ? 109 DG C C6    1 
ATOM 540 O O6    . DG C 3 10 ? -8.35630  1.82823   -6.56216  1.000 271.98852 ? 109 DG C O6    1 
ATOM 541 N N1    . DG C 3 10 ? -10.23437 2.32777   -5.36239  1.000 271.49404 ? 109 DG C N1    1 
ATOM 542 C C2    . DG C 3 10 ? -10.89111 2.67968   -4.20350  1.000 269.85534 ? 109 DG C C2    1 
ATOM 543 N N2    . DG C 3 10 ? -12.22571 2.80530   -4.28548  1.000 272.89235 ? 109 DG C N2    1 
ATOM 544 N N3    . DG C 3 10 ? -10.28915 2.89229   -3.04501  1.000 266.11015 ? 109 DG C N3    1 
ATOM 545 C C4    . DG C 3 10 ? -8.94727  2.71801   -3.13691  1.000 264.07633 ? 109 DG C C4    1 
ATOM 546 P P     . DG C 3 11 ? -9.47385  -0.46492  2.28008   1.000 263.51934 ? 110 DG C P     1 
ATOM 547 O OP1   . DG C 3 11 ? -9.73472  -0.55821  3.73519   1.000 260.16409 ? 110 DG C OP1   1 
ATOM 548 O OP2   . DG C 3 11 ? -8.60567  -1.46816  1.62357   1.000 264.67333 ? 110 DG C OP2   1 
ATOM 549 O "O5'" . DG C 3 11 ? -10.87321 -0.43864  1.50464   1.000 269.19656 ? 110 DG C "O5'" 1 
ATOM 550 C "C5'" . DG C 3 11 ? -11.81989 0.58847   1.77635   1.000 270.51752 ? 110 DG C "C5'" 1 
ATOM 551 C "C4'" . DG C 3 11 ? -12.86216 0.66302   0.67594   1.000 276.59157 ? 110 DG C "C4'" 1 
ATOM 552 O "O4'" . DG C 3 11 ? -12.20423 0.88157   -0.60275  1.000 278.25781 ? 110 DG C "O4'" 1 
ATOM 553 C "C3'" . DG C 3 11 ? -13.71339 -0.59731  0.50747   1.000 280.48857 ? 110 DG C "C3'" 1 
ATOM 554 O "O3'" . DG C 3 11 ? -15.06816 -0.23985  0.26001   1.000 285.64530 ? 110 DG C "O3'" 1 
ATOM 555 C "C2'" . DG C 3 11 ? -13.08518 -1.27947  -0.70389  1.000 282.47315 ? 110 DG C "C2'" 1 
ATOM 556 C "C1'" . DG C 3 11 ? -12.64464 -0.08402  -1.53139  1.000 282.69312 ? 110 DG C "C1'" 1 
ATOM 557 N N9    . DG C 3 11 ? -11.55105 -0.38702  -2.45288  1.000 283.06963 ? 110 DG C N9    1 
ATOM 558 C C8    . DG C 3 11 ? -10.22388 -0.55884  -2.13751  1.000 279.34930 ? 110 DG C C8    1 
ATOM 559 N N7    . DG C 3 11 ? -9.47488  -0.82758  -3.17140  1.000 281.93564 ? 110 DG C N7    1 
ATOM 560 C C5    . DG C 3 11 ? -10.36088 -0.83533  -4.24157  1.000 287.36087 ? 110 DG C C5    1 
ATOM 561 C C6    . DG C 3 11 ? -10.12486 -1.06832  -5.61802  1.000 292.58501 ? 110 DG C C6    1 
ATOM 562 O O6    . DG C 3 11 ? -9.04993  -1.32179  -6.17986  1.000 293.78777 ? 110 DG C O6    1 
ATOM 563 N N1    . DG C 3 11 ? -11.29886 -0.98304  -6.36307  1.000 297.56240 ? 110 DG C N1    1 
ATOM 564 C C2    . DG C 3 11 ? -12.54255 -0.70706  -5.84211  1.000 297.89590 ? 110 DG C C2    1 
ATOM 565 N N2    . DG C 3 11 ? -13.56141 -0.67131  -6.71135  1.000 303.97131 ? 110 DG C N2    1 
ATOM 566 N N3    . DG C 3 11 ? -12.77509 -0.48839  -4.55368  1.000 293.42173 ? 110 DG C N3    1 
ATOM 567 C C4    . DG C 3 11 ? -11.64205 -0.56746  -3.81537  1.000 288.10306 ? 110 DG C C4    1 
ATOM 568 P P     . DT C 3 12 ? -16.25480 -1.28123  0.56675   1.000 314.72397 ? 111 DT C P     1 
ATOM 569 O OP1   . DT C 3 12 ? -16.91439 -0.84950  1.81814   1.000 314.53510 ? 111 DT C OP1   1 
ATOM 570 O OP2   . DT C 3 12 ? -15.71374 -2.65472  0.46313   1.000 315.41342 ? 111 DT C OP2   1 
ATOM 571 O "O5'" . DT C 3 12 ? -17.27474 -1.06073  -0.64527  1.000 321.96993 ? 111 DT C "O5'" 1 
ATOM 572 C "C5'" . DT C 3 12 ? -16.79148 -0.61140  -1.90543  1.000 322.80336 ? 111 DT C "C5'" 1 
ATOM 573 C "C4'" . DT C 3 12 ? -16.90275 -1.70658  -2.95009  1.000 327.25689 ? 111 DT C "C4'" 1 
ATOM 574 O "O4'" . DT C 3 12 ? -15.64214 -1.84121  -3.63493  1.000 325.13515 ? 111 DT C "O4'" 1 
ATOM 575 C "C3'" . DT C 3 12 ? -17.21698 -3.09852  -2.39303  1.000 329.70625 ? 111 DT C "C3'" 1 
ATOM 576 O "O3'" . DT C 3 12 ? -18.60365 -3.45607  -2.63596  1.000 339.06590 ? 111 DT C "O3'" 1 
ATOM 577 C "C2'" . DT C 3 12 ? -16.21679 -4.04228  -3.08470  1.000 328.46119 ? 111 DT C "C2'" 1 
ATOM 578 C "C1'" . DT C 3 12 ? -15.54654 -3.15025  -4.12646  1.000 328.01466 ? 111 DT C "C1'" 1 
ATOM 579 N N1    . DT C 3 12 ? -14.10882 -3.47509  -4.35821  1.000 305.81797 ? 111 DT C N1    1 
ATOM 580 C C2    . DT C 3 12 ? -13.66451 -3.67181  -5.64492  1.000 309.54990 ? 111 DT C C2    1 
ATOM 581 O O2    . DT C 3 12 ? -14.38811 -3.58955  -6.62070  1.000 314.61243 ? 111 DT C O2    1 
ATOM 582 N N3    . DT C 3 12 ? -12.33236 -3.96701  -5.75145  1.000 307.80554 ? 111 DT C N3    1 
ATOM 583 C C4    . DT C 3 12 ? -11.41875 -4.08568  -4.71983  1.000 302.81313 ? 111 DT C C4    1 
ATOM 584 O O4    . DT C 3 12 ? -10.23906 -4.35496  -4.91638  1.000 302.48632 ? 111 DT C O4    1 
ATOM 585 C C5    . DT C 3 12 ? -11.95117 -3.87062  -3.39485  1.000 298.77562 ? 111 DT C C5    1 
ATOM 586 C C7    . DT C 3 12 ? -11.05541 -3.97325  -2.19600  1.000 293.61801 ? 111 DT C C7    1 
ATOM 587 C C6    . DT C 3 12 ? -13.25551 -3.58177  -3.27976  1.000 300.48678 ? 111 DT C C6    1 
ATOM 588 P P     . DG C 3 13 ? -19.12020 -4.01892  -4.05761  1.000 337.79858 ? 112 DG C P     1 
ATOM 589 O OP1   . DG C 3 13 ? -18.47627 -3.28404  -5.16657  1.000 335.09221 ? 112 DG C OP1   1 
ATOM 590 O OP2   . DG C 3 13 ? -20.59644 -4.03216  -3.98018  1.000 347.01071 ? 112 DG C OP2   1 
ATOM 591 O "O5'" . DG C 3 13 ? -18.65781 -5.55068  -4.07870  1.000 339.59317 ? 112 DG C "O5'" 1 
ATOM 592 C "C5'" . DG C 3 13 ? -19.57059 -6.56326  -4.49734  1.000 349.59929 ? 112 DG C "C5'" 1 
ATOM 593 C "C4'" . DG C 3 13 ? -19.41071 -6.86975  -5.97784  1.000 353.15491 ? 112 DG C "C4'" 1 
ATOM 594 O "O4'" . DG C 3 13 ? -18.40123 -5.99985  -6.55008  1.000 345.40912 ? 112 DG C "O4'" 1 
ATOM 595 C "C3'" . DG C 3 13 ? -18.96299 -8.29113  -6.28804  1.000 355.93078 ? 112 DG C "C3'" 1 
ATOM 596 O "O3'" . DG C 3 13 ? -20.12285 -9.14223  -6.47606  1.000 366.98413 ? 112 DG C "O3'" 1 
ATOM 597 C "C2'" . DG C 3 13 ? -18.12493 -8.12313  -7.55350  1.000 354.84136 ? 112 DG C "C2'" 1 
ATOM 598 C "C1'" . DG C 3 13 ? -17.50458 -6.74683  -7.35229  1.000 346.88694 ? 112 DG C "C1'" 1 
ATOM 599 N N9    . DG C 3 13 ? -16.20685 -6.77026  -6.68501  1.000 326.97207 ? 112 DG C N9    1 
ATOM 600 C C8    . DG C 3 13 ? -15.93436 -6.33147  -5.41523  1.000 321.53152 ? 112 DG C C8    1 
ATOM 601 N N7    . DG C 3 13 ? -14.68496 -6.45889  -5.07473  1.000 317.13021 ? 112 DG C N7    1 
ATOM 602 C C5    . DG C 3 13 ? -14.08294 -7.01599  -6.19378  1.000 319.88404 ? 112 DG C C5    1 
ATOM 603 C C6    . DG C 3 13 ? -12.73506 -7.37978  -6.40969  1.000 318.04760 ? 112 DG C C6    1 
ATOM 604 O O6    . DG C 3 13 ? -11.78217 -7.27801  -5.62686  1.000 313.40641 ? 112 DG C O6    1 
ATOM 605 N N1    . DG C 3 13 ? -12.54253 -7.91802  -7.67973  1.000 322.91917 ? 112 DG C N1    1 
ATOM 606 C C2    . DG C 3 13 ? -13.53079 -8.07902  -8.62431  1.000 328.76074 ? 112 DG C C2    1 
ATOM 607 N N2    . DG C 3 13 ? -13.15510 -8.61347  -9.79649  1.000 333.38591 ? 112 DG C N2    1 
ATOM 608 N N3    . DG C 3 13 ? -14.80276 -7.73788  -8.43356  1.000 330.56572 ? 112 DG C N3    1 
ATOM 609 C C4    . DG C 3 13 ? -15.00401 -7.21128  -7.19841  1.000 325.89859 ? 112 DG C C4    1 
ATOM 610 P P     . DC C 3 14 ? -20.62497 -9.61498  -7.93470  1.000 379.72177 ? 113 DC C P     1 
ATOM 611 O OP1   . DC C 3 14 ? -20.78320 -8.44381  -8.82732  1.000 378.89420 ? 113 DC C OP1   1 
ATOM 612 O OP2   . DC C 3 14 ? -21.80869 -10.46831 -7.69833  1.000 390.21582 ? 113 DC C OP2   1 
ATOM 613 O "O5'" . DC C 3 14 ? -19.46798 -10.59128 -8.45891  1.000 378.77050 ? 113 DC C "O5'" 1 
ATOM 614 C "C5'" . DC C 3 14 ? -19.21020 -10.70817 -9.85279  1.000 384.19321 ? 113 DC C "C5'" 1 
ATOM 615 C "C4'" . DC C 3 14 ? -17.89740 -11.43194 -10.10201 1.000 383.41586 ? 113 DC C "C4'" 1 
ATOM 616 O "O4'" . DC C 3 14 ? -16.80487 -10.66045 -9.57126  1.000 373.44307 ? 113 DC C "O4'" 1 
ATOM 617 C "C3'" . DC C 3 14 ? -17.76367 -12.77480 -9.41262  1.000 386.55260 ? 113 DC C "C3'" 1 
ATOM 618 O "O3'" . DC C 3 14 ? -18.36872 -13.78917 -10.20362 1.000 397.55187 ? 113 DC C "O3'" 1 
ATOM 619 C "C2'" . DC C 3 14 ? -16.24321 -12.96059 -9.32858  1.000 381.03175 ? 113 DC C "C2'" 1 
ATOM 620 C "C1'" . DC C 3 14 ? -15.70134 -11.52237 -9.37070  1.000 372.79162 ? 113 DC C "C1'" 1 
ATOM 621 N N1    . DC C 3 14 ? -14.98984 -11.11485 -8.12516  1.000 338.95914 ? 113 DC C N1    1 
ATOM 622 C C2    . DC C 3 14 ? -13.61091 -11.33158 -8.01355  1.000 336.63265 ? 113 DC C C2    1 
ATOM 623 O O2    . DC C 3 14 ? -13.00947 -11.86232 -8.95462  1.000 342.16718 ? 113 DC C O2    1 
ATOM 624 N N3    . DC C 3 14 ? -12.97797 -10.95642 -6.87322  1.000 329.09112 ? 113 DC C N3    1 
ATOM 625 C C4    . DC C 3 14 ? -13.67129 -10.38827 -5.88286  1.000 324.01720 ? 113 DC C C4    1 
ATOM 626 N N4    . DC C 3 14 ? -13.01081 -10.03353 -4.77660  1.000 317.11026 ? 113 DC C N4    1 
ATOM 627 C C5    . DC C 3 14 ? -15.07574 -10.16204 -5.98080  1.000 326.60480 ? 113 DC C C5    1 
ATOM 628 C C6    . DC C 3 14 ? -15.68669 -10.53522 -7.10856  1.000 334.06532 ? 113 DC C C6    1 
ATOM 629 P P     . DA D 4 1  ? -7.12642  16.92995  4.34693   1.000 271.02097 ? 112 DA D P     1 
ATOM 630 O OP1   . DA D 4 1  ? -7.73705  15.60264  4.59247   1.000 266.90886 ? 112 DA D OP1   1 
ATOM 631 O OP2   . DA D 4 1  ? -7.95582  18.15207  4.45649   1.000 277.53556 ? 112 DA D OP2   1 
ATOM 632 O "O5'" . DA D 4 1  ? -5.84574  17.10648  5.29137   1.000 269.15007 ? 112 DA D "O5'" 1 
ATOM 633 C "C5'" . DA D 4 1  ? -5.19370  18.36466  5.37692   1.000 273.11464 ? 112 DA D "C5'" 1 
ATOM 634 C "C4'" . DA D 4 1  ? -4.10616  18.34493  6.44113   1.000 270.97883 ? 112 DA D "C4'" 1 
ATOM 635 O "O4'" . DA D 4 1  ? -4.56604  17.60706  7.60569   1.000 268.34188 ? 112 DA D "O4'" 1 
ATOM 636 C "C3'" . DA D 4 1  ? -2.80265  17.67163  6.04068   1.000 274.12150 ? 112 DA D "C3'" 1 
ATOM 637 O "O3'" . DA D 4 1  ? -1.74611  18.23758  6.80498   1.000 282.53679 ? 112 DA D "O3'" 1 
ATOM 638 C "C2'" . DA D 4 1  ? -3.06466  16.22203  6.44584   1.000 268.03727 ? 112 DA D "C2'" 1 
ATOM 639 C "C1'" . DA D 4 1  ? -3.78398  16.43288  7.77084   1.000 262.96637 ? 112 DA D "C1'" 1 
ATOM 640 N N9    . DA D 4 1  ? -4.68601  15.35219  8.16169   1.000 260.38761 ? 112 DA D N9    1 
ATOM 641 C C8    . DA D 4 1  ? -5.80117  14.93059  7.49386   1.000 260.65797 ? 112 DA D C8    1 
ATOM 642 N N7    . DA D 4 1  ? -6.44331  13.95970  8.09759   1.000 258.54679 ? 112 DA D N7    1 
ATOM 643 C C5    . DA D 4 1  ? -5.71075  13.74132  9.25127   1.000 256.87658 ? 112 DA D C5    1 
ATOM 644 C C6    . DA D 4 1  ? -5.87389  12.83855  10.31909  1.000 254.85643 ? 112 DA D C6    1 
ATOM 645 N N6    . DA D 4 1  ? -6.87638  11.95655  10.38897  1.000 254.19178 ? 112 DA D N6    1 
ATOM 646 N N1    . DA D 4 1  ? -4.96414  12.87714  11.31436  1.000 253.99846 ? 112 DA D N1    1 
ATOM 647 C C2    . DA D 4 1  ? -3.96320  13.76274  11.23870  1.000 255.30409 ? 112 DA D C2    1 
ATOM 648 N N3    . DA D 4 1  ? -3.70641  14.65967  10.28685  1.000 258.72397 ? 112 DA D N3    1 
ATOM 649 C C4    . DA D 4 1  ? -4.62793  14.59630  9.31262   1.000 257.90217 ? 112 DA D C4    1 
ATOM 650 P P     . DC D 4 2  ? -0.22544  18.15389  6.29577   1.000 267.44448 ? 113 DC D P     1 
ATOM 651 O OP1   . DC D 4 2  ? 0.21507   19.51965  5.93631   1.000 270.04538 ? 113 DC D OP1   1 
ATOM 652 O OP2   . DC D 4 2  ? -0.13916  17.07716  5.28520   1.000 267.72946 ? 113 DC D OP2   1 
ATOM 653 O "O5'" . DC D 4 2  ? 0.57306   17.68742  7.59890   1.000 273.26170 ? 113 DC D "O5'" 1 
ATOM 654 C "C5'" . DC D 4 2  ? 0.00430   16.71001  8.46113   1.000 270.12137 ? 113 DC D "C5'" 1 
ATOM 655 C "C4'" . DC D 4 2  ? 0.90051   15.49125  8.55126   1.000 279.44367 ? 113 DC D "C4'" 1 
ATOM 656 O "O4'" . DC D 4 2  ? 0.13090   14.35988  9.03811   1.000 269.88539 ? 113 DC D "O4'" 1 
ATOM 657 C "C3'" . DC D 4 2  ? 1.50922   15.04669  7.22179   1.000 284.51463 ? 113 DC D "C3'" 1 
ATOM 658 O "O3'" . DC D 4 2  ? 2.83183   14.57805  7.42559   1.000 298.65877 ? 113 DC D "O3'" 1 
ATOM 659 C "C2'" . DC D 4 2  ? 0.58145   13.91800  6.78753   1.000 272.91248 ? 113 DC D "C2'" 1 
ATOM 660 C "C1'" . DC D 4 2  ? 0.23942   13.28816  8.12786   1.000 269.36792 ? 113 DC D "C1'" 1 
ATOM 661 N N1    . DC D 4 2  ? -1.04742  12.53792  8.12350   1.000 253.50981 ? 113 DC D N1    1 
ATOM 662 C C2    . DC D 4 2  ? -1.40208  11.76838  9.23592   1.000 249.29230 ? 113 DC D C2    1 
ATOM 663 O O2    . DC D 4 2  ? -0.63789  11.73196  10.20619  1.000 259.54323 ? 113 DC D O2    1 
ATOM 664 N N3    . DC D 4 2  ? -2.57618  11.09010  9.21828   1.000 234.09060 ? 113 DC D N3    1 
ATOM 665 C C4    . DC D 4 2  ? -3.37145  11.16165  8.14762   1.000 223.77952 ? 113 DC D C4    1 
ATOM 666 N N4    . DC D 4 2  ? -4.51958  10.47682  8.17150   1.000 220.33545 ? 113 DC D N4    1 
ATOM 667 C C5    . DC D 4 2  ? -3.02426  11.94033  7.00359   1.000 228.53153 ? 113 DC D C5    1 
ATOM 668 C C6    . DC D 4 2  ? -1.86514  12.60443  7.03466   1.000 243.22747 ? 113 DC D C6    1 
ATOM 669 P P     . DG D 4 3  ? 4.01243   15.60512  7.78811   1.000 269.11508 ? 114 DG D P     1 
ATOM 670 O OP1   . DG D 4 3  ? 3.54139   16.97618  7.49278   1.000 268.97101 ? 114 DG D OP1   1 
ATOM 671 O OP2   . DG D 4 3  ? 5.24954   15.11413  7.14176   1.000 275.72138 ? 114 DG D OP2   1 
ATOM 672 O "O5'" . DG D 4 3  ? 4.17981   15.43945  9.36964   1.000 269.99503 ? 114 DG D "O5'" 1 
ATOM 673 C "C5'" . DG D 4 3  ? 5.43629   15.06362  9.91154   1.000 280.07916 ? 114 DG D "C5'" 1 
ATOM 674 C "C4'" . DG D 4 3  ? 5.49095   13.57093  10.19828  1.000 280.43481 ? 114 DG D "C4'" 1 
ATOM 675 O "O4'" . DG D 4 3  ? 4.30013   12.90764  9.68233   1.000 267.17720 ? 114 DG D "O4'" 1 
ATOM 676 C "C3'" . DG D 4 3  ? 6.67811   12.83170  9.57143   1.000 290.73813 ? 114 DG D "C3'" 1 
ATOM 677 O "O3'" . DG D 4 3  ? 7.16932   11.87212  10.48988  1.000 295.71603 ? 114 DG D "O3'" 1 
ATOM 678 C "C2'" . DG D 4 3  ? 6.03502   12.14751  8.37101   1.000 281.51500 ? 114 DG D "C2'" 1 
ATOM 679 C "C1'" . DG D 4 3  ? 4.71122   11.75275  8.98769   1.000 267.54366 ? 114 DG D "C1'" 1 
ATOM 680 N N9    . DG D 4 3  ? 3.68035   11.37158  8.02591   1.000 258.15675 ? 114 DG D N9    1 
ATOM 681 C C8    . DG D 4 3  ? 3.55008   11.80346  6.72722   1.000 257.44144 ? 114 DG D C8    1 
ATOM 682 N N7    . DG D 4 3  ? 2.52409   11.28302  6.10834   1.000 248.47390 ? 114 DG D N7    1 
ATOM 683 C C5    . DG D 4 3  ? 1.93969   10.45148  7.05861   1.000 242.51011 ? 114 DG D C5    1 
ATOM 684 C C6    . DG D 4 3  ? 0.79318   9.62124   6.97246   1.000 231.49897 ? 114 DG D C6    1 
ATOM 685 O O6    . DG D 4 3  ? 0.03592   9.44917   6.01132   1.000 225.30120 ? 114 DG D O6    1 
ATOM 686 N N1    . DG D 4 3  ? 0.55340   8.95047   8.16721   1.000 229.19628 ? 114 DG D N1    1 
ATOM 687 C C2    . DG D 4 3  ? 1.31832   9.06424   9.30107   1.000 236.89943 ? 114 DG D C2    1 
ATOM 688 N N2    . DG D 4 3  ? 0.93336   8.33942   10.35896  1.000 234.12872 ? 114 DG D N2    1 
ATOM 689 N N3    . DG D 4 3  ? 2.39169   9.83576   9.39318   1.000 246.83133 ? 114 DG D N3    1 
ATOM 690 C C4    . DG D 4 3  ? 2.64160   10.49781  8.23916   1.000 248.86742 ? 114 DG D C4    1 
ATOM 691 P P     . DG D 4 4  ? 8.60673   12.05974  11.17941  1.000 293.54655 ? 115 DG D P     1 
ATOM 692 O OP1   . DG D 4 4  ? 8.81670   13.51031  11.37710  1.000 295.13490 ? 115 DG D OP1   1 
ATOM 693 O OP2   . DG D 4 4  ? 9.58840   11.26563  10.40818  1.000 301.67208 ? 115 DG D OP2   1 
ATOM 694 O "O5'" . DG D 4 4  ? 8.43906   11.35908  12.60900  1.000 292.73567 ? 115 DG D "O5'" 1 
ATOM 695 C "C5'" . DG D 4 4  ? 9.20338   10.19906  12.93082  1.000 297.06858 ? 115 DG D "C5'" 1 
ATOM 696 C "C4'" . DG D 4 4  ? 8.35598   8.94667   12.80807  1.000 285.20971 ? 115 DG D "C4'" 1 
ATOM 697 O "O4'" . DG D 4 4  ? 7.32965   9.16941   11.82642  1.000 274.85163 ? 115 DG D "O4'" 1 
ATOM 698 C "C3'" . DG D 4 4  ? 9.11055   7.70832   12.33655  1.000 285.08862 ? 115 DG D "C3'" 1 
ATOM 699 O "O3'" . DG D 4 4  ? 9.51878   6.86536   13.45588  1.000 285.25802 ? 115 DG D "O3'" 1 
ATOM 700 C "C2'" . DG D 4 4  ? 8.14678   6.99369   11.38112  1.000 271.49013 ? 115 DG D "C2'" 1 
ATOM 701 C "C1'" . DG D 4 4  ? 6.95435   7.94247   11.24866  1.000 265.54874 ? 115 DG D "C1'" 1 
ATOM 702 N N9    . DG D 4 4  ? 6.56786   8.20004   9.86318   1.000 261.88830 ? 115 DG D N9    1 
ATOM 703 C C8    . DG D 4 4  ? 7.18736   9.05617   8.98852   1.000 269.40120 ? 115 DG D C8    1 
ATOM 704 N N7    . DG D 4 4  ? 6.62703   9.09647   7.81359   1.000 262.46620 ? 115 DG D N7    1 
ATOM 705 C C5    . DG D 4 4  ? 5.56104   8.21564   7.91190   1.000 253.09895 ? 115 DG D C5    1 
ATOM 706 C C6    . DG D 4 4  ? 4.59491   7.85068   6.94692   1.000 244.38863 ? 115 DG D C6    1 
ATOM 707 O O6    . DG D 4 4  ? 4.49290   8.25126   5.77914   1.000 243.95059 ? 115 DG D O6    1 
ATOM 708 N N1    . DG D 4 4  ? 3.68739   6.92345   7.44988   1.000 235.62730 ? 115 DG D N1    1 
ATOM 709 C C2    . DG D 4 4  ? 3.70911   6.41254   8.72783   1.000 236.22663 ? 115 DG D C2    1 
ATOM 710 N N2    . DG D 4 4  ? 2.75009   5.52455   9.03250   1.000 227.38006 ? 115 DG D N2    1 
ATOM 711 N N3    . DG D 4 4  ? 4.61408   6.74718   9.64516   1.000 245.06347 ? 115 DG D N3    1 
ATOM 712 C C4    . DG D 4 4  ? 5.50555   7.65257   9.16837   1.000 252.73816 ? 115 DG D C4    1 
ATOM 713 P P     . DA D 4 5  ? 8.46847   6.17102   14.47039  1.000 302.75206 ? 116 DA D P     1 
ATOM 714 O OP1   . DA D 4 5  ? 7.52730   7.16434   15.02964  1.000 301.71367 ? 116 DA D OP1   1 
ATOM 715 O OP2   . DA D 4 5  ? 9.29836   5.38274   15.40508  1.000 305.08424 ? 116 DA D OP2   1 
ATOM 716 O "O5'" . DA D 4 5  ? 7.65047   5.10904   13.59130  1.000 287.10756 ? 116 DA D "O5'" 1 
ATOM 717 C "C5'" . DA D 4 5  ? 6.30588   4.79023   13.95606  1.000 274.79653 ? 116 DA D "C5'" 1 
ATOM 718 C "C4'" . DA D 4 5  ? 5.80883   3.52925   13.26050  1.000 261.39004 ? 116 DA D "C4'" 1 
ATOM 719 O "O4'" . DA D 4 5  ? 5.36607   3.83670   11.91271  1.000 255.69092 ? 116 DA D "O4'" 1 
ATOM 720 C "C3'" . DA D 4 5  ? 6.82154   2.39419   13.13477  1.000 262.37016 ? 116 DA D "C3'" 1 
ATOM 721 O "O3'" . DA D 4 5  ? 6.18358   1.16380   13.46139  1.000 250.78614 ? 116 DA D "O3'" 1 
ATOM 722 C "C2'" . DA D 4 5  ? 7.23269   2.45097   11.66060  1.000 260.33394 ? 116 DA D "C2'" 1 
ATOM 723 C "C1'" . DA D 4 5  ? 5.95550   2.93814   10.99646  1.000 251.99791 ? 116 DA D "C1'" 1 
ATOM 724 N N9    . DA D 4 5  ? 6.18744   3.66836   9.75725   1.000 256.37223 ? 116 DA D N9    1 
ATOM 725 C C8    . DA D 4 5  ? 7.14135   4.61536   9.53638   1.000 271.36031 ? 116 DA D C8    1 
ATOM 726 N N7    . DA D 4 5  ? 7.11322   5.13144   8.33474   1.000 272.86505 ? 116 DA D N7    1 
ATOM 727 C C5    . DA D 4 5  ? 6.06377   4.47772   7.72025   1.000 257.34457 ? 116 DA D C5    1 
ATOM 728 C C6    . DA D 4 5  ? 5.51892   4.57350   6.42946   1.000 250.83720 ? 116 DA D C6    1 
ATOM 729 N N6    . DA D 4 5  ? 5.98891   5.40585   5.49505   1.000 260.62211 ? 116 DA D N6    1 
ATOM 730 N N1    . DA D 4 5  ? 4.47188   3.77947   6.13331   1.000 233.88196 ? 116 DA D N1    1 
ATOM 731 C C2    . DA D 4 5  ? 4.00450   2.94811   7.07342   1.000 224.64257 ? 116 DA D C2    1 
ATOM 732 N N3    . DA D 4 5  ? 4.43426   2.76909   8.32223   1.000 230.18736 ? 116 DA D N3    1 
ATOM 733 C C4    . DA D 4 5  ? 5.47530   3.57350   8.58457   1.000 246.63056 ? 116 DA D C4    1 
ATOM 734 P P     . DC D 4 6  ? 7.01711   -0.20757  13.54131  1.000 270.87262 ? 117 DC D P     1 
ATOM 735 O OP1   . DC D 4 6  ? 6.63946   -0.88294  14.80331  1.000 267.19196 ? 117 DC D OP1   1 
ATOM 736 O OP2   . DC D 4 6  ? 8.44252   0.08982   13.27867  1.000 282.37868 ? 117 DC D OP2   1 
ATOM 737 O "O5'" . DC D 4 6  ? 6.44457   -1.05977  12.31522  1.000 257.28689 ? 117 DC D "O5'" 1 
ATOM 738 C "C5'" . DC D 4 6  ? 5.03640   -1.21536  12.15810  1.000 245.56157 ? 117 DC D "C5'" 1 
ATOM 739 C "C4'" . DC D 4 6  ? 4.70290   -1.83373  10.81276  1.000 234.65634 ? 117 DC D "C4'" 1 
ATOM 740 O "O4'" . DC D 4 6  ? 4.83642   -0.83300  9.76604   1.000 238.48463 ? 117 DC D "O4'" 1 
ATOM 741 C "C3'" . DC D 4 6  ? 5.60065   -3.00225  10.38938  1.000 233.55217 ? 117 DC D "C3'" 1 
ATOM 742 O "O3'" . DC D 4 6  ? 4.81153   -3.99852  9.73720   1.000 224.21692 ? 117 DC D "O3'" 1 
ATOM 743 C "C2'" . DC D 4 6  ? 6.56214   -2.33420  9.41240   1.000 239.36863 ? 117 DC D "C2'" 1 
ATOM 744 C "C1'" . DC D 4 6  ? 5.61022   -1.37605  8.72510   1.000 236.90054 ? 117 DC D "C1'" 1 
ATOM 745 N N1    . DC D 4 6  ? 6.27578   -0.27130  7.98629   1.000 248.98528 ? 117 DC D N1    1 
ATOM 746 C C2    . DC D 4 6  ? 5.81121   0.07187   6.71393   1.000 244.53612 ? 117 DC D C2    1 
ATOM 747 O O2    . DC D 4 6  ? 4.85528   -0.55376  6.24183   1.000 229.71011 ? 117 DC D O2    1 
ATOM 748 N N3    . DC D 4 6  ? 6.41960   1.07801   6.03972   1.000 257.01903 ? 117 DC D N3    1 
ATOM 749 C C4    . DC D 4 6  ? 7.44742   1.72377   6.59313   1.000 272.68928 ? 117 DC D C4    1 
ATOM 750 N N4    . DC D 4 6  ? 8.01824   2.71040   5.89220   1.000 285.20984 ? 117 DC D N4    1 
ATOM 751 C C5    . DC D 4 6  ? 7.93738   1.38655   7.89262   1.000 276.35111 ? 117 DC D C5    1 
ATOM 752 C C6    . DC D 4 6  ? 7.32696   0.39146   8.54728   1.000 264.53550 ? 117 DC D C6    1 
ATOM 753 P P     . DA D 4 7  ? 5.32726   -5.51797  9.63300   1.000 249.99663 ? 118 DA D P     1 
ATOM 754 O OP1   . DA D 4 7  ? 5.09949   -6.15517  10.94908  1.000 253.55915 ? 118 DA D OP1   1 
ATOM 755 O OP2   . DA D 4 7  ? 6.67964   -5.50657  9.03550   1.000 255.64423 ? 118 DA D OP2   1 
ATOM 756 O "O5'" . DA D 4 7  ? 4.35591   -6.18536  8.54936   1.000 239.07099 ? 118 DA D "O5'" 1 
ATOM 757 C "C5'" . DA D 4 7  ? 3.31767   -5.41642  7.95036   1.000 233.30985 ? 118 DA D "C5'" 1 
ATOM 758 C "C4'" . DA D 4 7  ? 3.36735   -5.50913  6.43181   1.000 226.43648 ? 118 DA D "C4'" 1 
ATOM 759 O "O4'" . DA D 4 7  ? 4.05624   -4.35006  5.88922   1.000 231.01093 ? 118 DA D "O4'" 1 
ATOM 760 C "C3'" . DA D 4 7  ? 4.10175   -6.72200  5.86969   1.000 226.11272 ? 118 DA D "C3'" 1 
ATOM 761 O "O3'" . DA D 4 7  ? 3.49883   -7.11274  4.64500   1.000 225.34524 ? 118 DA D "O3'" 1 
ATOM 762 C "C2'" . DA D 4 7  ? 5.50560   -6.17045  5.64265   1.000 231.32029 ? 118 DA D "C2'" 1 
ATOM 763 C "C1'" . DA D 4 7  ? 5.17985   -4.77091  5.14253   1.000 232.54132 ? 118 DA D "C1'" 1 
ATOM 764 N N9    . DA D 4 7  ? 6.24733   -3.80014  5.34995   1.000 248.50423 ? 118 DA D N9    1 
ATOM 765 C C8    . DA D 4 7  ? 7.05188   -3.68175  6.44640   1.000 258.88787 ? 118 DA D C8    1 
ATOM 766 N N7    . DA D 4 7  ? 7.91622   -2.69844  6.36479   1.000 273.44971 ? 118 DA D N7    1 
ATOM 767 C C5    . DA D 4 7  ? 7.65767   -2.13155  5.12896   1.000 273.48808 ? 118 DA D C5    1 
ATOM 768 C C6    . DA D 4 7  ? 8.23391   -1.04404  4.44308   1.000 286.57352 ? 118 DA D C6    1 
ATOM 769 N N6    . DA D 4 7  ? 9.23813   -0.31025  4.93546   1.000 302.08937 ? 118 DA D N6    1 
ATOM 770 N N1    . DA D 4 7  ? 7.74046   -0.74232  3.22450   1.000 283.47627 ? 118 DA D N1    1 
ATOM 771 C C2    . DA D 4 7  ? 6.73851   -1.48074  2.73389   1.000 267.30990 ? 118 DA D C2    1 
ATOM 772 N N3    . DA D 4 7  ? 6.11512   -2.52045  3.28451   1.000 253.44691 ? 118 DA D N3    1 
ATOM 773 C C4    . DA D 4 7  ? 6.62782   -2.79611  4.49306   1.000 257.93315 ? 118 DA D C4    1 
ATOM 774 P P     . DG D 4 8  ? 3.33317   -8.66757  4.27793   1.000 242.27194 ? 119 DG D P     1 
ATOM 775 O OP1   . DG D 4 8  ? 1.89612   -9.00195  4.40397   1.000 240.05262 ? 119 DG D OP1   1 
ATOM 776 O OP2   . DG D 4 8  ? 4.32920   -9.43208  5.06366   1.000 245.48205 ? 119 DG D OP2   1 
ATOM 777 O "O5'" . DG D 4 8  ? 3.75077   -8.73303  2.73437   1.000 243.45205 ? 119 DG D "O5'" 1 
ATOM 778 C "C5'" . DG D 4 8  ? 3.08575   -7.90083  1.78099   1.000 241.36900 ? 119 DG D "C5'" 1 
ATOM 779 C "C4'" . DG D 4 8  ? 4.06849   -7.36899  0.75513   1.000 243.54920 ? 119 DG D "C4'" 1 
ATOM 780 O "O4'" . DG D 4 8  ? 4.86909   -6.33227  1.35565   1.000 244.16064 ? 119 DG D "O4'" 1 
ATOM 781 C "C3'" . DG D 4 8  ? 5.05879   -8.40757  0.22795   1.000 247.47490 ? 119 DG D "C3'" 1 
ATOM 782 O "O3'" . DG D 4 8  ? 4.69094   -8.83062  -1.11076  1.000 248.02815 ? 119 DG D "O3'" 1 
ATOM 783 C "C2'" . DG D 4 8  ? 6.43625   -7.72058  0.29523   1.000 250.49022 ? 119 DG D "C2'" 1 
ATOM 784 C "C1'" . DG D 4 8  ? 6.10991   -6.28622  0.70400   1.000 247.81410 ? 119 DG D "C1'" 1 
ATOM 785 N N9    . DG D 4 8  ? 7.09075   -5.70057  1.61346   1.000 249.33218 ? 119 DG D N9    1 
ATOM 786 C C8    . DG D 4 8  ? 7.40993   -6.13083  2.87952   1.000 249.74957 ? 119 DG D C8    1 
ATOM 787 N N7    . DG D 4 8  ? 8.32523   -5.40520  3.45964   1.000 256.43096 ? 119 DG D N7    1 
ATOM 788 C C5    . DG D 4 8  ? 8.63270   -4.43085  2.51886   1.000 261.55291 ? 119 DG D C5    1 
ATOM 789 C C6    . DG D 4 8  ? 9.55680   -3.36096  2.58279   1.000 277.91798 ? 119 DG D C6    1 
ATOM 790 O O6    . DG D 4 8  ? 10.31377  -3.05280  3.51454   1.000 287.81272 ? 119 DG D O6    1 
ATOM 791 N N1    . DG D 4 8  ? 9.55457   -2.60865  1.41146   1.000 282.74607 ? 119 DG D N1    1 
ATOM 792 C C2    . DG D 4 8  ? 8.75873   -2.85785  0.31706   1.000 272.64452 ? 119 DG D C2    1 
ATOM 793 N N2    . DG D 4 8  ? 8.89922   -2.02235  -0.72135  1.000 280.18666 ? 119 DG D N2    1 
ATOM 794 N N3    . DG D 4 8  ? 7.88965   -3.85785  0.24439   1.000 256.40169 ? 119 DG D N3    1 
ATOM 795 C C4    . DG D 4 8  ? 7.87975   -4.59946  1.37796   1.000 251.88094 ? 119 DG D C4    1 
ATOM 796 P P     . DT D 4 9  ? 5.18703   -8.04974  -2.43184  1.000 264.01152 ? 120 DT D P     1 
ATOM 797 O OP1   . DT D 4 9  ? 5.04162   -6.59102  -2.23334  1.000 262.15786 ? 120 DT D OP1   1 
ATOM 798 O OP2   . DT D 4 9  ? 4.48165   -8.67218  -3.57347  1.000 263.94884 ? 120 DT D OP2   1 
ATOM 799 O "O5'" . DT D 4 9  ? 6.73373   -8.44449  -2.56607  1.000 269.30685 ? 120 DT D "O5'" 1 
ATOM 800 C "C5'" . DT D 4 9  ? 7.39771   -8.34716  -3.82156  1.000 273.11852 ? 120 DT D "C5'" 1 
ATOM 801 C "C4'" . DT D 4 9  ? 7.71157   -6.90253  -4.16935  1.000 273.36223 ? 120 DT D "C4'" 1 
ATOM 802 O "O4'" . DT D 4 9  ? 8.05118   -6.16462  -2.96325  1.000 273.48180 ? 120 DT D "O4'" 1 
ATOM 803 C "C3'" . DT D 4 9  ? 8.90116   -6.72152  -5.10460  1.000 280.13858 ? 120 DT D "C3'" 1 
ATOM 804 O "O3'" . DT D 4 9  ? 8.69682   -5.58730  -5.92549  1.000 285.44582 ? 120 DT D "O3'" 1 
ATOM 805 C "C2'" . DT D 4 9  ? 10.04862  -6.49838  -4.12834  1.000 286.15432 ? 120 DT D "C2'" 1 
ATOM 806 C "C1'" . DT D 4 9  ? 9.35702   -5.63385  -3.09092  1.000 283.71297 ? 120 DT D "C1'" 1 
ATOM 807 N N1    . DT D 4 9  ? 10.01068  -5.64263  -1.74895  1.000 276.91473 ? 120 DT D N1    1 
ATOM 808 C C2    . DT D 4 9  ? 10.90201  -4.64299  -1.42611  1.000 279.05100 ? 120 DT D C2    1 
ATOM 809 O O2    . DT D 4 9  ? 11.20014  -3.74256  -2.18990  1.000 285.08313 ? 120 DT D O2    1 
ATOM 810 N N3    . DT D 4 9  ? 11.43837  -4.73740  -0.16716  1.000 281.13132 ? 120 DT D N3    1 
ATOM 811 C C4    . DT D 4 9  ? 11.17134  -5.71009  0.78011   1.000 277.98516 ? 120 DT D C4    1 
ATOM 812 O O4    . DT D 4 9  ? 11.69842  -5.71223  1.88604   1.000 282.78603 ? 120 DT D O4    1 
ATOM 813 C C5    . DT D 4 9  ? 10.22741  -6.72484  0.37652   1.000 276.00605 ? 120 DT D C5    1 
ATOM 814 C C7    . DT D 4 9  ? 9.86531   -7.83262  1.31957   1.000 275.08117 ? 120 DT D C7    1 
ATOM 815 C C6    . DT D 4 9  ? 9.69773   -6.64193  -0.85219  1.000 275.44785 ? 120 DT D C6    1 
ATOM 816 P P     . DC D 4 10 ? 9.30964   -5.54882  -7.41033  1.000 289.51381 ? 121 DC D P     1 
ATOM 817 O OP1   . DC D 4 10 ? 8.80564   -4.32276  -8.06851  1.000 291.75353 ? 121 DC D OP1   1 
ATOM 818 O OP2   . DC D 4 10 ? 9.07031   -6.86800  -8.03475  1.000 286.54323 ? 121 DC D OP2   1 
ATOM 819 O "O5'" . DC D 4 10 ? 10.88229  -5.39377  -7.17245  1.000 299.67622 ? 121 DC D "O5'" 1 
ATOM 820 C "C5'" . DC D 4 10 ? 11.40060  -4.18363  -6.63122  1.000 306.03615 ? 121 DC D "C5'" 1 
ATOM 821 C "C4'" . DC D 4 10 ? 12.91577  -4.23261  -6.56875  1.000 314.49870 ? 121 DC D "C4'" 1 
ATOM 822 O "O4'" . DC D 4 10 ? 13.34334  -4.50949  -5.20655  1.000 313.16971 ? 121 DC D "O4'" 1 
ATOM 823 C "C3'" . DC D 4 10 ? 13.56595  -5.31729  -7.43502  1.000 316.67852 ? 121 DC D "C3'" 1 
ATOM 824 O "O3'" . DC D 4 10 ? 14.78171  -4.82805  -7.98100  1.000 327.25111 ? 121 DC D "O3'" 1 
ATOM 825 C "C2'" . DC D 4 10 ? 13.83613  -6.42281  -6.42212  1.000 312.41244 ? 121 DC D "C2'" 1 
ATOM 826 C "C1'" . DC D 4 10 ? 14.25150  -5.58619  -5.22724  1.000 314.91861 ? 121 DC D "C1'" 1 
ATOM 827 N N1    . DC D 4 10 ? 14.17896  -6.30333  -3.93026  1.000 296.93513 ? 121 DC D N1    1 
ATOM 828 C C2    . DC D 4 10 ? 14.91654  -5.82844  -2.84421  1.000 297.84779 ? 121 DC D C2    1 
ATOM 829 O O2    . DC D 4 10 ? 15.60805  -4.81327  -2.98506  1.000 304.37930 ? 121 DC D O2    1 
ATOM 830 N N3    . DC D 4 10 ? 14.85108  -6.49201  -1.66638  1.000 296.09393 ? 121 DC D N3    1 
ATOM 831 C C4    . DC D 4 10 ? 14.09160  -7.58494  -1.55835  1.000 293.72310 ? 121 DC D C4    1 
ATOM 832 N N4    . DC D 4 10 ? 14.05602  -8.20732  -0.37701  1.000 292.65804 ? 121 DC D N4    1 
ATOM 833 C C5    . DC D 4 10 ? 13.33508  -8.08774  -2.65793  1.000 292.72048 ? 121 DC D C5    1 
ATOM 834 C C6    . DC D 4 10 ? 13.41052  -7.42379  -3.81445  1.000 294.30348 ? 121 DC D C6    1 
ATOM 835 P P     . DA D 4 11 ? 14.87625  -4.43112  -9.53414  1.000 317.72761 ? 122 DA D P     1 
ATOM 836 O OP1   . DA D 4 11 ? 13.83039  -3.41736  -9.80042  1.000 314.25794 ? 122 DA D OP1   1 
ATOM 837 O OP2   . DA D 4 11 ? 14.91356  -5.68252  -10.32400 1.000 318.00741 ? 122 DA D OP2   1 
ATOM 838 O "O5'" . DA D 4 11 ? 16.31177  -3.74122  -9.65753  1.000 329.51359 ? 122 DA D "O5'" 1 
ATOM 839 C "C5'" . DA D 4 11 ? 16.74087  -2.82146  -8.66154  1.000 332.70820 ? 122 DA D "C5'" 1 
ATOM 840 C "C4'" . DA D 4 11 ? 17.98496  -3.33274  -7.95703  1.000 338.24877 ? 122 DA D "C4'" 1 
ATOM 841 O "O4'" . DA D 4 11 ? 17.61185  -4.28185  -6.92685  1.000 330.86985 ? 122 DA D "O4'" 1 
ATOM 842 C "C3'" . DA D 4 11 ? 18.99190  -4.05254  -8.86228  1.000 346.41686 ? 122 DA D "C3'" 1 
ATOM 843 O "O3'" . DA D 4 11 ? 20.27864  -3.46963  -8.71382  1.000 355.81763 ? 122 DA D "O3'" 1 
ATOM 844 C "C2'" . DA D 4 11 ? 18.96803  -5.50324  -8.36419  1.000 341.58224 ? 122 DA D "C2'" 1 
ATOM 845 C "C1'" . DA D 4 11 ? 18.54768  -5.32895  -6.91355  1.000 334.65787 ? 122 DA D "C1'" 1 
ATOM 846 N N9    . DA D 4 11 ? 17.91015  -6.51220  -6.33994  1.000 325.54522 ? 122 DA D N9    1 
ATOM 847 C C8    . DA D 4 11 ? 17.05831  -7.37437  -6.97146  1.000 322.26327 ? 122 DA D C8    1 
ATOM 848 N N7    . DA D 4 11 ? 16.63278  -8.35332  -6.20878  1.000 319.23770 ? 122 DA D N7    1 
ATOM 849 C C5    . DA D 4 11 ? 17.24594  -8.11684  -4.98971  1.000 319.47098 ? 122 DA D C5    1 
ATOM 850 C C6    . DA D 4 11 ? 17.20483  -8.80146  -3.75822  1.000 317.59985 ? 122 DA D C6    1 
ATOM 851 N N6    . DA D 4 11 ? 16.48335  -9.90868  -3.55595  1.000 315.12619 ? 122 DA D N6    1 
ATOM 852 N N1    . DA D 4 11 ? 17.93645  -8.30253  -2.74042  1.000 318.79620 ? 122 DA D N1    1 
ATOM 853 C C2    . DA D 4 11 ? 18.65767  -7.19431  -2.94755  1.000 321.61606 ? 122 DA D C2    1 
ATOM 854 N N3    . DA D 4 11 ? 18.77617  -6.46538  -4.05773  1.000 324.85086 ? 122 DA D N3    1 
ATOM 855 C C4    . DA D 4 11 ? 18.03828  -6.98621  -5.05157  1.000 322.56774 ? 122 DA D C4    1 
# 
loop_
_atom_site_anisotrop.id 
_atom_site_anisotrop.type_symbol 
_atom_site_anisotrop.pdbx_label_atom_id 
_atom_site_anisotrop.pdbx_label_alt_id 
_atom_site_anisotrop.pdbx_label_comp_id 
_atom_site_anisotrop.pdbx_label_asym_id 
_atom_site_anisotrop.pdbx_label_seq_id 
_atom_site_anisotrop.pdbx_PDB_ins_code 
_atom_site_anisotrop.U[1][1] 
_atom_site_anisotrop.U[2][2] 
_atom_site_anisotrop.U[3][3] 
_atom_site_anisotrop.U[1][2] 
_atom_site_anisotrop.U[1][3] 
_atom_site_anisotrop.U[2][3] 
_atom_site_anisotrop.pdbx_auth_seq_id 
_atom_site_anisotrop.pdbx_auth_comp_id 
_atom_site_anisotrop.pdbx_auth_asym_id 
_atom_site_anisotrop.pdbx_auth_atom_id 
1   O "O5'" . DG A 1  ? 6.33883 1.96216 4.83171 0.12787  0.73073  0.81644  102 DG A "O5'" 
2   C "C5'" . DG A 1  ? 6.09568 1.89863 4.65045 0.12739  0.67990  0.80860  102 DG A "C5'" 
3   C "C4'" . DG A 1  ? 6.19316 1.86830 4.60572 0.03162  0.65445  0.71817  102 DG A "C4'" 
4   O "O4'" . DG A 1  ? 6.41317 1.92673 4.79619 -0.15553 0.61774  0.73062  102 DG A "O4'" 
5   C "C3'" . DG A 1  ? 5.96165 1.80951 4.43853 0.00033  0.59120  0.71886  102 DG A "C3'" 
6   O "O3'" . DG A 1  ? 6.01500 1.77238 4.32478 0.01042  0.60102  0.61042  102 DG A "O3'" 
7   C "C2'" . DG A 1  ? 6.01068 1.85469 4.56596 -0.19968 0.51751  0.78169  102 DG A "C2'" 
8   C "C1'" . DG A 1  ? 6.33173 1.91099 4.73186 -0.28201 0.54617  0.72158  102 DG A "C1'" 
9   N N9    . DG A 1  ? 6.45799 1.99017 4.91440 -0.47220 0.49377  0.76681  102 DG A N9    
10  C C8    . DG A 1  ? 6.34948 2.03604 5.00157 -0.55008 0.44846  0.88187  102 DG A C8    
11  N N7    . DG A 1  ? 6.50019 2.12150 5.16587 -0.72216 0.41078  0.89048  102 DG A N7    
12  C C5    . DG A 1  ? 6.72665 2.13025 5.18523 -0.76279 0.42523  0.77083  102 DG A C5    
13  C C6    . DG A 1  ? 6.96350 2.21952 5.33584 -0.92643 0.39445  0.71597  102 DG A C6    
14  O O6    . DG A 1  ? 7.01734 2.31366 5.48829 -1.07181 0.35095  0.76216  102 DG A O6    
15  N N1    . DG A 1  ? 7.15165 2.20489 5.29887 -0.90596 0.41988  0.59084  102 DG A N1    
16  C C2    . DG A 1  ? 7.11169 2.11813 5.13734 -0.74540 0.47455  0.52887  102 DG A C2    
17  N N2    . DG A 1  ? 7.31889 2.12966 5.12841 -0.74691 0.49458  0.40986  102 DG A N2    
18  N N3    . DG A 1  ? 6.88478 2.03864 4.99655 -0.59030 0.50694  0.57707  102 DG A N3    
19  C C4    . DG A 1  ? 6.70416 2.04848 5.03041 -0.61003 0.47713  0.69683  102 DG A C4    
20  P P     . DA A 2  ? 6.22622 1.99151 4.42973 0.20322  0.67492  0.52516  103 DA A P     
21  O OP1   . DA A 2  ? 6.51003 2.04139 4.54402 0.21490  0.73478  0.46230  103 DA A OP1   
22  O OP2   . DA A 2  ? 6.05444 2.05948 4.41992 0.34966  0.69050  0.57928  103 DA A OP2   
23  O "O5'" . DA A 2  ? 6.16090 1.94401 4.27083 0.17830  0.64207  0.45049  103 DA A "O5'" 
24  C "C5'" . DA A 2  ? 6.33613 2.03939 4.39634 -0.00619 0.57424  0.44214  103 DA A "C5'" 
25  C "C4'" . DA A 2  ? 6.69816 2.14022 4.55885 -0.09350 0.59325  0.36204  103 DA A "C4'" 
26  O "O4'" . DA A 2  ? 6.88695 2.25418 4.81023 -0.23459 0.56345  0.42050  103 DA A "O4'" 
27  C "C3'" . DA A 2  ? 6.70990 2.07113 4.41629 -0.19979 0.55094  0.27940  103 DA A "C3'" 
28  O "O3'" . DA A 2  ? 6.96690 2.11914 4.45911 -0.17342 0.59923  0.17378  103 DA A "O3'" 
29  C "C2'" . DA A 2  ? 6.78061 2.14347 4.55523 -0.40766 0.47143  0.32950  103 DA A "C2'" 
30  C "C1'" . DA A 2  ? 6.99767 2.27604 4.83477 -0.41500 0.50280  0.37955  103 DA A "C1'" 
31  N N9    . DA A 2  ? 6.78332 2.15709 4.78557 -0.55956 0.43928  0.47268  103 DA A N9    
32  C C8    . DA A 2  ? 6.57148 2.14204 4.78927 -0.53244 0.42162  0.58671  103 DA A C8    
33  N N7    . DA A 2  ? 6.57996 2.21317 4.91309 -0.68297 0.36426  0.65214  103 DA A N7    
34  C C5    . DA A 2  ? 6.81038 2.28167 4.99578 -0.81992 0.33977  0.57163  103 DA A C5    
35  C C6    . DA A 2  ? 6.95042 2.41231 5.16163 -1.00664 0.28015  0.57896  103 DA A C6    
36  N N6    . DA A 2  ? 6.84326 2.46875 5.24785 -1.08798 0.23905  0.67832  103 DA A N6    
37  N N1    . DA A 2  ? 7.19779 2.48679 5.22742 -1.10126 0.26556  0.47640  103 DA A N1    
38  C C2    . DA A 2  ? 7.30298 2.43378 5.13605 -1.01303 0.31130  0.37670  103 DA A C2    
39  N N3    . DA A 2  ? 7.18247 2.30803 4.97233 -0.83597 0.37358  0.36029  103 DA A N3    
40  C C4    . DA A 2  ? 6.94175 2.24604 4.91847 -0.74681 0.38386  0.46104  103 DA A C4    
41  P P     . DG A 3  ? 6.91111 1.97710 4.20559 -0.23326 0.57486  0.06474  104 DG A P     
42  O OP1   . DG A 3  ? 7.12109 2.02209 4.22686 -0.13771 0.64324  -0.03383 104 DG A OP1   
43  O OP2   . DG A 3  ? 6.65793 1.90917 4.01971 -0.19598 0.54382  0.08131  104 DG A OP2   
44  O "O5'" . DG A 3  ? 7.05686 2.04677 4.33064 -0.46422 0.49513  0.06778  104 DG A "O5'" 
45  C "C5'" . DG A 3  ? 7.00463 2.05829 4.23677 -0.58628 0.42244  0.04197  104 DG A "C5'" 
46  C "C4'" . DG A 3  ? 7.19648 2.16554 4.37925 -0.78809 0.35914  0.02101  104 DG A "C4'" 
47  O "O4'" . DG A 3  ? 7.16111 2.19537 4.52753 -0.86123 0.33367  0.12059  104 DG A "O4'" 
48  C "C3'" . DG A 3  ? 7.13636 2.20782 4.29267 -0.93383 0.27216  0.00322  104 DG A "C3'" 
49  O "O3'" . DG A 3  ? 7.39225 2.31610 4.37070 -1.04630 0.24900  -0.09376 104 DG A "O3'" 
50  C "C2'" . DG A 3  ? 6.96606 2.23212 4.34841 -1.04242 0.20266  0.12024  104 DG A "C2'" 
51  C "C1'" . DG A 3  ? 7.08470 2.25882 4.53932 -1.03160 0.24085  0.16061  104 DG A "C1'" 
52  N N9    . DG A 3  ? 6.87871 2.23963 4.57474 -1.03153 0.21967  0.28603  104 DG A N9    
53  C C8    . DG A 3  ? 6.67536 2.14430 4.50255 -0.88165 0.26142  0.35696  104 DG A C8    
54  N N7    . DG A 3  ? 6.52388 2.16082 4.55932 -0.91755 0.22811  0.46407  104 DG A N7    
55  C C5    . DG A 3  ? 6.62913 2.27596 4.67563 -1.10144 0.16208  0.46403  104 DG A C5    
56  C C6    . DG A 3  ? 6.54793 2.35492 4.77804 -1.20862 0.10792  0.55296  104 DG A C6    
57  O O6    . DG A 3  ? 6.36452 2.33335 4.78535 -1.16267 0.10821  0.65438  104 DG A O6    
58  N N1    . DG A 3  ? 6.70592 2.48143 4.87867 -1.37919 0.05047  0.51142  104 DG A N1    
59  C C2    . DG A 3  ? 6.91925 2.52564 4.88216 -1.44025 0.04374  0.39898  104 DG A C2    
60  N N2    . DG A 3  ? 7.05043 2.66349 4.98964 -1.60330 -0.01776 0.37187  104 DG A N2    
61  N N3    . DG A 3  ? 7.00150 2.45073 4.78697 -1.34200 0.09530  0.31569  104 DG A N3    
62  C C4    . DG A 3  ? 6.84725 2.32719 4.68723 -1.17389 0.15420  0.35427  104 DG A C4    
63  P P     . DC A 4  ? 7.27237 2.26743 4.14897 -1.16998 0.17508  -0.15190 105 DC A P     
64  O OP1   . DC A 4  ? 7.54537 2.34982 4.18513 -1.17535 0.19853  -0.28450 105 DC A OP1   
65  O OP2   . DC A 4  ? 7.01337 2.17346 3.95865 -1.10262 0.16534  -0.11177 105 DC A OP2   
66  O "O5'" . DC A 4  ? 7.24588 2.37382 4.25783 -1.36304 0.08174  -0.08582 105 DC A "O5'" 
67  C "C5'" . DC A 4  ? 7.09528 2.42442 4.16145 -1.47502 -0.00393 -0.05790 105 DC A "C5'" 
68  C "C4'" . DC A 4  ? 7.03563 2.51959 4.27905 -1.61081 -0.07545 0.02601  105 DC A "C4'" 
69  O "O4'" . DC A 4  ? 6.93270 2.44910 4.35228 -1.53734 -0.03993 0.11814  105 DC A "O4'" 
70  C "C3'" . DC A 4  ? 6.80874 2.56337 4.17771 -1.69542 -0.16268 0.09205  105 DC A "C3'" 
71  O "O3'" . DC A 4  ? 6.93509 2.70996 4.18784 -1.83335 -0.22497 0.02716  105 DC A "O3'" 
72  C "C2'" . DC A 4  ? 6.67779 2.58972 4.28069 -1.73055 -0.19273 0.20416  105 DC A "C2'" 
73  C "C1'" . DC A 4  ? 6.77939 2.51688 4.39678 -1.63374 -0.11023 0.21215  105 DC A "C1'" 
74  N N1    . DC A 4  ? 6.54892 2.41112 4.36414 -1.52216 -0.08278 0.31795  105 DC A N1    
75  C C2    . DC A 4  ? 6.42022 2.46718 4.44502 -1.57929 -0.12560 0.41675  105 DC A C2    
76  O O2    . DC A 4  ? 6.49548 2.60361 4.53938 -1.72054 -0.18582 0.41529  105 DC A O2    
77  N N3    . DC A 4  ? 6.21968 2.37926 4.41677 -1.47149 -0.09823 0.50842  105 DC A N3    
78  C C4    . DC A 4  ? 6.14641 2.24381 4.31505 -1.31278 -0.03347 0.50383  105 DC A C4    
79  N N4    . DC A 4  ? 5.95112 2.17172 4.29237 -1.20610 -0.01010 0.59395  105 DC A N4    
80  C C5    . DC A 4  ? 6.27367 2.18689 4.23155 -1.24924 0.01214  0.40316  105 DC A C5    
81  C C6    . DC A 4  ? 6.47419 2.27214 4.26005 -1.35777 -0.01312 0.31319  105 DC A C6    
82  P P     . DA A 5  ? 6.80322 2.86240 4.18293 -1.95832 -0.32801 0.09266  106 DA A P     
83  O OP1   . DA A 5  ? 6.94592 2.98784 4.14817 -2.05299 -0.36775 0.00261  106 DA A OP1   
84  O OP2   . DA A 5  ? 6.50382 2.75846 4.05359 -1.88118 -0.34015 0.18880  106 DA A OP2   
85  O "O5'" . DA A 5  ? 6.85371 2.96754 4.36627 -2.04799 -0.36018 0.14498  106 DA A "O5'" 
86  C "C5'" . DA A 5  ? 6.79518 3.11873 4.39220 -2.17292 -0.44712 0.18405  106 DA A "C5'" 
87  C "C4'" . DA A 5  ? 6.54778 3.09654 4.39079 -2.15121 -0.47604 0.30786  106 DA A "C4'" 
88  O "O4'" . DA A 5  ? 6.45123 2.93438 4.38067 -2.01705 -0.40640 0.35236  106 DA A "O4'" 
89  C "C3'" . DA A 5  ? 6.30064 3.10952 4.24067 -2.15340 -0.54007 0.36917  106 DA A "C3'" 
90  O "O3'" . DA A 5  ? 6.24114 3.25112 4.30346 -2.24484 -0.61140 0.42799  106 DA A "O3'" 
91  C "C2'" . DA A 5  ? 6.07488 2.93673 4.14943 -2.01068 -0.50002 0.43852  106 DA A "C2'" 
92  C "C1'" . DA A 5  ? 6.16782 2.88358 4.28483 -1.96387 -0.43606 0.44985  106 DA A "C1'" 
93  N N9    . DA A 5  ? 6.05550 2.70997 4.21950 -1.81067 -0.36658 0.47778  106 DA A N9    
94  C C8    . DA A 5  ? 6.09268 2.59402 4.12238 -1.71475 -0.30975 0.42016  106 DA A C8    
95  N N7    . DA A 5  ? 5.99513 2.48197 4.10610 -1.57421 -0.25304 0.46370  106 DA A N7    
96  C C5    . DA A 5  ? 5.84073 2.48625 4.15613 -1.58248 -0.27549 0.55785  106 DA A C5    
97  C C6    . DA A 5  ? 5.67955 2.39971 4.16032 -1.46972 -0.24007 0.64005  106 DA A C6    
98  N N6    . DA A 5  ? 5.61561 2.25998 4.08366 -1.31665 -0.17363 0.64055  106 DA A N6    
99  N N1    . DA A 5  ? 5.59203 2.47270 4.24527 -1.51491 -0.27401 0.71956  106 DA A N1    
100 C C2    . DA A 5  ? 5.66146 2.62165 4.32015 -1.65943 -0.33950 0.71545  106 DA A C2    
101 N N3    . DA A 5  ? 5.80906 2.71685 4.32616 -1.77144 -0.37971 0.64350  106 DA A N3    
102 C C4    . DA A 5  ? 5.89273 2.64098 4.24113 -1.72712 -0.34436 0.56666  106 DA A C4    
103 P P     . DC A 6  ? 5.99508 3.26684 4.11640 -2.28718 -0.69441 0.47500  107 DC A P     
104 O OP1   . DC A 6  ? 5.98139 3.41465 4.21269 -2.37066 -0.75368 0.52898  107 DC A OP1   
105 O OP2   . DC A 6  ? 6.10104 3.31236 4.03695 -2.33003 -0.70486 0.39605  107 DC A OP2   
106 O "O5'" . DC A 6  ? 5.71521 3.11125 3.98719 -2.15771 -0.68268 0.55236  107 DC A "O5'" 
107 C "C5'" . DC A 6  ? 5.49813 3.14624 3.95343 -2.14673 -0.74090 0.64693  107 DC A "C5'" 
108 C "C4'" . DC A 6  ? 5.40483 3.08097 4.02390 -2.08015 -0.71247 0.71260  107 DC A "C4'" 
109 O "O4'" . DC A 6  ? 5.47702 2.94170 4.04786 -1.99714 -0.62546 0.67902  107 DC A "O4'" 
110 C "C3'" . DC A 6  ? 5.13128 3.01392 3.93305 -1.98934 -0.73979 0.80113  107 DC A "C3'" 
111 O "O3'" . DC A 6  ? 5.06268 3.15166 3.95816 -2.05395 -0.81665 0.85779  107 DC A "O3'" 
112 C "C2'" . DC A 6  ? 5.08855 2.89990 3.98725 -1.89388 -0.67382 0.83472  107 DC A "C2'" 
113 C "C1'" . DC A 6  ? 5.30711 2.84339 4.04572 -1.89272 -0.59778 0.75408  107 DC A "C1'" 
114 N N1    . DC A 6  ? 5.25107 2.66745 3.95378 -1.76132 -0.52999 0.73574  107 DC A N1    
115 C C2    . DC A 6  ? 5.10025 2.55259 3.94017 -1.63581 -0.48770 0.79794  107 DC A C2    
116 O O2    . DC A 6  ? 5.01198 2.59732 4.00149 -1.63780 -0.50703 0.86783  107 DC A O2    
117 N N3    . DC A 6  ? 5.06206 2.40358 3.85807 -1.51180 -0.42626 0.77832  107 DC A N3    
118 C C4    . DC A 6  ? 5.17141 2.36662 3.79085 -1.51306 -0.40578 0.69925  107 DC A C4    
119 N N4    . DC A 6  ? 5.13742 2.22537 3.70901 -1.38224 -0.34389 0.67983  107 DC A N4    
120 C C5    . DC A 6  ? 5.32770 2.48236 3.80310 -1.64403 -0.44677 0.63444  107 DC A C5    
121 C C6    . DC A 6  ? 5.36044 2.63019 3.88574 -1.76272 -0.50811 0.65603  107 DC A C6    
122 P P     . DC A 7  ? 4.96019 3.28569 3.97708 -2.00494 -0.88251 0.92723  108 DC A P     
123 O OP1   . DC A 7  ? 4.97609 3.46225 4.02117 -2.09844 -0.95983 0.96454  108 DC A OP1   
124 O OP2   . DC A 7  ? 4.91973 3.20660 3.85743 -1.96631 -0.87293 0.89067  108 DC A OP2   
125 O "O5'" . DC A 7  ? 4.77539 3.16569 3.96748 -1.88280 -0.85686 0.99415  108 DC A "O5'" 
126 C "C5'" . DC A 7  ? 4.74976 3.23385 4.05814 -1.89681 -0.87478 1.05283  108 DC A "C5'" 
127 C "C4'" . DC A 7  ? 4.59861 3.10416 4.04228 -1.76978 -0.83290 1.10232  108 DC A "C4'" 
128 O "O4'" . DC A 7  ? 4.68406 2.97743 4.05185 -1.71147 -0.74181 1.05388  108 DC A "O4'" 
129 C "C3'" . DC A 7  ? 4.36704 3.02057 3.91831 -1.66780 -0.86723 1.14515  108 DC A "C3'" 
130 O "O3'" . DC A 7  ? 4.24530 3.11021 3.92939 -1.67495 -0.94163 1.21989  108 DC A "O3'" 
131 C "C2'" . DC A 7  ? 4.29523 2.85985 3.89818 -1.53666 -0.78966 1.15074  108 DC A "C2'" 
132 C "C1'" . DC A 7  ? 4.51011 2.83271 3.97125 -1.57012 -0.70953 1.08620  108 DC A "C1'" 
133 N N1    . DC A 7  ? 4.54836 2.71456 3.89190 -1.51734 -0.65929 1.02337  108 DC A N1    
134 C C2    . DC A 7  ? 4.45122 2.56277 3.83567 -1.37513 -0.59918 1.03308  108 DC A C2    
135 O O2    . DC A 7  ? 4.33129 2.53090 3.85166 -1.29440 -0.58860 1.09365  108 DC A O2    
136 N N3    . DC A 7  ? 4.49954 2.46438 3.76517 -1.32714 -0.55495 0.97516  108 DC A N3    
137 C C4    . DC A 7  ? 4.63824 2.51447 3.74893 -1.41968 -0.56924 0.90975  108 DC A C4    
138 N N4    . DC A 7  ? 4.74662 2.47732 3.73150 -1.36893 -0.52542 0.85292  108 DC A N4    
139 C C5    . DC A 7  ? 4.73683 2.67191 3.80583 -1.56458 -0.62961 0.89878  108 DC A C5    
140 C C6    . DC A 7  ? 4.68759 2.76566 3.87636 -1.60592 -0.67242 0.95672  108 DC A C6    
141 P P     . DT A 8  ? 4.09200 3.14447 3.87999 -1.61113 -1.01321 1.26644  109 DT A P     
142 O OP1   . DT A 8  ? 4.02940 3.27101 3.92110 -1.64506 -1.09161 1.33924  109 DT A OP1   
143 O OP2   . DT A 8  ? 4.12972 3.13590 3.80433 -1.64232 -1.02371 1.21641  109 DT A OP2   
144 O "O5'" . DT A 8  ? 3.93220 2.97777 3.82916 -1.45952 -0.96565 1.28442  109 DT A "O5'" 
145 C "C5'" . DT A 8  ? 3.85968 2.97544 3.88753 -1.39708 -0.95480 1.34141  109 DT A "C5'" 
146 C "C4'" . DT A 8  ? 3.83826 2.90777 3.92732 -1.24918 -0.89247 1.33964  109 DT A "C4'" 
147 O "O4'" . DT A 8  ? 4.00451 2.85166 3.95578 -1.23930 -0.80388 1.27459  109 DT A "O4'" 
148 C "C3'" . DT A 8  ? 3.74286 2.90500 3.90053 -1.16279 -0.92776 1.34093  109 DT A "C3'" 
149 O "O3'" . DT A 8  ? 3.58213 2.94869 3.91314 -1.11241 -0.99241 1.40717  109 DT A "O3'" 
150 C "C2'" . DT A 8  ? 3.76572 2.79389 3.89851 -1.03952 -0.83810 1.30556  109 DT A "C2'" 
151 C "C1'" . DT A 8  ? 3.96443 2.77958 3.94129 -1.10543 -0.76406 1.26002  109 DT A "C1'" 
152 N N1    . DT A 8  ? 4.09085 2.74582 3.91117 -1.13125 -0.73059 1.18784  109 DT A N1    
153 C C2    . DT A 8  ? 4.10893 2.64730 3.89196 -1.01692 -0.66252 1.15673  109 DT A C2    
154 O O2    . DT A 8  ? 4.00477 2.56981 3.87834 -0.88706 -0.62625 1.18295  109 DT A O2    
155 N N3    . DT A 8  ? 4.24015 2.63441 3.86947 -1.05457 -0.63924 1.09212  109 DT A N3    
156 C C4    . DT A 8  ? 4.36114 2.72293 3.87284 -1.19197 -0.67497 1.05420  109 DT A C4    
157 O O4    . DT A 8  ? 4.49132 2.72436 3.86091 -1.21565 -0.65095 0.99527  109 DT A O4    
158 C C5    . DT A 8  ? 4.30802 2.80263 3.86857 -1.30054 -0.74404 1.08846  109 DT A C5    
159 C C7    . DT A 8  ? 4.38160 2.86606 3.82119 -1.44266 -0.78778 1.05213  109 DT A C7    
160 C C6    . DT A 8  ? 4.17473 2.80452 3.88429 -1.26552 -0.76872 1.15352  109 DT A C6    
161 P P     . DG A 9  ? 3.73430 3.26375 4.14241 -1.11616 -1.08679 1.42761  110 DG A P     
162 O OP1   . DG A 9  ? 3.75926 3.45301 4.24890 -1.18292 -1.16974 1.49304  110 DG A OP1   
163 O OP2   . DG A 9  ? 3.68913 3.11695 3.95687 -1.16930 -1.08193 1.37186  110 DG A OP2   
164 O "O5'" . DG A 9  ? 3.55725 3.16455 4.11362 -0.95855 -1.07100 1.43112  110 DG A "O5'" 
165 C "C5'" . DG A 9  ? 3.46546 3.07208 4.09750 -0.85263 -1.00985 1.44333  110 DG A "C5'" 
166 C "C4'" . DG A 9  ? 3.35822 2.89991 3.99228 -0.71114 -0.94312 1.39181  110 DG A "C4'" 
167 O "O4'" . DG A 9  ? 3.56487 2.89651 4.02687 -0.73506 -0.87845 1.34330  110 DG A "O4'" 
168 C "C3'" . DG A 9  ? 3.06850 2.70172 3.77147 -0.66638 -0.98426 1.36560  110 DG A "C3'" 
169 O "O3'" . DG A 9  ? 2.82104 2.61458 3.69005 -0.56718 -0.98646 1.37050  110 DG A "O3'" 
170 C "C2'" . DG A 9  ? 3.11554 2.60173 3.71835 -0.58982 -0.91589 1.30309  110 DG A "C2'" 
171 C "C1'" . DG A 9  ? 3.44876 2.74146 3.89108 -0.65107 -0.85615 1.29457  110 DG A "C1'" 
172 N N9    . DG A 9  ? 3.61680 2.77416 3.89816 -0.75424 -0.85534 1.25748  110 DG A N9    
173 C C8    . DG A 9  ? 3.79146 2.92932 3.98394 -0.90884 -0.89649 1.26237  110 DG A C8    
174 N N7    . DG A 9  ? 3.92059 2.93279 3.96534 -0.97003 -0.87676 1.21303  110 DG A N7    
175 C C5    . DG A 9  ? 3.83143 2.76745 3.86598 -0.85228 -0.82178 1.17995  110 DG A C5    
176 C C6    . DG A 9  ? 3.90171 2.69776 3.80222 -0.85313 -0.78296 1.12558  110 DG A C6    
177 O O6    . DG A 9  ? 4.07429 2.78602 3.83350 -0.96431 -0.78759 1.09189  110 DG A O6    
178 N N1    . DG A 9  ? 3.74513 2.51121 3.68434 -0.70244 -0.73584 1.10757  110 DG A N1    
179 C C2    . DG A 9  ? 3.54222 2.41142 3.63052 -0.56342 -0.72312 1.12940  110 DG A C2    
180 N N2    . DG A 9  ? 3.40000 2.23950 3.50263 -0.41775 -0.67385 1.09440  110 DG A N2    
181 N N3    . DG A 9  ? 3.48004 2.48343 3.69175 -0.56413 -0.75594 1.17614  110 DG A N3    
182 C C4    . DG A 9  ? 3.63486 2.65972 3.81279 -0.71428 -0.80677 1.20407  110 DG A C4    
183 P P     . DT A 10 ? 2.97624 2.88246 3.94317 -0.53000 -1.01726 1.33679  111 DT A P     
184 O OP1   . DT A 10 ? 2.86793 2.92373 3.96178 -0.54624 -1.04655 1.37102  111 DT A OP1   
185 O OP2   . DT A 10 ? 3.07098 2.91787 3.95485 -0.61839 -1.06488 1.32932  111 DT A OP2   
186 O "O5'" . DT A 10 ? 2.84990 2.73205 3.82439 -0.35808 -0.92969 1.26012  111 DT A "O5'" 
187 C "C5'" . DT A 10 ? 2.76322 2.67505 3.76352 -0.30219 -0.92361 1.20047  111 DT A "C5'" 
188 C "C4'" . DT A 10 ? 2.77209 2.58119 3.68914 -0.21180 -0.86652 1.14067  111 DT A "C4'" 
189 O "O4'" . DT A 10 ? 2.91614 2.58504 3.71422 -0.29428 -0.87803 1.17158  111 DT A "O4'" 
190 C "C3'" . DT A 10 ? 2.70485 2.53213 3.63481 -0.17880 -0.87102 1.08492  111 DT A "C3'" 
191 O "O3'" . DT A 10 ? 2.66548 2.45788 3.55273 -0.04070 -0.79577 1.01051  111 DT A "O3'" 
192 C "C2'" . DT A 10 ? 2.80038 2.54781 3.65881 -0.30172 -0.92907 1.12229  111 DT A "C2'" 
193 C "C1'" . DT A 10 ? 2.95270 2.56841 3.69722 -0.30972 -0.89182 1.14143  111 DT A "C1'" 
194 N N1    . DT A 10 ? 3.20153 2.71001 3.81956 -0.45682 -0.93225 1.17934  111 DT A N1    
195 C C2    . DT A 10 ? 3.32613 2.70667 3.82080 -0.46746 -0.90858 1.14904  111 DT A C2    
196 O O2    . DT A 10 ? 3.24197 2.60055 3.74180 -0.35880 -0.86636 1.10193  111 DT A O2    
197 N N3    . DT A 10 ? 3.55258 2.83671 3.90819 -0.61107 -0.93006 1.16605  111 DT A N3    
198 C C4    . DT A 10 ? 3.65524 2.96626 3.98445 -0.73771 -0.97440 1.20530  111 DT A C4    
199 O O4    . DT A 10 ? 3.83732 3.06537 4.02637 -0.85831 -0.98065 1.19729  111 DT A O4    
200 C C5    . DT A 10 ? 3.51978 2.97181 3.99399 -0.71611 -1.00877 1.24762  111 DT A C5    
201 C C7    . DT A 10 ? 3.61588 3.11928 4.07753 -0.84164 -1.06359 1.29512  111 DT A C7    
202 C C6    . DT A 10 ? 3.30311 2.84385 3.91474 -0.58037 -0.98501 1.23404  111 DT A C6    
203 P P     . DA B 1  ? 3.09698 4.96817 3.74002 0.64883  1.39896  0.22927  108 DA B P     
204 O OP1   . DA B 1  ? 3.03829 4.91814 3.70023 0.56945  1.36134  0.21623  108 DA B OP1   
205 O OP2   . DA B 1  ? 3.22971 5.17105 3.77598 0.68474  1.46394  0.22270  108 DA B OP2   
206 O "O5'" . DA B 1  ? 2.94057 4.93243 3.74276 0.65171  1.32118  0.34487  108 DA B "O5'" 
207 C "C5'" . DA B 1  ? 2.96009 4.88407 3.78731 0.71894  1.32720  0.35269  108 DA B "C5'" 
208 C "C4'" . DA B 1  ? 2.77180 4.63006 3.69874 0.70289  1.25612  0.36614  108 DA B "C4'" 
209 O "O4'" . DA B 1  ? 2.62858 4.51654 3.60964 0.62469  1.20200  0.36322  108 DA B "O4'" 
210 C "C3'" . DA B 1  ? 2.80335 4.46069 3.66891 0.74289  1.28901  0.28401  108 DA B "C3'" 
211 O "O3'" . DA B 1  ? 2.83300 4.46737 3.70692 0.81010  1.30132  0.31189  108 DA B "O3'" 
212 C "C2'" . DA B 1  ? 2.62006 4.24505 3.57503 0.69386  1.21434  0.28722  108 DA B "C2'" 
213 C "C1'" . DA B 1  ? 2.53033 4.27768 3.53059 0.61850  1.17943  0.30965  108 DA B "C1'" 
214 N N9    . DA B 1  ? 2.55562 4.20501 3.47413 0.58344  1.21856  0.22233  108 DA B N9    
215 C C8    . DA B 1  ? 2.70636 4.31781 3.49209 0.58925  1.29452  0.16332  108 DA B C8    
216 N N7    . DA B 1  ? 2.67219 4.17846 3.40388 0.55202  1.31161  0.08817  108 DA B N7    
217 C C5    . DA B 1  ? 2.50869 3.99064 3.35468 0.51872  1.24488  0.10028  108 DA B C5    
218 C C6    . DA B 1  ? 2.39632 3.77541 3.26493 0.46968  1.22793  0.04367  108 DA B C6    
219 N N6    . DA B 1  ? 2.48925 3.73463 3.24649 0.43262  1.26177  -0.04499 108 DA B N6    
220 N N1    . DA B 1  ? 2.25497 3.64955 3.25573 0.44746  1.15211  0.06960  108 DA B N1    
221 C C2    . DA B 1  ? 2.21529 3.70980 3.30520 0.47418  1.09494  0.14497  108 DA B C2    
222 N N3    . DA B 1  ? 2.28692 3.86576 3.36476 0.51855  1.10596  0.20486  108 DA B N3    
223 C C4    . DA B 1  ? 2.43746 4.00963 3.39558 0.53847  1.18437  0.17978  108 DA B C4    
224 P P     . DC B 2  ? 2.79664 4.33601 3.55675 0.88012  1.38845  0.25008  109 DC B P     
225 O OP1   . DC B 2  ? 2.80828 4.33199 3.61157 0.93829  1.37999  0.29453  109 DC B OP1   
226 O OP2   . DC B 2  ? 2.89543 4.53296 3.59343 0.87928  1.43847  0.24088  109 DC B OP2   
227 O "O5'" . DC B 2  ? 2.85180 4.19798 3.52617 0.87222  1.41450  0.14614  109 DC B "O5'" 
228 C "C5'" . DC B 2  ? 2.85170 4.05835 3.53049 0.89946  1.40255  0.12864  109 DC B "C5'" 
229 C "C4'" . DC B 2  ? 2.68510 3.88918 3.44836 0.85054  1.32983  0.15732  109 DC B "C4'" 
230 O "O4'" . DC B 2  ? 2.61276 3.85671 3.38260 0.78303  1.31214  0.13424  109 DC B "O4'" 
231 C "C3'" . DC B 2  ? 2.69244 3.73168 3.43322 0.85823  1.32252  0.11726  109 DC B "C3'" 
232 O "O3'" . DC B 2  ? 2.54736 3.62435 3.38427 0.83701  1.25173  0.16818  109 DC B "O3'" 
233 C "C2'" . DC B 2  ? 2.71329 3.66487 3.39047 0.81259  1.33952  0.03908  109 DC B "C2'" 
234 C "C1'" . DC B 2  ? 2.59257 3.69719 3.33632 0.75544  1.30320  0.07272  109 DC B "C1'" 
235 N N1    . DC B 2  ? 2.63019 3.70919 3.30753 0.71178  1.33197  0.01028  109 DC B N1    
236 C C2    . DC B 2  ? 2.53430 3.57065 3.24226 0.65036  1.29798  -0.01969 109 DC B C2    
237 O O2    . DC B 2  ? 2.41954 3.44796 3.21054 0.63493  1.24331  0.00266  109 DC B O2    
238 N N3    . DC B 2  ? 2.57660 3.57968 3.22101 0.60918  1.32618  -0.07585 109 DC B N3    
239 C C4    . DC B 2  ? 2.71075 3.72860 3.25585 0.62962  1.38276  -0.10333 109 DC B C4    
240 N N4    . DC B 2  ? 2.75880 3.73406 3.23184 0.58660  1.40769  -0.16147 109 DC B N4    
241 C C5    . DC B 2  ? 2.80828 3.88181 3.32367 0.69367  1.41635  -0.07670 109 DC B C5    
242 C C6    . DC B 2  ? 2.76225 3.86171 3.34983 0.73168  1.39062  -0.01933 109 DC B C6    
243 P P     . DA B 3  ? 2.58236 3.55582 3.42404 0.87158  1.23745  0.17994  110 DA B P     
244 O OP1   . DA B 3  ? 2.45234 3.52815 3.39715 0.86529  1.16610  0.25195  110 DA B OP1   
245 O OP2   . DA B 3  ? 2.74466 3.63356 3.51185 0.93461  1.30198  0.16312  110 DA B OP2   
246 O "O5'" . DA B 3  ? 2.56213 3.40900 3.37162 0.83107  1.23047  0.11701  110 DA B "O5'" 
247 C "C5'" . DA B 3  ? 2.45779 3.34579 3.30223 0.76606  1.19652  0.09180  110 DA B "C5'" 
248 C "C4'" . DA B 3  ? 2.49920 3.23505 3.28143 0.73962  1.21571  0.02079  110 DA B "C4'" 
249 O "O4'" . DA B 3  ? 2.55547 3.26560 3.27779 0.71072  1.25233  -0.03475 110 DA B "O4'" 
250 C "C3'" . DA B 3  ? 2.63737 3.21754 3.34219 0.78587  1.26131  0.00105  110 DA B "C3'" 
251 O "O3'" . DA B 3  ? 2.60861 3.08943 3.31210 0.75738  1.24389  -0.02331 110 DA B "O3'" 
252 C "C2'" . DA B 3  ? 2.78316 3.28730 3.39202 0.79773  1.32391  -0.05686 110 DA B "C2'" 
253 C "C1'" . DA B 3  ? 2.70568 3.24526 3.32484 0.73165  1.30481  -0.09269 110 DA B "C1'" 
254 N N9    . DA B 3  ? 2.80885 3.33358 3.34927 0.72915  1.35100  -0.14216 110 DA B N9    
255 C C8    . DA B 3  ? 2.93005 3.48284 3.41557 0.77911  1.39765  -0.14602 110 DA B C8    
256 N N7    . DA B 3  ? 3.01175 3.54672 3.42223 0.76431  1.43076  -0.20209 110 DA B N7    
257 C C5    . DA B 3  ? 2.93886 3.41913 3.35701 0.69760  1.40474  -0.23480 110 DA B C5    
258 C C6    . DA B 3  ? 2.97559 3.40226 3.33314 0.64852  1.41809  -0.29855 110 DA B C6    
259 N N6    . DA B 3  ? 3.10358 3.53128 3.36742 0.66442  1.46153  -0.34217 110 DA B N6    
260 N N1    . DA B 3  ? 2.88174 3.25169 3.27869 0.57997  1.38384  -0.32127 110 DA B N1    
261 C C2    . DA B 3  ? 2.75891 3.14118 3.24792 0.56760  1.33898  -0.28266 110 DA B C2    
262 N N3    . DA B 3  ? 2.71719 3.15236 3.25907 0.61332  1.32103  -0.22181 110 DA B N3    
263 C C4    . DA B 3  ? 2.81227 3.28893 3.31496 0.67565  1.35623  -0.19969 110 DA B C4    
264 P P     . DC B 4  ? 2.40570 2.89532 3.16223 0.77240  1.20415  0.02448  111 DC B P     
265 O OP1   . DC B 4  ? 2.35450 2.77773 3.11721 0.72560  1.18283  -0.01073 111 DC B OP1   
266 O OP2   . DC B 4  ? 2.29945 2.94615 3.14022 0.78238  1.15412  0.08470  111 DC B OP2   
267 O "O5'" . DC B 4  ? 2.55848 2.93407 3.25238 0.83393  1.25864  0.03825  111 DC B "O5'" 
268 C "C5'" . DC B 4  ? 2.55778 2.88191 3.26257 0.84955  1.24944  0.06821  111 DC B "C5'" 
269 C "C4'" . DC B 4  ? 2.67828 2.95389 3.35475 0.91738  1.29071  0.10606  111 DC B "C4'" 
270 O "O4'" . DC B 4  ? 2.67411 3.05874 3.37491 0.94918  1.28795  0.13689  111 DC B "O4'" 
271 C "C3'" . DC B 4  ? 2.65864 2.92535 3.36209 0.94028  1.27301  0.15900  111 DC B "C3'" 
272 O "O3'" . DC B 4  ? 2.80557 2.94166 3.45827 0.98324  1.33024  0.16610  111 DC B "O3'" 
273 C "C2'" . DC B 4  ? 2.59243 2.99275 3.35312 0.96800  1.23574  0.21623  111 DC B "C2'" 
274 C "C1'" . DC B 4  ? 2.66253 3.08922 3.40044 0.99029  1.27121  0.20173  111 DC B "C1'" 
275 N N1    . DC B 4  ? 2.57457 3.15633 3.37486 0.99160  1.23249  0.24138  111 DC B N1    
276 C C2    . DC B 4  ? 2.53999 3.19031 3.38975 1.02385  1.20191  0.30826  111 DC B C2    
277 O O2    . DC B 4  ? 2.57950 3.16735 3.41888 1.05216  1.20749  0.33396  111 DC B O2    
278 N N3    . DC B 4  ? 2.46799 3.25267 3.37691 1.02193  1.16702  0.34674  111 DC B N3    
279 C C4    . DC B 4  ? 2.43092 3.28726 3.35195 0.99090  1.16496  0.32559  111 DC B C4    
280 N N4    . DC B 4  ? 2.36540 3.35642 3.35037 0.98911  1.13085  0.37449  111 DC B N4    
281 C C5    . DC B 4  ? 2.46512 3.25834 3.33306 0.95930  1.19791  0.25721  111 DC B C5    
282 C C6    . DC B 4  ? 2.53634 3.19042 3.34472 0.96070  1.22903  0.21538  111 DC B C6    
283 P P     . DC B 5  ? 3.02461 3.02185 3.64328 0.96092  1.35750  0.14449  112 DC B P     
284 O OP1   . DC B 5  ? 3.20054 3.05928 3.76713 1.00723  1.42421  0.14162  112 DC B OP1   
285 O OP2   . DC B 5  ? 2.94997 2.94954 3.56864 0.89424  1.33593  0.08752  112 DC B OP2   
286 O "O5'" . DC B 5  ? 2.94562 2.99182 3.60742 0.96416  1.32191  0.19968  112 DC B "O5'" 
287 C "C5'" . DC B 5  ? 2.94070 3.05257 3.63025 1.01280  1.30742  0.26263  112 DC B "C5'" 
288 C "C4'" . DC B 5  ? 2.79628 3.02442 3.54323 0.99148  1.23849  0.29006  112 DC B "C4'" 
289 O "O4'" . DC B 5  ? 2.68471 3.04544 3.48170 0.97441  1.18400  0.28728  112 DC B "O4'" 
290 C "C3'" . DC B 5  ? 2.72322 2.94380 3.47871 0.93825  1.21628  0.25532  112 DC B "C3'" 
291 O "O3'" . DC B 5  ? 2.67105 2.94393 3.45532 0.94876  1.18328  0.29488  112 DC B "O3'" 
292 C "C2'" . DC B 5  ? 2.59613 2.91720 3.39269 0.88858  1.16264  0.21155  112 DC B "C2'" 
293 C "C1'" . DC B 5  ? 2.55084 2.98144 3.38977 0.91896  1.12681  0.25567  112 DC B "C1'" 
294 N N1    . DC B 5  ? 2.47158 2.99420 3.34717 0.89067  1.09500  0.23315  112 DC B N1    
295 C C2    . DC B 5  ? 2.40862 3.04718 3.33966 0.90682  1.05165  0.27585  112 DC B C2    
296 O O2    . DC B 5  ? 2.41836 3.07707 3.36335 0.94297  1.03759  0.32599  112 DC B O2    
297 N N3    . DC B 5  ? 2.34316 3.06853 3.31262 0.88141  1.02726  0.26499  112 DC B N3    
298 C C4    . DC B 5  ? 2.33853 3.04032 3.28921 0.84269  1.04489  0.21154  112 DC B C4    
299 N N4    . DC B 5  ? 2.27617 3.07373 3.26884 0.81921  1.02256  0.20989  112 DC B N4    
300 C C5    . DC B 5  ? 2.40278 2.98090 3.29233 0.82502  1.08681  0.16188  112 DC B C5    
301 C C6    . DC B 5  ? 2.46714 2.95909 3.32344 0.84902  1.11000  0.17590  112 DC B C6    
302 P P     . DG B 6  ? 2.92177 3.11381 3.68060 0.94551  1.21756  0.30264  113 DG B P     
303 O OP1   . DG B 6  ? 3.08880 3.14110 3.79581 0.98915  1.29735  0.33158  113 DG B OP1   
304 O OP2   . DG B 6  ? 2.84896 3.04710 3.61811 0.88230  1.19927  0.24030  113 DG B OP2   
305 O "O5'" . DG B 6  ? 2.85716 3.14836 3.65179 0.96947  1.17029  0.35237  113 DG B "O5'" 
306 C "C5'" . DG B 6  ? 2.92356 3.21304 3.71173 1.02962  1.18396  0.41953  113 DG B "C5'" 
307 C "C4'" . DG B 6  ? 2.81603 3.24208 3.65710 1.03570  1.10823  0.43840  113 DG B "C4'" 
308 O "O4'" . DG B 6  ? 2.73359 3.22070 3.60693 1.00117  1.07102  0.39685  113 DG B "O4'" 
309 C "C3'" . DG B 6  ? 2.71123 3.23661 3.59054 1.01909  1.04350  0.43583  113 DG B "C3'" 
310 O "O3'" . DG B 6  ? 2.68146 3.28619 3.59109 1.05036  0.99792  0.48034  113 DG B "O3'" 
311 C "C2'" . DG B 6  ? 2.58634 3.17857 3.50779 0.95750  0.99022  0.36527  113 DG B "C2'" 
312 C "C1'" . DG B 6  ? 2.59005 3.18760 3.52003 0.95947  0.99271  0.36518  113 DG B "C1'" 
313 N N9    . DG B 6  ? 2.53335 3.13958 3.47696 0.90970  0.98331  0.30534  113 DG B N9    
314 C C8    . DG B 6  ? 2.56257 3.09108 3.47285 0.87647  1.02204  0.25724  113 DG B C8    
315 N N7    . DG B 6  ? 2.50352 3.06043 3.43390 0.83620  1.00396  0.21145  113 DG B N7    
316 C C5    . DG B 6  ? 2.43226 3.09416 3.41553 0.84429  0.95263  0.23486  113 DG B C5    
317 C C6    . DG B 6  ? 2.35349 3.09214 3.38272 0.81456  0.91691  0.21465  113 DG B C6    
318 O O6    . DG B 6  ? 2.32862 3.05862 3.35787 0.77494  0.92355  0.16800  113 DG B O6    
319 N N1    . DG B 6  ? 2.30595 3.13865 3.38673 0.83380  0.87036  0.25911  113 DG B N1    
320 C C2    . DG B 6  ? 2.33204 3.17848 3.41526 0.87575  0.85853  0.31136  113 DG B C2    
321 N N2    . DG B 6  ? 2.28426 3.21975 3.42034 0.88514  0.81082  0.34901  113 DG B N2    
322 N N3    . DG B 6  ? 2.40481 3.18225 3.44290 0.90549  0.89210  0.32930  113 DG B N3    
323 C C4    . DG B 6  ? 2.45143 3.14054 3.44273 0.88809  0.93894  0.29123  113 DG B C4    
324 P P     . DT B 7  ? 2.91915 3.61934 3.86001 1.05425  0.93412  0.49181  114 DT B P     
325 O OP1   . DT B 7  ? 3.04687 3.71176 3.95430 1.11313  0.97082  0.56393  114 DT B OP1   
326 O OP2   . DT B 7  ? 2.85563 3.57992 3.80625 1.01256  0.91596  0.43664  114 DT B OP2   
327 O "O5'" . DT B 7  ? 2.80886 3.61936 3.81597 1.03729  0.84833  0.48053  114 DT B "O5'" 
328 C "C5'" . DT B 7  ? 2.78837 3.61501 3.82312 1.00536  0.83506  0.44901  114 DT B "C5'" 
329 C "C4'" . DT B 7  ? 2.65110 3.57536 3.75445 0.95419  0.74774  0.39300  114 DT B "C4'" 
330 O "O4'" . DT B 7  ? 2.60209 3.51389 3.71407 0.91384  0.75880  0.34743  114 DT B "O4'" 
331 C "C3'" . DT B 7  ? 2.59208 3.55003 3.70771 0.93692  0.71255  0.35484  114 DT B "C3'" 
332 O "O3'" . DT B 7  ? 2.57377 3.61418 3.73506 0.94464  0.63518  0.36055  114 DT B "O3'" 
333 C "C2'" . DT B 7  ? 2.49051 3.47425 3.64303 0.87903  0.68405  0.28047  114 DT B "C2'" 
334 C "C1'" . DT B 7  ? 2.48329 3.46206 3.64883 0.86712  0.69184  0.28708  114 DT B "C1'" 
335 N N1    . DT B 7  ? 2.45548 3.40005 3.61241 0.82729  0.72101  0.23749  114 DT B N1    
336 C C2    . DT B 7  ? 2.38470 3.38072 3.59026 0.79491  0.68500  0.21676  114 DT B C2    
337 O O2    . DT B 7  ? 2.34100 3.40745 3.59843 0.79583  0.63008  0.23951  114 DT B O2    
338 N N3    . DT B 7  ? 2.38054 3.34068 3.57160 0.75976  0.71636  0.17144  114 DT B N3    
339 C C4    . DT B 7  ? 2.44187 3.31298 3.57451 0.75082  0.77715  0.14248  114 DT B C4    
340 O O4    . DT B 7  ? 2.43856 3.27557 3.55953 0.71574  0.80022  0.10061  114 DT B O4    
341 C C5    . DT B 7  ? 2.51634 3.33505 3.60321 0.78434  0.81215  0.16920  114 DT B C5    
342 C C7    . DT B 7  ? 2.59486 3.31243 3.62171 0.77512  0.87920  0.14882  114 DT B C7    
343 C C6    . DT B 7  ? 2.51828 3.37975 3.61954 0.82209  0.78353  0.21627  114 DT B C6    
344 O "O5'" . DT C 1  ? 5.45165 3.00414 5.43493 1.98719  0.56060  -0.32646 100 DT C "O5'" 
345 C "C5'" . DT C 1  ? 5.41331 3.08965 5.38484 1.99786  0.66354  -0.38850 100 DT C "C5'" 
346 C "C4'" . DT C 1  ? 5.21174 3.11774 5.28952 1.97255  0.75659  -0.36789 100 DT C "C4'" 
347 O "O4'" . DT C 1  ? 5.19548 3.23760 5.27176 1.98904  0.85785  -0.43066 100 DT C "O4'" 
348 C "C3'" . DT C 1  ? 5.06353 2.95562 5.11760 1.86629  0.77120  -0.30521 100 DT C "C3'" 
349 O "O3'" . DT C 1  ? 4.95839 2.92073 5.11679 1.85582  0.74893  -0.23790 100 DT C "O3'" 
350 C "C2'" . DT C 1  ? 4.95752 3.00129 5.01362 1.83080  0.89011  -0.33717 100 DT C "C2'" 
351 C "C1'" . DT C 1  ? 5.01786 3.20112 5.13551 1.91869  0.93960  -0.40333 100 DT C "C1'" 
352 N N1    . DT C 1  ? 5.02047 3.27134 5.08100 1.90084  1.02909  -0.45600 100 DT C N1    
353 C C2    . DT C 1  ? 4.94226 3.42066 5.09711 1.91437  1.12527  -0.48069 100 DT C C2    
354 O O2    . DT C 1  ? 4.86785 3.50525 5.15805 1.94392  1.14144  -0.46436 100 DT C O2    
355 N N3    . DT C 1  ? 4.95998 3.47856 5.04516 1.88863  1.20074  -0.52216 100 DT C N3    
356 C C4    . DT C 1  ? 5.04463 3.40304 4.97814 1.85726  1.18941  -0.54099 100 DT C C4    
357 O O4    . DT C 1  ? 5.06097 3.47023 4.93787 1.83713  1.26015  -0.57400 100 DT C O4    
358 C C5    . DT C 1  ? 5.11811 3.24950 4.96474 1.84604  1.08695  -0.51515 100 DT C C5    
359 C C7    . DT C 1  ? 5.21424 3.16946 4.90044 1.81080  1.06382  -0.53061 100 DT C C7    
360 C C6    . DT C 1  ? 5.10306 3.19199 5.01685 1.86483  1.01296  -0.47401 100 DT C C6    
361 P P     . DC C 2  ? 4.90460 2.94146 5.09153 1.74595  0.78299  -0.17280 101 DC C P     
362 O OP1   . DC C 2  ? 4.86107 2.91213 5.11980 1.71513  0.69687  -0.10124 101 DC C OP1   
363 O OP2   . DC C 2  ? 4.91268 2.82007 4.97200 1.67928  0.79542  -0.17309 101 DC C OP2   
364 O "O5'" . DC C 2  ? 4.76609 3.06635 5.06021 1.73638  0.89317  -0.19986 101 DC C "O5'" 
365 C "C5'" . DC C 2  ? 4.75347 3.22321 5.17816 1.80523  0.90428  -0.21296 101 DC C "C5'" 
366 C "C4'" . DC C 2  ? 4.64401 3.34735 5.14726 1.78504  1.01647  -0.24572 101 DC C "C4'" 
367 O "O4'" . DC C 2  ? 4.72114 3.37711 5.13477 1.81851  1.09334  -0.30920 101 DC C "O4'" 
368 C "C3'" . DC C 2  ? 4.46967 3.28600 5.00184 1.65591  1.05254  -0.20360 101 DC C "C3'" 
369 O "O3'" . DC C 2  ? 4.36924 3.42818 5.04152 1.64454  1.09148  -0.20107 101 DC C "O3'" 
370 C "C2'" . DC C 2  ? 4.47328 3.24366 4.90203 1.61811  1.13589  -0.23954 101 DC C "C2'" 
371 C "C1'" . DC C 2  ? 4.60078 3.37639 5.01725 1.72864  1.18087  -0.30957 101 DC C "C1'" 
372 N N1    . DC C 2  ? 4.67716 3.33872 4.95332 1.71551  1.22021  -0.35031 101 DC C N1    
373 C C2    . DC C 2  ? 4.65309 3.45114 4.92878 1.69207  1.31860  -0.38989 101 DC C C2    
374 O O2    . DC C 2  ? 4.57154 3.57597 4.96763 1.69080  1.38274  -0.39264 101 DC C O2    
375 N N3    . DC C 2  ? 4.72545 3.42870 4.86844 1.66747  1.33888  -0.42064 101 DC C N3    
376 C C4    . DC C 2  ? 4.81359 3.30475 4.83483 1.66571  1.26629  -0.41582 101 DC C C4    
377 N N4    . DC C 2  ? 4.88544 3.29674 4.78047 1.64349  1.28859  -0.44512 101 DC C N4    
378 C C5    . DC C 2  ? 4.83887 3.19312 4.86204 1.68288  1.16576  -0.37737 101 DC C C5    
379 C C6    . DC C 2  ? 4.77106 3.21248 4.91983 1.70718  1.14609  -0.34431 101 DC C C6    
380 P P     . DT C 3  ? 4.54030 3.73370 5.25822 1.51788  1.12123  -0.15935 102 DT C P     
381 O OP1   . DT C 3  ? 4.55784 3.93802 5.41854 1.52348  1.09380  -0.13571 102 DT C OP1   
382 O OP2   . DT C 3  ? 4.51035 3.53691 5.12553 1.44526  1.07805  -0.11520 102 DT C OP2   
383 O "O5'" . DT C 3  ? 4.48313 3.78103 5.18599 1.48270  1.24069  -0.20596 102 DT C "O5'" 
384 C "C5'" . DT C 3  ? 4.49640 4.00427 5.30680 1.51943  1.30432  -0.24370 102 DT C "C5'" 
385 C "C4'" . DT C 3  ? 4.43275 4.01911 5.21089 1.45418  1.41337  -0.27257 102 DT C "C4'" 
386 O "O4'" . DT C 3  ? 4.43535 3.85709 5.07886 1.48865  1.44764  -0.30816 102 DT C "O4'" 
387 C "C3'" . DT C 3  ? 4.36500 3.95510 5.11128 1.32458  1.43094  -0.23476 102 DT C "C3'" 
388 O "O3'" . DT C 3  ? 4.32887 4.10317 5.13088 1.26263  1.52008  -0.25337 102 DT C "O3'" 
389 C "C2'" . DT C 3  ? 4.33653 3.70733 4.92238 1.30769  1.43723  -0.23587 102 DT C "C2'" 
390 C "C1'" . DT C 3  ? 4.36760 3.72751 4.91902 1.39036  1.49222  -0.29434 102 DT C "C1'" 
391 N N1    . DT C 3  ? 4.37794 3.51810 4.77468 1.41504  1.48654  -0.30949 102 DT C N1    
392 C C2    . DT C 3  ? 4.35905 3.48422 4.67191 1.40575  1.57373  -0.34601 102 DT C C2    
393 O O2    . DT C 3  ? 4.33096 3.61230 4.69038 1.37490  1.65765  -0.36479 102 DT C O2    
394 N N3    . DT C 3  ? 4.43670 3.36895 4.60478 1.41663  1.54243  -0.35530 102 DT C N3    
395 C C4    . DT C 3  ? 4.48445 3.23265 4.58951 1.44351  1.45064  -0.33480 102 DT C C4    
396 O O4    . DT C 3  ? 4.56678 3.16352 4.54346 1.43980  1.42040  -0.34438 102 DT C O4    
397 C C5    . DT C 3  ? 4.43572 3.19787 4.63580 1.45886  1.37697  -0.29603 102 DT C C5    
398 C C7    . DT C 3  ? 4.48752 3.06077 4.62844 1.47577  1.27104  -0.26518 102 DT C C7    
399 C C6    . DT C 3  ? 4.41355 3.37267 4.75128 1.44148  1.39297  -0.28451 102 DT C C6    
400 P P     . DG C 4  ? 4.27450 3.99496 4.97507 1.15331  1.58929  -0.24826 103 DG C P     
401 O OP1   . DG C 4  ? 4.23566 3.85551 4.89253 1.08853  1.53016  -0.19838 103 DG C OP1   
402 O OP2   . DG C 4  ? 4.28423 3.90265 4.87833 1.19023  1.64827  -0.28647 103 DG C OP2   
403 O "O5'" . DG C 4  ? 4.27655 4.22219 5.07133 1.08097  1.66166  -0.25895 103 DG C "O5'" 
404 C "C5'" . DG C 4  ? 4.18985 4.12406 4.93131 0.96294  1.70094  -0.24044 103 DG C "C5'" 
405 C "C4'" . DG C 4  ? 4.14605 3.99985 4.77060 0.93052  1.78914  -0.26391 103 DG C "C4'" 
406 O "O4'" . DG C 4  ? 4.16458 3.84946 4.68919 1.01034  1.77816  -0.27966 103 DG C "O4'" 
407 C "C3'" . DG C 4  ? 4.08933 3.83735 4.60971 0.82743  1.81150  -0.23886 103 DG C "C3'" 
408 O "O3'" . DG C 4  ? 4.06724 3.84120 4.53479 0.77245  1.90737  -0.25991 103 DG C "O3'" 
409 C "C2'" . DG C 4  ? 4.07898 3.60441 4.47868 0.86701  1.76407  -0.22212 103 DG C "C2'" 
410 C "C1'" . DG C 4  ? 4.11132 3.60776 4.49487 0.96459  1.77721  -0.25883 103 DG C "C1'" 
411 N N9    . DG C 4  ? 4.13297 3.46196 4.45654 1.03261  1.70105  -0.24789 103 DG C N9    
412 C C8    . DG C 4  ? 4.15934 3.46341 4.53494 1.06084  1.60766  -0.21818 103 DG C C8    
413 N N7    . DG C 4  ? 4.17881 3.31725 4.47825 1.11207  1.55250  -0.21223 103 DG C N7    
414 C C5    . DG C 4  ? 4.16771 3.21481 4.35464 1.12091  1.61160  -0.24164 103 DG C C5    
415 C C6    . DG C 4  ? 4.21530 3.07867 4.28125 1.16476  1.58675  -0.25067 103 DG C C6    
416 O O6    . DG C 4  ? 4.24529 2.98570 4.28195 1.20112  1.50450  -0.23349 103 DG C O6    
417 N N1    . DG C 4  ? 4.28152 3.11178 4.25072 1.15399  1.66018  -0.28000 103 DG C N1    
418 C C2    . DG C 4  ? 4.26598 3.22254 4.25310 1.10159  1.74491  -0.29462 103 DG C C2    
419 N N2    . DG C 4  ? 4.34260 3.25362 4.22013 1.08037  1.78049  -0.31185 103 DG C N2    
420 N N3    . DG C 4  ? 4.18753 3.30742 4.29048 1.06407  1.78330  -0.28910 103 DG C N3    
421 C C4    . DG C 4  ? 4.13858 3.29978 4.33674 1.07363  1.70499  -0.26241 103 DG C C4    
422 P P     . DA C 5  ? 4.17314 3.85092 4.53202 0.66154  1.94674  -0.23938 104 DA C P     
423 O OP1   . DA C 5  ? 4.21761 4.04657 4.62261 0.58306  2.02280  -0.25461 104 DA C OP1   
424 O OP2   . DA C 5  ? 4.13461 3.73905 4.48304 0.63611  1.87416  -0.20295 104 DA C OP2   
425 O "O5'" . DA C 5  ? 4.17732 3.66031 4.37600 0.68761  1.98061  -0.24527 104 DA C "O5'" 
426 C "C5'" . DA C 5  ? 4.30744 3.81922 4.47018 0.70274  2.05984  -0.27668 104 DA C "C5'" 
427 C "C4'" . DA C 5  ? 4.36640 3.67978 4.36449 0.71780  2.05196  -0.27162 104 DA C "C4'" 
428 O "O4'" . DA C 5  ? 4.33472 3.54132 4.31458 0.80681  1.97938  -0.27011 104 DA C "O4'" 
429 C "C3'" . DA C 5  ? 4.34536 3.51189 4.22334 0.64204  2.05701  -0.23930 104 DA C "C3'" 
430 O "O3'" . DA C 5  ? 4.45316 3.52068 4.20066 0.62552  2.08071  -0.24011 104 DA C "O3'" 
431 C "C2'" . DA C 5  ? 4.24554 3.28815 4.10233 0.69059  1.98425  -0.21588 104 DA C "C2'" 
432 C "C1'" . DA C 5  ? 4.28566 3.31504 4.15535 0.78596  1.94327  -0.23781 104 DA C "C1'" 
433 N N9    . DA C 5  ? 4.22777 3.20535 4.13834 0.84544  1.86345  -0.22281 104 DA C N9    
434 C C8    . DA C 5  ? 4.14256 3.21786 4.17252 0.84221  1.80641  -0.20566 104 DA C C8    
435 N N7    . DA C 5  ? 4.12764 3.12641 4.16343 0.89125  1.72199  -0.18647 104 DA C N7    
436 C C5    . DA C 5  ? 4.20496 3.04775 4.11994 0.92780  1.72168  -0.19408 104 DA C C5    
437 C C6    . DA C 5  ? 4.23923 2.94185 4.09802 0.97784  1.64885  -0.18125 104 DA C C6    
438 N N6    . DA C 5  ? 4.19675 2.89205 4.11718 0.99932  1.56188  -0.15421 104 DA C N6    
439 N N1    . DA C 5  ? 4.32694 2.89875 4.05956 0.99729  1.66302  -0.19409 104 DA C N1    
440 C C2    . DA C 5  ? 4.37126 2.96585 4.03986 0.95855  1.72661  -0.21085 104 DA C C2    
441 N N3    . DA C 5  ? 4.35030 3.06455 4.06011 0.90901  1.79946  -0.22128 104 DA C N3    
442 C C4    . DA C 5  ? 4.26731 3.09713 4.10276 0.90232  1.80622  -0.21656 104 DA C C4    
443 P P     . DC C 6  ? 4.43901 3.36496 4.05080 0.54496  2.10298  -0.21005 105 DC C P     
444 O OP1   . DC C 6  ? 4.56044 3.55057 4.14896 0.47924  2.17364  -0.22036 105 DC C OP1   
445 O OP2   . DC C 6  ? 4.32727 3.21647 3.95596 0.51313  2.07942  -0.18538 105 DC C OP2   
446 O "O5'" . DC C 6  ? 4.50218 3.25305 3.98281 0.59537  2.06200  -0.19793 105 DC C "O5'" 
447 C "C5'" . DC C 6  ? 4.44921 3.16187 3.95121 0.67792  1.99642  -0.20182 105 DC C "C5'" 
448 C "C4'" . DC C 6  ? 4.48480 3.02203 3.85068 0.69878  1.95813  -0.18028 105 DC C "C4'" 
449 O "O4'" . DC C 6  ? 4.42840 2.91587 3.82051 0.75997  1.88403  -0.17275 105 DC C "O4'" 
450 C "C3'" . DC C 6  ? 4.48601 2.91305 3.75758 0.64064  1.96720  -0.14256 105 DC C "C3'" 
451 O "O3'" . DC C 6  ? 4.57207 2.86696 3.70866 0.65297  1.95849  -0.12916 105 DC C "O3'" 
452 C "C2'" . DC C 6  ? 4.38993 2.79595 3.71029 0.65760  1.91255  -0.11924 105 DC C "C2'" 
453 C "C1'" . DC C 6  ? 4.37940 2.78443 3.73913 0.73598  1.85462  -0.13350 105 DC C "C1'" 
454 N N1    . DC C 6  ? 4.28681 2.74885 3.76035 0.76336  1.81273  -0.12788 105 DC C N1    
455 C C2    . DC C 6  ? 4.27536 2.66480 3.74791 0.81847  1.73972  -0.11495 105 DC C C2    
456 O O2    . DC C 6  ? 4.34009 2.62406 3.71708 0.84092  1.71062  -0.11106 105 DC C O2    
457 N N3    . DC C 6  ? 4.19939 2.63900 3.77502 0.83826  1.69438  -0.10282 105 DC C N3    
458 C C4    . DC C 6  ? 4.12996 2.70139 3.80755 0.80154  1.70913  -0.10266 105 DC C C4    
459 N N4    . DC C 6  ? 4.05721 2.68861 3.83196 0.81054  1.64034  -0.08174 105 DC C N4    
460 C C5    . DC C 6  ? 4.14173 2.78765 3.82166 0.74885  1.79254  -0.12176 105 DC C C5    
461 C C6    . DC C 6  ? 4.22309 2.80618 3.79911 0.73175  1.84503  -0.13373 105 DC C C6    
462 P P     . DT C 7  ? 4.66337 2.82616 3.67754 0.60583  1.97146  -0.08989 106 DT C P     
463 O OP1   . DT C 7  ? 4.82305 2.92892 3.72948 0.59126  2.01345  -0.09349 106 DT C OP1   
464 O OP2   . DT C 7  ? 4.59361 2.79228 3.65446 0.54961  1.99373  -0.07852 106 DT C OP2   
465 O "O5'" . DT C 7  ? 4.64380 2.70333 3.61089 0.65419  1.90023  -0.06185 106 DT C "O5'" 
466 C "C5'" . DT C 7  ? 4.66288 2.68800 3.60267 0.71343  1.85837  -0.07461 106 DT C "C5'" 
467 C "C4'" . DT C 7  ? 4.59321 2.55205 3.52570 0.74843  1.78699  -0.04730 106 DT C "C4'" 
468 O "O4'" . DT C 7  ? 4.45936 2.49888 3.51897 0.76137  1.75616  -0.05048 106 DT C "O4'" 
469 C "C3'" . DT C 7  ? 4.59436 2.46677 3.44941 0.72491  1.78233  -0.00225 106 DT C "C3'" 
470 O "O3'" . DT C 7  ? 4.61576 2.40465 3.40939 0.76506  1.72587  0.01782  106 DT C "O3'" 
471 C "C2'" . DT C 7  ? 4.46108 2.40055 3.41511 0.70511  1.77556  0.01006  106 DT C "C2'" 
472 C "C1'" . DT C 7  ? 4.38914 2.39589 3.44825 0.74734  1.73214  -0.01148 106 DT C "C1'" 
473 N N1    . DT C 7  ? 4.29459 2.40158 3.47673 0.73497  1.73464  -0.01483 106 DT C N1    
474 C C2    . DT C 7  ? 4.23157 2.35254 3.48701 0.77133  1.67672  -0.00305 106 DT C C2    
475 O O2    . DT C 7  ? 4.25122 2.30334 3.47671 0.80847  1.62049  0.01021  106 DT C O2    
476 N N3    . DT C 7  ? 4.15073 2.37240 3.51574 0.75484  1.67787  -0.00310 106 DT C N3    
477 C C4    . DT C 7  ? 4.13017 2.43593 3.53580 0.70797  1.73596  -0.01877 106 DT C C4    
478 O O4    . DT C 7  ? 4.05632 2.46388 3.56169 0.68693  1.71553  -0.01393 106 DT C O4    
479 C C5    . DT C 7  ? 4.20566 2.48157 3.52853 0.67066  1.80094  -0.03363 106 DT C C5    
480 C C7    . DT C 7  ? 4.20487 2.55904 3.55940 0.60871  1.86401  -0.04982 106 DT C C7    
481 C C6    . DT C 7  ? 4.28230 2.46207 3.49974 0.68537  1.79380  -0.02835 106 DT C C6    
482 P P     . DG C 8  ? 4.60902 2.28931 3.27827 0.76057  1.72450  0.05970  107 DG C P     
483 O OP1   . DG C 8  ? 4.72788 2.34247 3.28345 0.75819  1.76061  0.04942  107 DG C OP1   
484 O OP2   . DG C 8  ? 4.55755 2.25246 3.24904 0.72686  1.74482  0.08653  107 DG C OP2   
485 O "O5'" . DG C 8  ? 4.59271 2.22947 3.25566 0.80678  1.64806  0.07885  107 DG C "O5'" 
486 C "C5'" . DG C 8  ? 4.55036 2.22542 3.29930 0.83545  1.59790  0.05832  107 DG C "C5'" 
487 C "C4'" . DG C 8  ? 4.47950 2.15297 3.28101 0.85007  1.53794  0.09461  107 DG C "C4'" 
488 O "O4'" . DG C 8  ? 4.37972 2.14499 3.30504 0.83671  1.54148  0.09316  107 DG C "O4'" 
489 C "C3'" . DG C 8  ? 4.48025 2.11116 3.21965 0.84477  1.53818  0.14165  107 DG C "C3'" 
490 O "O3'" . DG C 8  ? 4.47196 2.06692 3.21762 0.87335  1.46853  0.17306  107 DG C "O3'" 
491 C "C2'" . DG C 8  ? 4.39697 2.10137 3.20749 0.81388  1.57325  0.15282  107 DG C "C2'" 
492 C "C1'" . DG C 8  ? 4.32453 2.10545 3.26014 0.81832  1.55108  0.13095  107 DG C "C1'" 
493 N N9    . DG C 8  ? 4.26978 2.13283 3.27476 0.78479  1.59986  0.11468  107 DG C N9    
494 C C8    . DG C 8  ? 4.30493 2.18057 3.27637 0.74680  1.66470  0.09452  107 DG C C8    
495 N N7    . DG C 8  ? 4.24917 2.20384 3.29905 0.71792  1.69408  0.08201  107 DG C N7    
496 C C5    . DG C 8  ? 4.16899 2.16968 3.30965 0.74146  1.64622  0.09574  107 DG C C5    
497 C C6    . DG C 8  ? 4.08235 2.19128 3.33286 0.71655  1.63208  0.09770  107 DG C C6    
498 O O6    . DG C 8  ? 4.06705 2.23657 3.35217 0.67967  1.67887  0.07796  107 DG C O6    
499 N N1    . DG C 8  ? 4.01789 2.16406 3.33763 0.73336  1.55172  0.12823  107 DG C N1    
500 C C2    . DG C 8  ? 4.03662 2.12361 3.32631 0.76412  1.49138  0.15356  107 DG C C2    
501 N N2    . DG C 8  ? 3.97663 2.11039 3.34135 0.76745  1.41679  0.18581  107 DG C N2    
502 N N3    . DG C 8  ? 4.11708 2.10577 3.30632 0.78567  1.50102  0.14955  107 DG C N3    
503 C C4    . DG C 8  ? 4.17873 2.12915 3.29660 0.77556  1.58042  0.12007  107 DG C C4    
504 P P     . DT C 9  ? 4.52523 2.08252 3.20147 0.88097  1.44690  0.22591  108 DT C P     
505 O OP1   . DT C 9  ? 4.60738 2.09289 3.20997 0.90243  1.39173  0.23089  108 DT C OP1   
506 O OP2   . DT C 9  ? 4.55010 2.09265 3.16286 0.86699  1.51884  0.23038  108 DT C OP2   
507 O "O5'" . DT C 9  ? 4.41127 2.06627 3.20056 0.86672  1.38923  0.26976  108 DT C "O5'" 
508 C "C5'" . DT C 9  ? 4.33506 2.06327 3.24040 0.85203  1.36106  0.25737  108 DT C "C5'" 
509 C "C4'" . DT C 9  ? 4.23494 2.05885 3.22288 0.83124  1.36041  0.28986  108 DT C "C4'" 
510 O "O4'" . DT C 9  ? 4.19708 2.06659 3.23596 0.81310  1.41514  0.25514  108 DT C "O4'" 
511 C "C3'" . DT C 9  ? 4.24249 2.05960 3.17179 0.83602  1.39184  0.32315  108 DT C "C3'" 
512 O "O3'" . DT C 9  ? 4.23436 2.07156 3.16377 0.84727  1.32666  0.37549  108 DT C "O3'" 
513 C "C2'" . DT C 9  ? 4.16706 2.06237 3.16337 0.81331  1.42598  0.32337  108 DT C "C2'" 
514 C "C1'" . DT C 9  ? 4.13523 2.06702 3.20724 0.79544  1.43203  0.28106  108 DT C "C1'" 
515 N N1    . DT C 9  ? 4.14253 2.08015 3.20686 0.77358  1.51054  0.24377  108 DT C N1    
516 C C2    . DT C 9  ? 4.06863 2.09713 3.22273 0.74706  1.51398  0.23854  108 DT C C2    
517 O O2    . DT C 9  ? 3.99710 2.10008 3.23472 0.74350  1.45753  0.26450  108 DT C O2    
518 N N3    . DT C 9  ? 4.08946 2.11933 3.22881 0.71999  1.58418  0.20392  108 DT C N3    
519 C C4    . DT C 9  ? 4.17817 2.12641 3.22290 0.71414  1.65225  0.17745  108 DT C C4    
520 O O4    . DT C 9  ? 4.19728 2.15756 3.23753 0.67773  1.70816  0.15100  108 DT C O4    
521 C C5    . DT C 9  ? 4.25167 2.10846 3.20254 0.74334  1.64303  0.18807  108 DT C C5    
522 C C7    . DT C 9  ? 4.34723 2.13651 3.19486 0.72044  1.68737  0.17519  108 DT C C7    
523 C C6    . DT C 9  ? 4.23158 2.08414 3.19544 0.77532  1.57608  0.21770  108 DT C C6    
524 P P     . DG C 10 ? 4.20639 2.12099 3.23897 0.83090  1.23563  0.40951  109 DG C P     
525 O OP1   . DG C 10 ? 4.11633 2.12145 3.24785 0.80873  1.24268  0.41046  109 DG C OP1   
526 O OP2   . DG C 10 ? 4.26732 2.11517 3.27944 0.83456  1.18523  0.38983  109 DG C OP2   
527 O "O5'" . DG C 10 ? 4.19866 2.15769 3.21983 0.83970  1.19610  0.47292  109 DG C "O5'" 
528 C "C5'" . DG C 10 ? 4.28054 2.17346 3.20235 0.86532  1.19798  0.48355  109 DG C "C5'" 
529 C "C4'" . DG C 10 ? 4.26204 2.22047 3.17874 0.88404  1.19707  0.53761  109 DG C "C4'" 
530 O "O4'" . DG C 10 ? 4.34421 2.22063 3.14711 0.91871  1.25428  0.52829  109 DG C "O4'" 
531 C "C3'" . DG C 10 ? 4.25786 2.27947 3.20599 0.87901  1.11133  0.59410  109 DG C "C3'" 
532 O "O3'" . DG C 10 ? 4.16633 2.31771 3.21953 0.85896  1.08118  0.63680  109 DG C "O3'" 
533 C "C2'" . DG C 10 ? 4.32296 2.32364 3.18386 0.92007  1.12852  0.62047  109 DG C "C2'" 
534 C "C1'" . DG C 10 ? 4.39536 2.27074 3.15244 0.94114  1.20917  0.56833  109 DG C "C1'" 
535 N N9    . DG C 10 ? 4.48763 2.25472 3.16072 0.94283  1.19698  0.53832  109 DG C N9    
536 C C8    . DG C 10 ? 4.52358 2.20593 3.16420 0.93065  1.23012  0.47995  109 DG C C8    
537 N N7    . DG C 10 ? 4.61957 2.21456 3.17247 0.93986  1.21243  0.46323  109 DG C N7    
538 C C5    . DG C 10 ? 4.64743 2.27034 3.17455 0.95595  1.16016  0.51508  109 DG C C5    
539 C C6    . DG C 10 ? 4.74853 2.31111 3.18470 0.96884  1.11695  0.52450  109 DG C C6    
540 O O6    . DG C 10 ? 4.84113 2.30250 3.19069 0.97020  1.11857  0.48571  109 DG C O6    
541 N N1    . DG C 10 ? 4.74173 2.38158 3.19223 0.98254  1.06735  0.58666  109 DG C N1    
542 C C2    . DG C 10 ? 4.64996 2.41260 3.19072 0.98748  1.06557  0.63247  109 DG C C2    
543 N N2    . DG C 10 ? 4.65913 2.50177 3.20776 1.00511  1.01663  0.69133  109 DG C N2    
544 N N3    . DG C 10 ? 4.56082 2.37241 3.17775 0.97703  1.10829  0.62161  109 DG C N3    
545 C C4    . DG C 10 ? 4.56450 2.29947 3.16973 0.95946  1.15165  0.56247  109 DG C C4    
546 P P     . DG C 11 ? 4.21796 2.43882 3.35575 0.81719  0.98172  0.67891  110 DG C P     
547 O OP1   . DG C 11 ? 4.09865 2.45159 3.33481 0.79801  0.97496  0.71783  110 DG C OP1   
548 O OP2   . DG C 11 ? 4.27067 2.39049 3.39523 0.79756  0.95190  0.63435  110 DG C OP2   
549 O "O5'" . DG C 11 ? 4.29367 2.54050 3.39408 0.82864  0.93226  0.72763  110 DG C "O5'" 
550 C "C5'" . DG C 11 ? 4.28612 2.61561 3.37671 0.86499  0.96028  0.76856  110 DG C "C5'" 
551 C "C4'" . DG C 11 ? 4.38614 2.70581 3.41727 0.88354  0.91946  0.79827  110 DG C "C4'" 
552 O "O4'" . DG C 11 ? 4.49689 2.65984 3.41580 0.90118  0.94356  0.74588  110 DG C "O4'" 
553 C "C3'" . DG C 11 ? 4.39609 2.77852 3.48268 0.83504  0.81588  0.84355  110 DG C "C3'" 
554 O "O3'" . DG C 11 ? 4.42751 2.91058 3.51512 0.85459  0.78542  0.90266  110 DG C "O3'" 
555 C "C2'" . DG C 11 ? 4.49865 2.72625 3.50778 0.81965  0.78669  0.79407  110 DG C "C2'" 
556 C "C1'" . DG C 11 ? 4.57313 2.69946 3.46847 0.87519  0.86436  0.75389  110 DG C "C1'" 
557 N N9    . DG C 11 ? 4.65572 2.62807 3.47157 0.87321  0.88220  0.68705  110 DG C N9    
558 C C8    . DG C 11 ? 4.62389 2.53672 3.45340 0.86497  0.92724  0.63229  110 DG C C8    
559 N N7    . DG C 11 ? 4.72571 2.51304 3.47353 0.87024  0.93716  0.57941  110 DG C N7    
560 C C5    . DG C 11 ? 4.83324 2.58467 3.50050 0.88019  0.89406  0.59923  110 DG C C5    
561 C C6    . DG C 11 ? 4.97990 2.60602 3.53099 0.88991  0.88351  0.56161  110 DG C C6    
562 O O6    . DG C 11 ? 5.04714 2.57071 3.54476 0.89477  0.91543  0.50106  110 DG C O6    
563 N N1    . DG C 11 ? 5.05810 2.69430 3.55360 0.89607  0.83023  0.60165  110 DG C N1    
564 C C2    . DG C 11 ? 4.99990 2.76407 3.55470 0.89562  0.79355  0.67089  110 DG C C2    
565 N N2    . DG C 11 ? 5.09555 2.86431 3.58965 0.90262  0.74038  0.70355  110 DG C N2    
566 N N3    . DG C 11 ? 4.86499 2.75293 3.53076 0.89008  0.80775  0.70618  110 DG C N3    
567 C C4    . DG C 11 ? 4.78905 2.65665 3.50090 0.88138  0.85780  0.66644  110 DG C C4    
568 P P     . DT C 12 ? 4.71734 3.34315 3.89759 0.80004  0.68594  0.97488  111 DT C P     
569 O OP1   . DT C 12 ? 4.62480 3.42978 3.89632 0.81122  0.70778  1.02844  111 DT C OP1   
570 O OP2   . DT C 12 ? 4.74419 3.29439 3.94570 0.73403  0.62135  0.95544  111 DT C OP2   
571 O "O5'" . DT C 12 ? 4.82959 3.45873 3.94506 0.82033  0.64307  1.00214  111 DT C "O5'" 
572 C "C5'" . DT C 12 ? 4.93586 3.40536 3.92384 0.85547  0.66835  0.95163  111 DT C "C5'" 
573 C "C4'" . DT C 12 ? 5.03569 3.41976 3.97883 0.80721  0.58218  0.94082  111 DT C "C4'" 
574 O "O4'" . DT C 12 ? 5.10092 3.29896 3.95377 0.81352  0.61666  0.86307  111 DT C "O4'" 
575 C "C3'" . DT C 12 ? 5.01453 3.46068 4.05213 0.72662  0.49319  0.97297  111 DT C "C3'" 
576 O "O3'" . DT C 12 ? 5.07923 3.65050 4.15323 0.69500  0.40959  1.04234  111 DT C "O3'" 
577 C "C2'" . DT C 12 ? 5.08262 3.34345 4.05397 0.69607  0.46577  0.90749  111 DT C "C2'" 
578 C "C1'" . DT C 12 ? 5.16501 3.29042 4.00763 0.75746  0.53491  0.84826  111 DT C "C1'" 
579 N N1    . DT C 12 ? 4.95168 2.92246 3.74555 0.76124  0.57529  0.77037  111 DT C N1    
580 C C2    . DT C 12 ? 5.09003 2.90929 3.76217 0.77278  0.56913  0.71834  111 DT C C2    
581 O O2    . DT C 12 ? 5.18736 2.98375 3.78272 0.77752  0.52921  0.73229  111 DT C O2    
582 N N3    . DT C 12 ? 5.11678 2.81936 3.75907 0.78065  0.61186  0.64935  111 DT C N3    
583 C C4    . DT C 12 ? 5.01897 2.74340 3.74315 0.77675  0.65471  0.62929  111 DT C C4    
584 O O4    . DT C 12 ? 5.05612 2.68442 3.75257 0.78784  0.69050  0.56773  111 DT C O4    
585 C C5    . DT C 12 ? 4.87679 2.75439 3.72095 0.76092  0.65456  0.68649  111 DT C C5    
586 C C7    . DT C 12 ? 4.76906 2.68441 3.70268 0.75387  0.69491  0.67182  111 DT C C7    
587 C C6    . DT C 12 ? 4.85146 2.84288 3.72279 0.75474  0.61739  0.75273  111 DT C C6    
588 P P     . DG C 13 ? 5.12052 3.60938 4.10490 0.66871  0.32561  1.03892  112 DG C P     
589 O OP1   . DG C 13 ? 5.18464 3.51683 4.03053 0.72882  0.38003  0.97807  112 DG C OP1   
590 O OP2   . DG C 13 ? 5.15235 3.82935 4.20313 0.64766  0.26162  1.12208  112 DG C OP2   
591 O "O5'" . DG C 13 ? 5.17525 3.55988 4.16786 0.58720  0.24754  1.01568  112 DG C "O5'" 
592 C "C5'" . DG C 13 ? 5.28953 3.70152 4.29212 0.51337  0.13224  1.05650  112 DG C "C5'" 
593 C "C4'" . DG C 13 ? 5.43924 3.67911 4.29992 0.51369  0.09055  1.00649  112 DG C "C4'" 
594 O "O4'" . DG C 13 ? 5.41820 3.52838 4.17740 0.59181  0.18569  0.93641  112 DG C "O4'" 
595 C "C3'" . DG C 13 ? 5.53929 3.62340 4.36106 0.44605  0.01139  0.97029  112 DG C "C3'" 
596 O "O3'" . DG C 13 ? 5.64721 3.79947 4.49705 0.36276  -0.10755 1.02930  112 DG C "O3'" 
597 C "C2'" . DG C 13 ? 5.64552 3.52690 4.30994 0.49354  0.04171  0.88583  112 DG C "C2'" 
598 C "C1'" . DG C 13 ? 5.53899 3.44570 4.19544 0.58038  0.16742  0.86318  112 DG C "C1'" 
599 N N9    . DG C 13 ? 5.30130 3.13842 3.98373 0.60261  0.24054  0.81181  112 DG C N9    
600 C C8    . DG C 13 ? 5.15954 3.10544 3.95176 0.61513  0.30015  0.83353  112 DG C C8    
601 N N7    . DG C 13 ? 5.13328 2.99052 3.92571 0.63257  0.35483  0.77723  112 DG C N7    
602 C C5    . DG C 13 ? 5.26525 2.94634 3.94255 0.63676  0.33455  0.71334  112 DG C C5    
603 C C6    . DG C 13 ? 5.30444 2.84438 3.93554 0.65917  0.37461  0.63673  112 DG C C6    
604 O O6    . DG C 13 ? 5.22372 2.77098 3.91333 0.67626  0.43380  0.61193  112 DG C O6    
605 N N1    . DG C 13 ? 5.46019 2.84575 3.96350 0.66226  0.33812  0.58661  112 DG C N1    
606 C C2    . DG C 13 ? 5.56721 2.93182 3.99238 0.64095  0.26733  0.60781  112 DG C C2    
607 N N2    . DG C 13 ? 5.72489 2.92509 4.01716 0.64827  0.24073  0.54808  112 DG C N2    
608 N N3    . DG C 13 ? 5.52791 3.03080 4.00128 0.61613  0.22514  0.68228  112 DG C N3    
609 C C4    . DG C 13 ? 5.37379 3.03307 3.97580 0.61807  0.26457  0.73181  112 DG C C4    
610 P P     . DC C 14 ? 5.88815 3.93007 4.60947 0.33314  -0.19615 1.01081  113 DC C P     
611 O OP1   . DC C 14 ? 5.90337 3.95361 4.53927 0.41040  -0.14287 0.99694  113 DC C OP1   
612 O OP2   . DC C 14 ? 5.95837 4.11539 4.75266 0.23407  -0.31243 1.08600  113 DC C OP2   
613 O "O5'" . DC C 14 ? 5.99840 3.78086 4.61229 0.32166  -0.21370 0.92211  113 DC C "O5'" 
614 C "C5'" . DC C 14 ? 6.17908 3.78819 4.63033 0.34139  -0.23466 0.85932  113 DC C "C5'" 
615 C "C4'" . DC C 14 ? 6.27134 3.65680 4.63990 0.35732  -0.21638 0.76985  113 DC C "C4'" 
616 O "O4'" . DC C 14 ? 6.13399 3.52128 4.53386 0.43229  -0.09350 0.73280  113 DC C "O4'" 
617 C "C3'" . DC C 14 ? 6.31399 3.63663 4.73662 0.28430  -0.29192 0.77680  113 DC C "C3'" 
618 O "O3'" . DC C 14 ? 6.51868 3.73216 4.85432 0.21335  -0.41260 0.77414  113 DC C "O3'" 
619 C "C2'" . DC C 14 ? 6.31069 3.47485 4.69193 0.34308  -0.21904 0.69205  113 DC C "C2'" 
620 C "C1'" . DC C 14 ? 6.18264 3.41781 4.56393 0.43295  -0.08913 0.67172  113 DC C "C1'" 
621 N N1    . DC C 14 ? 5.68521 3.00709 4.18660 0.46183  -0.00617 0.67926  113 DC C N1    
622 C C2    . DC C 14 ? 5.70281 2.90570 4.18200 0.50563  0.05349  0.60753  113 DC C C2    
623 O O2    . DC C 14 ? 5.87083 2.89918 4.23079 0.52455  0.04019  0.53814  113 DC C O2    
624 N N3    . DC C 14 ? 5.54228 2.83117 4.13052 0.52739  0.12337  0.61595  113 DC C N3    
625 C C4    . DC C 14 ? 5.37735 2.85145 4.08239 0.50917  0.13680  0.68867  113 DC C C4    
626 N N4    . DC C 14 ? 5.23354 2.78179 4.03342 0.52994  0.20380  0.69184  113 DC C N4    
627 C C5    . DC C 14 ? 5.36045 2.95939 4.08966 0.47059  0.08150  0.76112  113 DC C C5    
628 C C6    . DC C 14 ? 5.51346 3.03594 4.14358 0.44724  0.01044  0.75515  113 DC C C6    
629 P P     . DA D 1  ? 4.27527 2.63679 3.38551 0.96421  -0.86837 -1.11488 112 DA D P     
630 O OP1   . DA D 1  ? 4.10109 2.66596 3.37427 0.98715  -0.73909 -1.14036 112 DA D OP1   
631 O OP2   . DA D 1  ? 4.36889 2.73007 3.44613 0.99868  -1.01145 -1.15761 112 DA D OP2   
632 O "O5'" . DA D 1  ? 4.25267 2.62202 3.35179 0.93761  -0.84238 -1.05341 112 DA D "O5'" 
633 C "C5'" . DA D 1  ? 4.40838 2.60836 3.36037 0.91589  -0.96417 -1.03207 112 DA D "C5'" 
634 C "C4'" . DA D 1  ? 4.32123 2.64391 3.33082 0.87157  -0.90429 -0.94130 112 DA D "C4'" 
635 O "O4'" . DA D 1  ? 4.13989 2.72805 3.32783 0.91756  -0.82113 -0.97295 112 DA D "O4'" 
636 C "C3'" . DA D 1  ? 4.35428 2.68218 3.37890 0.77019  -0.77961 -0.79992 112 DA D "C3'" 
637 O "O3'" . DA D 1  ? 4.46503 2.80447 3.46560 0.72684  -0.79722 -0.72729 112 DA D "O3'" 
638 C "C2'" . DA D 1  ? 4.13363 2.69896 3.35162 0.78300  -0.62188 -0.78541 112 DA D "C2'" 
639 C "C1'" . DA D 1  ? 3.98569 2.71595 3.28987 0.85673  -0.65892 -0.86560 112 DA D "C1'" 
640 N N9    . DA D 1  ? 3.83472 2.76729 3.29153 0.89983  -0.56711 -0.91695 112 DA D N9    
641 C C8    . DA D 1  ? 3.83247 2.76195 3.30940 0.94365  -0.56607 -1.00035 112 DA D C8    
642 N N7    . DA D 1  ? 3.68759 2.82759 3.30841 0.96870  -0.47559 -1.03195 112 DA D N7    
643 C C5    . DA D 1  ? 3.59371 2.87760 3.28883 0.94066  -0.41718 -0.96539 112 DA D C5    
644 C C6    . DA D 1  ? 3.44373 2.95991 3.27975 0.93982  -0.31893 -0.95593 112 DA D C6    
645 N N6    . DA D 1  ? 3.35780 3.01201 3.28833 0.96634  -0.25711 -1.01729 112 DA D N6    
646 N N1    . DA D 1  ? 3.39501 2.99179 3.26399 0.90472  -0.28994 -0.87929 112 DA D N1    
647 C C2    . DA D 1  ? 3.48792 2.95055 3.26191 0.87360  -0.35259 -0.81799 112 DA D C2    
648 N N3    . DA D 1  ? 3.64933 2.89522 3.28578 0.86629  -0.44407 -0.81932 112 DA D N3    
649 C C4    . DA D 1  ? 3.67897 2.84073 3.27940 0.90127  -0.47324 -0.89520 112 DA D C4    
650 P P     . DC D 2  ? 4.31376 2.58424 3.26367 0.61414  -0.73264 -0.58960 113 DC D P     
651 O OP1   . DC D 2  ? 4.48971 2.53072 3.24006 0.57623  -0.87526 -0.58247 113 DC D OP1   
652 O OP2   . DC D 2  ? 4.29868 2.57875 3.29507 0.57752  -0.61267 -0.55153 113 DC D OP2   
653 O "O5'" . DC D 2  ? 4.26655 2.75450 3.36165 0.59781  -0.64419 -0.51680 113 DC D "O5'" 
654 C "C5'" . DC D 2  ? 4.09258 2.80767 3.36313 0.64975  -0.55440 -0.54382 113 DC D "C5'" 
655 C "C4'" . DC D 2  ? 4.11746 2.97688 3.52325 0.59552  -0.39597 -0.43789 113 DC D "C4'" 
656 O "O4'" . DC D 2  ? 3.88420 2.92880 3.44141 0.64245  -0.30467 -0.47276 113 DC D "O4'" 
657 C "C3'" . DC D 2  ? 4.23007 2.98499 3.59521 0.53083  -0.32983 -0.37647 113 DC D "C3'" 
658 O "O3'" . DC D 2  ? 4.35850 3.19410 3.79506 0.46344  -0.23753 -0.26355 113 DC D "O3'" 
659 C "C2'" . DC D 2  ? 4.02788 2.85697 3.48459 0.57139  -0.24630 -0.42279 113 DC D "C2'" 
660 C "C1'" . DC D 2  ? 3.85820 2.90887 3.46769 0.61533  -0.19506 -0.43508 113 DC D "C1'" 
661 N N1    . DC D 2  ? 3.60312 2.74206 3.28704 0.67546  -0.16146 -0.51878 113 DC D N1    
662 C C2    . DC D 2  ? 3.43489 2.78055 3.25653 0.70219  -0.09687 -0.52710 113 DC D C2    
663 O O2    . DC D 2  ? 3.51343 2.95718 3.39085 0.67868  -0.07248 -0.46391 113 DC D O2    
664 N N3    . DC D 2  ? 3.19327 2.62371 3.07740 0.74768  -0.06556 -0.60386 113 DC D N3    
665 C C4    . DC D 2  ? 3.12095 2.43899 2.94266 0.77191  -0.09804 -0.67039 113 DC D C4    
666 N N4    . DC D 2  ? 3.02208 2.43708 2.91258 0.81360  -0.06587 -0.74561 113 DC D N4    
667 C C5    . DC D 2  ? 3.30171 2.40028 2.98116 0.74834  -0.16749 -0.66186 113 DC D C5    
668 C C6    . DC D 2  ? 3.53801 2.55390 3.14964 0.69770  -0.19585 -0.58542 113 DC D C6    
669 P P     . DG D 3  ? 4.03332 2.80543 3.38639 0.40145  -0.30260 -0.19486 114 DG D P     
670 O OP1   . DG D 3  ? 4.16010 2.73269 3.32689 0.41329  -0.46039 -0.25909 114 DG D OP1   
671 O OP2   . DG D 3  ? 4.10550 2.88455 3.48612 0.31803  -0.20698 -0.09553 114 DG D OP2   
672 O "O5'" . DG D 3  ? 3.94014 2.90151 3.41693 0.43115  -0.28780 -0.17627 114 DG D "O5'" 
673 C "C5'" . DG D 3  ? 4.00047 3.07275 3.56851 0.37691  -0.21595 -0.07190 114 DG D "C5'" 
674 C "C4'" . DG D 3  ? 3.88246 3.13814 3.63463 0.39013  -0.07587 -0.03629 114 DG D "C4'" 
675 O "O4'" . DG D 3  ? 3.70678 2.96370 3.48103 0.44250  -0.04400 -0.11183 114 DG D "O4'" 
676 C "C3'" . DG D 3  ? 3.97834 3.26723 3.80116 0.32567  0.03147  0.05856  114 DG D "C3'" 
677 O "O3'" . DG D 3  ? 3.92450 3.39723 3.91413 0.33055  0.11728  0.11671  114 DG D "O3'" 
678 C "C2'" . DG D 3  ? 3.88526 3.11292 3.69811 0.33822  0.08820  0.01875  114 DG D "C2'" 
679 C "C1'" . DG D 3  ? 3.66681 2.96894 3.52969 0.41627  0.07839  -0.06147 114 DG D "C1'" 
680 N N9    . DG D 3  ? 3.58370 2.81369 3.41139 0.44772  0.09121  -0.13167 114 DG D N9    
681 C C8    . DG D 3  ? 3.67581 2.73002 3.37576 0.42418  0.05796  -0.15581 114 DG D C8    
682 N N7    . DG D 3  ? 3.57135 2.59869 3.27083 0.46250  0.07713  -0.22029 114 DG D N7    
683 C C5    . DG D 3  ? 3.39234 2.59368 3.22826 0.51164  0.12877  -0.24036 114 DG D C5    
684 C C6    . DG D 3  ? 3.21199 2.47539 3.10853 0.56070  0.16906  -0.30436 114 DG D C6    
685 O O6    . DG D 3  ? 3.17965 2.35475 3.02602 0.57651  0.16568  -0.35851 114 DG D O6    
686 N N1    . DG D 3  ? 3.07960 2.52621 3.10261 0.58695  0.21470  -0.30087 114 DG D N1    
687 C C2    . DG D 3  ? 3.12286 2.67321 3.20503 0.57082  0.21827  -0.24261 114 DG D C2    
688 N N2    . DG D 3  ? 2.99712 2.71147 3.18723 0.59274  0.26227  -0.24700 114 DG D N2    
689 N N3    . DG D 3  ? 3.28359 2.77843 3.31644 0.52995  0.17946  -0.18278 114 DG D N3    
690 C C4    . DG D 3  ? 3.40739 2.73014 3.31830 0.50138  0.13731  -0.18580 114 DG D C4    
691 P P     . DG D 4  ? 3.85216 3.40177 3.89950 0.27596  0.12768  0.21578  115 DG D P     
692 O OP1   . DG D 4  ? 3.95840 3.39484 3.86053 0.25057  0.00525  0.20675  115 DG D OP1   
693 O OP2   . DG D 4  ? 3.91577 3.50122 4.04518 0.22978  0.23184  0.28367  115 DG D OP2   
694 O "O5'" . DG D 4  ? 3.73804 3.46297 3.92161 0.31454  0.15839  0.23130  115 DG D "O5'" 
695 C "C5'" . DG D 4  ? 3.69405 3.55569 4.03751 0.30139  0.26030  0.30649  115 DG D "C5'" 
696 C "C4'" . DG D 4  ? 3.49345 3.41963 3.92358 0.34573  0.34049  0.27381  115 DG D "C4'" 
697 O "O4'" . DG D 4  ? 3.43292 3.24513 3.76506 0.37021  0.32039  0.19165  115 DG D "O4'" 
698 C "C3'" . DG D 4  ? 3.42606 3.41942 3.98659 0.32940  0.45435  0.33734  115 DG D "C3'" 
699 O "O3'" . DG D 4  ? 3.33526 3.47155 4.03169 0.33690  0.49467  0.39372  115 DG D "O3'" 
700 C "C2'" . DG D 4  ? 3.27378 3.21850 3.82310 0.35972  0.50624  0.27829  115 DG D "C2'" 
701 C "C1'" . DG D 4  ? 3.27750 3.12392 3.68822 0.38822  0.41531  0.18482  115 DG D "C1'" 
702 N N9    . DG D 4  ? 3.31119 3.01701 3.62236 0.38245  0.41079  0.13949  115 DG D N9    
703 C C8    . DG D 4  ? 3.48387 3.06383 3.68832 0.33572  0.37368  0.15345  115 DG D C8    
704 N N7    . DG D 4  ? 3.46481 2.92428 3.58343 0.33603  0.37440  0.10535  115 DG D N7    
705 C C5    . DG D 4  ? 3.30805 2.82168 3.48688 0.38985  0.41470  0.05495  115 DG D C5    
706 C C6    . DG D 4  ? 3.23947 2.67393 3.37225 0.41347  0.43101  -0.00875 115 DG D C6    
707 O O6    . DG D 4  ? 3.31906 2.60875 3.34120 0.39130  0.41058  -0.03308 115 DG D O6    
708 N N1    . DG D 4  ? 3.06464 2.60144 3.28668 0.46182  0.47339  -0.04390 115 DG D N1    
709 C C2    . DG D 4  ? 2.98436 2.67458 3.31660 0.48009  0.49649  -0.01962 115 DG D C2    
710 N N2    . DG D 4  ? 2.82516 2.59431 3.21994 0.51598  0.53673  -0.05950 115 DG D N2    
711 N N3    . DG D 4  ? 3.06022 2.81883 3.43224 0.45860  0.47936  0.04113  115 DG D N3    
712 C C4    . DG D 4  ? 3.21379 2.88015 3.50894 0.41621  0.43858  0.07497  115 DG D C4    
713 P P     . DA D 5  ? 3.51284 3.73688 4.25347 0.37920  0.50168  0.35871  116 DA D P     
714 O OP1   . DA D 5  ? 3.54525 3.74002 4.17849 0.40043  0.41099  0.28528  116 DA D OP1   
715 O OP2   . DA D 5  ? 3.46057 3.80197 4.32927 0.36652  0.54034  0.44045  116 DA D OP2   
716 O "O5'" . DA D 5  ? 3.31188 3.51726 4.07964 0.40659  0.57765  0.31701  116 DA D "O5'" 
717 C "C5'" . DA D 5  ? 3.15378 3.38614 3.90109 0.44218  0.57152  0.24562  116 DA D "C5'" 
718 C "C4'" . DA D 5  ? 2.96440 3.20014 3.76709 0.45801  0.65769  0.23335  116 DA D "C4'" 
719 O "O4'" . DA D 5  ? 2.95853 3.07585 3.68071 0.46549  0.65831  0.17958  116 DA D "O4'" 
720 C "C3'" . DA D 5  ? 2.92037 3.20270 3.84580 0.44288  0.74149  0.31754  116 DA D "C3'" 
721 O "O3'" . DA D 5  ? 2.73337 3.07382 3.72155 0.45931  0.79532  0.31310  116 DA D "O3'" 
722 C "C2'" . DA D 5  ? 2.93609 3.12033 3.83508 0.43284  0.77865  0.31466  116 DA D "C2'" 
723 C "C1'" . DA D 5  ? 2.89880 2.99392 3.68206 0.45398  0.74338  0.22073  116 DA D "C1'" 
724 N N9    . DA D 5  ? 3.02704 2.99643 3.71751 0.43573  0.72704  0.20075  116 DA D N9    
725 C C8    . DA D 5  ? 3.24854 3.17046 3.89145 0.39872  0.68843  0.23476  116 DA D C8    
726 N N7    . DA D 5  ? 3.34266 3.13944 3.88554 0.37893  0.67778  0.20644  116 DA D N7    
727 C C5    . DA D 5  ? 3.16324 2.92277 3.69192 0.40999  0.71090  0.14914  116 DA D C5    
728 C C6    . DA D 5  ? 3.15472 2.78680 3.58915 0.40697  0.71514  0.09872  116 DA D C6    
729 N N6    . DA D 5  ? 3.35586 2.86560 3.68099 0.36523  0.68448  0.09933  116 DA D N6    
730 N N1    . DA D 5  ? 2.93552 2.56638 3.38454 0.44216  0.74978  0.04901  116 DA D N1    
731 C C2    . DA D 5  ? 2.74606 2.49651 3.29282 0.47319  0.77931  0.05019  116 DA D C2    
732 N N3    . DA D 5  ? 2.74741 2.61853 3.38014 0.47498  0.77825  0.09586  116 DA D N3    
733 C C4    . DA D 5  ? 2.96063 2.82891 3.58131 0.44491  0.74223  0.14419  116 DA D C4    
734 P P     . DC D 6  ? 2.92681 3.31845 4.04666 0.45438  0.87382  0.39216  117 DC D P     
735 O OP1   . DC D 6  ? 2.83662 3.31680 3.99865 0.45281  0.87029  0.41132  117 DC D OP1   
736 O OP2   . DC D 6  ? 3.05507 3.44591 4.22814 0.43525  0.88057  0.45736  117 DC D OP2   
737 O "O5'" . DC D 6  ? 2.77740 3.10350 3.89483 0.47161  0.94251  0.35508  117 DC D "O5'" 
738 C "C5'" . DC D 6  ? 2.65713 2.96336 3.70974 0.48826  0.93854  0.27849  117 DC D "C5'" 
739 C "C4'" . DC D 6  ? 2.55064 2.77445 3.59078 0.49963  0.99812  0.24902  117 DC D "C4'" 
740 O "O4'" . DC D 6  ? 2.65999 2.78581 3.61552 0.49497  0.97219  0.21548  117 DC D "O4'" 
741 C "C3'" . DC D 6  ? 2.50197 2.72753 3.64442 0.49907  1.07753  0.31249  117 DC D "C3'" 
742 O "O3'" . DC D 6  ? 2.39812 2.58399 3.53711 0.51296  1.13121  0.27991  117 DC D "O3'" 
743 C "C2'" . DC D 6  ? 2.60068 2.76576 3.72847 0.48599  1.08528  0.32660  117 DC D "C2'" 
744 C "C1'" . DC D 6  ? 2.64360 2.72000 3.63754 0.48701  1.03921  0.24753  117 DC D "C1'" 
745 N N1    . DC D 6  ? 2.84407 2.84723 3.76900 0.46243  1.00919  0.24711  117 DC D N1    
746 C C2    . DC D 6  ? 2.86059 2.74504 3.68562 0.45718  1.01101  0.19431  117 DC D C2    
747 O O2    . DC D 6  ? 2.69136 2.54032 3.49625 0.47773  1.03808  0.14826  117 DC D O2    
748 N N3    . DC D 6  ? 3.07070 2.87804 3.81681 0.42418  0.98004  0.19662  117 DC D N3    
749 C C4    . DC D 6  ? 3.24608 3.09872 4.01615 0.39785  0.95068  0.24808  117 DC D C4    
750 N N4    . DC D 6  ? 3.46213 3.23267 4.14187 0.35620  0.91932  0.25003  117 DC D N4    
751 C C5    . DC D 6  ? 3.21351 3.19273 4.09385 0.40729  0.94883  0.30156  117 DC D C5    
752 C C6    . DC D 6  ? 3.01756 3.06433 3.96926 0.43937  0.97735  0.29943  117 DC D C6    
753 P P     . DA D 7  ? 2.68566 2.88339 3.92968 0.52093  1.20674  0.33377  118 DA D P     
754 O OP1   . DA D 7  ? 2.68932 2.96735 3.97741 0.51525  1.19149  0.36681  118 DA D OP1   
755 O OP2   . DA D 7  ? 2.73922 2.92437 4.04973 0.51999  1.24075  0.38057  118 DA D OP2   
756 O "O5'" . DA D 7  ? 2.59066 2.70753 3.78542 0.53255  1.25345  0.27735  118 DA D "O5'" 
757 C "C5'" . DA D 7  ? 2.57293 2.63357 3.65821 0.53389  1.22177  0.19890  118 DA D "C5'" 
758 C "C4'" . DA D 7  ? 2.53593 2.48745 3.58017 0.53706  1.26561  0.17159  118 DA D "C4'" 
759 O "O4'" . DA D 7  ? 2.62508 2.53106 3.62123 0.52281  1.23620  0.17060  118 DA D "O4'" 
760 C "C3'" . DA D 7  ? 2.51097 2.44251 3.63777 0.54373  1.34780  0.21548  118 DA D "C3'" 
761 O "O3'" . DA D 7  ? 2.55725 2.38900 3.61584 0.54187  1.37572  0.16916  118 DA D "O3'" 
762 C "C2'" . DA D 7  ? 2.55837 2.50118 3.72957 0.53276  1.35493  0.26019  118 DA D "C2'" 
763 C "C1'" . DA D 7  ? 2.63374 2.51604 3.68574 0.51502  1.29885  0.21246  118 DA D "C1'" 
764 N N9    . DA D 7  ? 2.82438 2.73326 3.88437 0.49290  1.26703  0.24807  118 DA D N9    
765 C C8    . DA D 7  ? 2.89566 2.90251 4.03839 0.48977  1.24482  0.30560  118 DA D C8    
766 N N7    . DA D 7  ? 3.08528 3.09419 4.21039 0.46326  1.21565  0.32660  118 DA D N7    
767 C C5    . DA D 7  ? 3.15849 3.05789 4.17492 0.44478  1.21791  0.28030  118 DA D C5    
768 C C6    . DA D 7  ? 3.37200 3.21010 4.30638 0.40476  1.19205  0.27650  118 DA D C6    
769 N N6    . DA D 7  ? 3.54318 3.43319 4.50165 0.37677  1.16051  0.32140  118 DA D N6    
770 N N1    . DA D 7  ? 3.41216 3.12774 4.23091 0.38866  1.19688  0.22643  118 DA D N1    
771 C C2    . DA D 7  ? 3.23194 2.89675 4.02788 0.41528  1.22659  0.18225  118 DA D C2    
772 N N3    . DA D 7  ? 3.01366 2.73300 3.88317 0.45330  1.25445  0.18000  118 DA D N3    
773 C C4    . DA D 7  ? 2.99622 2.83173 3.97232 0.46469  1.24820  0.23128  118 DA D C4    
774 P P     . DG D 8  ? 2.77997 2.57383 3.85142 0.53337  1.40200  0.18286  119 DG D P     
775 O OP1   . DG D 8  ? 2.77669 2.55949 3.78474 0.53056  1.38048  0.13384  119 DG D OP1   
776 O OP2   . DG D 8  ? 2.76256 2.61967 3.94498 0.53989  1.41838  0.25265  119 DG D OP2   
777 O "O5'" . DG D 8  ? 2.84468 2.53551 3.86989 0.52114  1.43616  0.16579  119 DG D "O5'" 
778 C "C5'" . DG D 8  ? 2.88086 2.48985 3.80021 0.51396  1.42699  0.10630  119 DG D "C5'" 
779 C "C4'" . DG D 8  ? 2.93154 2.48524 3.83698 0.50026  1.46603  0.11170  119 DG D "C4'" 
780 O "O4'" . DG D 8  ? 2.90363 2.51924 3.85412 0.50565  1.46422  0.13743  119 DG D "O4'" 
781 C "C3'" . DG D 8  ? 2.96179 2.51121 3.92992 0.49082  1.51291  0.14912  119 DG D "C3'" 
782 O "O3'" . DG D 8  ? 3.03051 2.47354 3.91989 0.47366  1.53881  0.11356  119 DG D "O3'" 
783 C "C2'" . DG D 8  ? 2.95973 2.56355 3.99421 0.48453  1.53946  0.18456  119 DG D "C2'" 
784 C "C1'" . DG D 8  ? 2.93813 2.55093 3.92676 0.48734  1.51327  0.16619  119 DG D "C1'" 
785 N N9    . DG D 8  ? 2.89792 2.61081 3.96476 0.48311  1.49309  0.21613  119 DG D N9    
786 C C8    . DG D 8  ? 2.83047 2.65133 4.00755 0.50457  1.47925  0.26391  119 DG D C8    
787 N N7    . DG D 8  ? 2.87924 2.76822 4.09575 0.48773  1.44749  0.30329  119 DG D N7    
788 C C5    . DG D 8  ? 2.99719 2.81961 4.12103 0.44978  1.44055  0.28049  119 DG D C5    
789 C C6    . DG D 8  ? 3.20127 3.04904 4.30931 0.41117  1.40842  0.30523  119 DG D C6    
790 O O6    . DG D 8  ? 3.27043 3.21215 4.45299 0.40696  1.37971  0.35289  119 DG D O6    
791 N N1    . DG D 8  ? 3.33844 3.08266 4.32197 0.36897  1.40822  0.27049  119 DG D N1    
792 C C2    . DG D 8  ? 3.28068 2.90967 4.16890 0.36730  1.43432  0.21821  119 DG D C2    
793 N N2    . DG D 8  ? 3.45227 2.98037 4.21318 0.31663  1.42413  0.19335  119 DG D N2    
794 N N3    . DG D 8  ? 3.07490 2.68347 3.98371 0.40699  1.46526  0.19378  119 DG D N3    
795 C C4    . DG D 8  ? 2.94415 2.65427 3.97190 0.44567  1.46716  0.22726  119 DG D C4    
796 P P     . DT D 9  ? 3.28447 2.64419 4.10258 0.44727  1.58014  0.08746  120 DT D P     
797 O OP1   . DT D 9  ? 3.28305 2.63070 4.04706 0.44707  1.56261  0.06642  120 DT D OP1   
798 O OP2   . DT D 9  ? 3.34702 2.60138 4.08045 0.43226  1.59313  0.05100  120 DT D OP2   
799 O "O5'" . DT D 9  ? 3.29728 2.71738 4.21777 0.44037  1.62865  0.13042  120 DT D "O5'" 
800 C "C5'" . DT D 9  ? 3.37576 2.74049 4.26100 0.41088  1.68366  0.11369  120 DT D "C5'" 
801 C "C4'" . DT D 9  ? 3.40865 2.74873 4.22913 0.38192  1.70430  0.09929  120 DT D "C4'" 
802 O "O4'" . DT D 9  ? 3.35497 2.79349 4.24260 0.39648  1.67620  0.13312  120 DT D "O4'" 
803 C "C3'" . DT D 9  ? 3.49119 2.83499 4.31781 0.34079  1.76965  0.10108  120 DT D "C3'" 
804 O "O3'" . DT D 9  ? 3.63848 2.88215 4.32501 0.29527  1.79139  0.06828  120 DT D "O3'" 
805 C "C2'" . DT D 9  ? 3.47440 2.96362 4.43455 0.34711  1.76583  0.15195  120 DT D "C2'" 
806 C "C1'" . DT D 9  ? 3.44496 2.94926 4.38559 0.36615  1.71697  0.16126  120 DT D "C1'" 
807 N N1    . DT D 9  ? 3.26850 2.91076 4.34224 0.38942  1.68626  0.21538  120 DT D N1    
808 C C2    . DT D 9  ? 3.27389 2.97479 4.35399 0.35099  1.65548  0.24517  120 DT D C2    
809 O O2    . DT D 9  ? 3.40512 3.04747 4.37928 0.29328  1.64704  0.23040  120 DT D O2    
810 N N3    . DT D 9  ? 3.21745 3.04144 4.42282 0.37621  1.62833  0.29514  120 DT D N3    
811 C C4    . DT D 9  ? 3.12238 3.00637 4.43342 0.43039  1.62343  0.31827  120 DT D C4    
812 O O4    . DT D 9  ? 3.11572 3.10156 4.52731 0.44562  1.59535  0.36509  120 DT D O4    
813 C C5    . DT D 9  ? 3.14293 2.94228 4.40177 0.45067  1.61761  0.28474  120 DT D C5    
814 C C7    . DT D 9  ? 3.09916 2.93167 4.42101 0.48612  1.58311  0.30777  120 DT D C7    
815 C C6    . DT D 9  ? 3.20959 2.89803 4.35813 0.43038  1.64640  0.23623  120 DT D C6    
816 P P     . DC D 10 ? 3.73949 2.91236 4.34837 0.23526  1.86610  0.04228  121 DC D P     
817 O OP1   . DC D 10 ? 3.88243 2.91422 4.28866 0.17273  1.79671  0.01553  121 DC D OP1   
818 O OP2   . DC D 10 ? 3.70576 2.84576 4.33583 0.25459  1.87646  0.02533  121 DC D OP2   
819 O "O5'" . DC D 10 ? 3.78159 3.09673 4.50800 0.20768  1.90099  0.08143  121 DC D "O5'" 
820 C "C5'" . DC D 10 ? 3.85698 3.21406 4.55694 0.16571  1.84595  0.11096  121 DC D "C5'" 
821 C "C4'" . DC D 10 ? 3.87234 3.37566 4.70152 0.13967  1.90796  0.14119  121 DC D "C4'" 
822 O "O4'" . DC D 10 ? 3.75082 3.39842 4.74978 0.19396  1.88356  0.18834  121 DC D "O4'" 
823 C "C3'" . DC D 10 ? 3.86844 3.40331 4.76059 0.14352  1.96662  0.11625  121 DC D "C3'" 
824 O "O3'" . DC D 10 ? 3.97530 3.58224 4.87652 0.07557  2.01044  0.11716  121 DC D "O3'" 
825 C "C2'" . DC D 10 ? 3.71990 3.36534 4.78501 0.22200  1.93122  0.14395  121 DC D "C2'" 
826 C "C1'" . DC D 10 ? 3.69502 3.44160 4.82886 0.22172  1.89714  0.19269  121 DC D "C1'" 
827 N N1    . DC D 10 ? 3.39808 3.22352 4.66059 0.29165  1.84528  0.22878  121 DC D N1    
828 C C2    . DC D 10 ? 3.33327 3.28309 4.70050 0.29579  1.81892  0.27715  121 DC D C2    
829 O O2    . DC D 10 ? 3.40506 3.40114 4.75883 0.23972  1.83785  0.29056  121 DC D O2    
830 N N3    . DC D 10 ? 3.25575 3.26666 4.72780 0.35303  1.77245  0.31103  121 DC D N3    
831 C C4    . DC D 10 ? 3.24641 3.19838 4.71534 0.39824  1.75422  0.29927  121 DC D C4    
832 N N4    . DC D 10 ? 3.18425 3.19113 4.74429 0.44285  1.71167  0.33630  121 DC D N4    
833 C C5    . DC D 10 ? 3.30824 3.13916 4.67465 0.39257  1.77934  0.25203  121 DC D C5    
834 C C6    . DC D 10 ? 3.38032 3.15223 4.64964 0.34221  1.82351  0.21764  121 DC D C6    
835 P P     . DA D 11 ? 3.94441 3.44472 4.68307 -0.01307 2.06768  0.07279  122 DA D P     
836 O OP1   . DA D 11 ? 4.02583 3.35319 4.56135 -0.05862 2.03380  0.06521  122 DA D OP1   
837 O OP2   . DA D 11 ? 3.93936 3.42828 4.71520 0.02004  2.09835  0.03376  122 DA D OP2   
838 O "O5'" . DA D 11 ? 4.03811 3.66625 4.81566 -0.08979 2.09601  0.08949  122 DA D "O5'" 
839 C "C5'" . DA D 11 ? 4.03804 3.74609 4.85727 -0.11145 2.06348  0.14035  122 DA D "C5'" 
840 C "C4'" . DA D 11 ? 3.96790 3.88519 4.99882 -0.07471 2.06278  0.16377  122 DA D "C4'" 
841 O "O4'" . DA D 11 ? 3.81317 3.77587 4.98253 0.03385  2.02159  0.18209  122 DA D "O4'" 
842 C "C3'" . DA D 11 ? 4.01920 4.02774 5.11532 -0.09011 2.11880  0.12404  122 DA D "C3'" 
843 O "O3'" . DA D 11 ? 4.06369 4.22591 5.22985 -0.14846 2.13354  0.14222  122 DA D "O3'" 
844 C "C2'" . DA D 11 ? 3.88471 3.95246 5.14138 0.02114  2.10569  0.11849  122 DA D "C2'" 
845 C "C1'" . DA D 11 ? 3.76604 3.85699 5.09245 0.07675  2.04039  0.17173  122 DA D "C1'" 
846 N N9    . DA D 11 ? 3.63528 3.69907 5.03489 0.17099  2.00720  0.17466  122 DA D N9    
847 C C8    . DA D 11 ? 3.65358 3.59985 4.99110 0.20172  2.01543  0.14044  122 DA D C8    
848 N N7    . DA D 11 ? 3.59002 3.53474 5.00482 0.27571  1.97667  0.15721  122 DA D N7    
849 C C5    . DA D 11 ? 3.51233 3.57840 5.04771 0.29812  1.94122  0.20424  122 DA D C5    
850 C C6    . DA D 11 ? 3.43455 3.55097 5.08183 0.36266  1.89234  0.24280  122 DA D C6    
851 N N6    . DA D 11 ? 3.42458 3.47304 5.07574 0.41368  1.87164  0.24028  122 DA D N6    
852 N N1    . DA D 11 ? 3.37607 3.61205 5.12467 0.36549  1.86553  0.28679  122 DA D N1    
853 C C2    . DA D 11 ? 3.39167 3.69659 5.13169 0.30557  1.88570  0.29273  122 DA D C2    
854 N N3    . DA D 11 ? 3.48047 3.74799 5.11439 0.23538  1.93205  0.26059  122 DA D N3    
855 C C4    . DA D 11 ? 3.52634 3.67027 5.05949 0.23685  1.95869  0.21578  122 DA D C4    
# 
